data_1H1L
#
_entry.id   1H1L
#
_cell.length_a   204.060
_cell.length_b   75.060
_cell.length_c   164.260
_cell.angle_alpha   90.00
_cell.angle_beta   123.95
_cell.angle_gamma   90.00
#
_symmetry.space_group_name_H-M   'C 1 2 1'
#
loop_
_entity.id
_entity.type
_entity.pdbx_description
1 polymer 'NITROGENASE MOLYBDENUM IRON PROTEIN ALPHA CHAIN'
2 polymer 'NITROGENASE MOLYBDENUM IRON PROTEIN BETA CHAIN'
3 non-polymer 'CITRIC ACID'
4 non-polymer 'FE-MO-S CLUSTER'
5 non-polymer 'MAGNESIUM ION'
6 non-polymer 'FE(8)-S(7) CLUSTER'
7 non-polymer 'CHLORIDE ION'
8 water water
#
loop_
_entity_poly.entity_id
_entity_poly.type
_entity_poly.pdbx_seq_one_letter_code
_entity_poly.pdbx_strand_id
1 'polypeptide(L)'
;TNATGERNLALIQEVLEVFPETARKERRKHMMVSDPKMKSVGKCIISNRKSQPGVMTVRGCAYAGSKGVVFGPIKDMAHI
SHGPVGCGQYSRAGRRNYYTGVSGVDSFGTLNFTSDFQERDIVFGGDKKLSKLIEEMELLFPLTKGITIQSECPVGLIGD
DISAVANASSKALDKPVIPVRCEGFRGVSQSLGHHIANDVVRDWILNNREGQPFETTPYDVAIIGDYNIGGDAWASRILL
EEMGLRVVAQWSGDGTLVEMENTPFVKLNLVHCYRSMNYIARHMEEKHQIPWMEYNFFGPTKIAESLRKIADQFDDTIRA
NAEAVIARYEGQMAAIIAKYRPRLEGRKVLLYMGGLRPRHVIGAYEDLGMEIIAAGYEFAHNDDYDRTLPDLKEGTLLFD
DASSYELEAFVKALKPDLIGSGIKEKYIFQKMGVPFRQMHSWDYSGPYHGYDGFAIFARDMDMTLNNPAWNELTAPWLKS
A
;
A,C
2 'polypeptide(L)'
;SQTIDKINSCYPLFEQDEYQELFRNKRQLEEAHDAQRVQEVFAWTTTAEYEALNFRREALTVDPAKACQPLGAVLCSLGF
ANTLPYVHGSQGCVAYFRTYFNRHFKEPIACVSDSMTEDAAVFGGNNNMNLGLQNASALYKPEIIAVSTTCMAEVIGDDL
QAFIANAKKDGFVDSSIAVPHAHTPSFIGSHVTGWDNMFEGFAKTFTADYQGQPGKLPKLNLVTGFETYLGNFRVLKRMM
EQMAVPCSLLSDPSEVLDTPADGHYRMYSGGTTQQEMKEAPDAIDTLLLQPWQLLKSKKVVQEMWNQPATEVAIPLGLAA
TDELLMTVSQLSGKPIADALTLERGRLVDMMLDSHTWLHGKKFGLYGDPDFVMGLTRFLLELGCEPTVILSHNANKRWQK
AMNKMLDASPYGRDSEVFINCDLWHFRSLMFTRQPDFMIGNSYGKFIQRDTLAKGKAFEVPLIRLGFPLFDRHHLHRQTT
WGYEGAMNIVTTLVNAVLEKLDSDTSQLGKTDYSFDLVR
;
B,D
#
loop_
_chem_comp.id
_chem_comp.type
_chem_comp.name
_chem_comp.formula
CFM non-polymer 'FE-MO-S CLUSTER' 'Fe7 Mo S9'
CIT non-polymer 'CITRIC ACID' 'C6 H8 O7'
CL non-polymer 'CHLORIDE ION' 'Cl -1'
CLF non-polymer 'FE(8)-S(7) CLUSTER' 'Fe8 S7'
MG non-polymer 'MAGNESIUM ION' 'Mg 2'
#
# COMPACT_ATOMS: atom_id res chain seq x y z
N THR A 1 24.26 -51.60 -13.50
CA THR A 1 23.73 -50.24 -13.89
C THR A 1 24.92 -49.49 -14.46
N ASN A 2 24.81 -48.21 -14.68
CA ASN A 2 25.84 -47.37 -15.25
C ASN A 2 26.53 -46.58 -14.15
N ALA A 3 27.42 -45.64 -14.42
CA ALA A 3 28.05 -44.95 -13.28
C ALA A 3 27.07 -44.05 -12.48
N THR A 4 25.98 -43.57 -13.02
CA THR A 4 24.98 -42.81 -12.27
C THR A 4 24.19 -43.71 -11.32
N GLY A 5 23.81 -44.86 -11.82
CA GLY A 5 23.04 -45.85 -11.06
C GLY A 5 23.85 -46.30 -9.84
N GLU A 6 25.14 -46.54 -10.06
CA GLU A 6 26.00 -46.93 -8.92
C GLU A 6 26.13 -45.81 -7.91
N ARG A 7 26.41 -44.59 -8.38
CA ARG A 7 26.46 -43.44 -7.48
C ARG A 7 25.14 -43.33 -6.71
N ASN A 8 23.99 -43.45 -7.37
CA ASN A 8 22.69 -43.42 -6.74
C ASN A 8 22.46 -44.57 -5.78
N LEU A 9 22.98 -45.78 -6.04
CA LEU A 9 22.77 -46.86 -5.08
C LEU A 9 23.66 -46.57 -3.88
N ALA A 10 24.83 -45.95 -4.02
CA ALA A 10 25.59 -45.69 -2.77
C ALA A 10 24.99 -44.50 -2.02
N LEU A 11 24.35 -43.59 -2.77
CA LEU A 11 23.69 -42.47 -2.12
C LEU A 11 22.55 -42.98 -1.27
N ILE A 12 21.74 -43.92 -1.74
CA ILE A 12 20.64 -44.51 -1.02
C ILE A 12 21.11 -45.08 0.31
N GLN A 13 22.22 -45.82 0.19
CA GLN A 13 22.75 -46.49 1.40
C GLN A 13 23.16 -45.40 2.38
N GLU A 14 23.87 -44.37 1.88
CA GLU A 14 24.32 -43.28 2.73
C GLU A 14 23.18 -42.51 3.35
N VAL A 15 22.06 -42.23 2.69
CA VAL A 15 20.93 -41.56 3.29
C VAL A 15 20.15 -42.42 4.28
N LEU A 16 19.95 -43.71 4.04
CA LEU A 16 19.23 -44.54 5.00
C LEU A 16 19.94 -44.92 6.28
N GLU A 17 21.21 -44.69 6.47
CA GLU A 17 21.99 -45.01 7.66
C GLU A 17 21.49 -44.30 8.92
N VAL A 18 20.86 -43.15 8.76
CA VAL A 18 20.31 -42.38 9.86
C VAL A 18 19.09 -43.03 10.43
N PHE A 19 18.33 -43.87 9.70
CA PHE A 19 17.10 -44.41 10.24
C PHE A 19 17.38 -45.52 11.27
N PRO A 20 16.52 -45.60 12.27
CA PRO A 20 16.57 -46.74 13.18
C PRO A 20 16.44 -47.99 12.32
N GLU A 21 16.97 -49.10 12.78
CA GLU A 21 16.85 -50.38 12.10
C GLU A 21 15.52 -50.81 11.55
N THR A 22 14.43 -50.82 12.30
CA THR A 22 13.15 -51.22 11.68
C THR A 22 12.98 -50.42 10.39
N ALA A 23 12.91 -49.10 10.57
CA ALA A 23 12.53 -48.14 9.55
C ALA A 23 13.42 -48.19 8.33
N ARG A 24 14.72 -48.30 8.56
CA ARG A 24 15.76 -48.30 7.59
C ARG A 24 15.66 -49.40 6.54
N LYS A 25 15.31 -50.58 7.03
CA LYS A 25 15.17 -51.75 6.17
C LYS A 25 13.87 -51.63 5.38
N GLU A 26 12.84 -51.04 5.96
CA GLU A 26 11.58 -50.78 5.29
C GLU A 26 11.78 -49.68 4.25
N ARG A 27 12.52 -48.63 4.58
CA ARG A 27 12.65 -47.52 3.63
C ARG A 27 13.54 -47.88 2.45
N ARG A 28 14.42 -48.89 2.59
CA ARG A 28 15.23 -49.31 1.45
C ARG A 28 14.37 -49.88 0.32
N LYS A 29 13.21 -50.46 0.56
CA LYS A 29 12.40 -51.00 -0.53
C LYS A 29 11.58 -49.93 -1.27
N HIS A 30 11.76 -48.66 -0.93
CA HIS A 30 10.96 -47.56 -1.45
C HIS A 30 11.83 -46.66 -2.32
N MET A 31 12.96 -47.19 -2.76
CA MET A 31 13.83 -46.50 -3.68
C MET A 31 14.46 -47.52 -4.65
N MET A 32 14.91 -47.10 -5.80
CA MET A 32 15.54 -47.98 -6.78
C MET A 32 16.23 -47.10 -7.83
N VAL A 33 17.14 -47.67 -8.62
CA VAL A 33 17.71 -46.92 -9.75
C VAL A 33 17.12 -47.48 -11.04
N SER A 34 16.77 -46.72 -12.07
CA SER A 34 15.98 -47.25 -13.19
C SER A 34 16.90 -47.98 -14.18
N ASP A 35 16.34 -48.93 -14.90
CA ASP A 35 17.03 -49.77 -15.89
C ASP A 35 16.11 -49.78 -17.10
N PRO A 36 16.58 -49.27 -18.22
CA PRO A 36 15.73 -49.12 -19.39
C PRO A 36 15.21 -50.40 -19.96
N LYS A 37 15.85 -51.52 -19.66
CA LYS A 37 15.43 -52.86 -20.04
C LYS A 37 14.29 -53.43 -19.23
N MET A 38 13.91 -52.80 -18.12
CA MET A 38 12.81 -53.39 -17.35
C MET A 38 11.49 -52.78 -17.71
N LYS A 39 10.44 -53.60 -17.86
CA LYS A 39 9.15 -52.98 -18.22
C LYS A 39 8.20 -52.87 -17.05
N SER A 40 8.44 -53.58 -15.97
CA SER A 40 7.57 -53.42 -14.78
C SER A 40 8.51 -53.36 -13.58
N VAL A 41 8.09 -52.82 -12.44
CA VAL A 41 9.10 -52.67 -11.38
C VAL A 41 9.36 -54.00 -10.69
N GLY A 42 8.39 -54.87 -10.67
CA GLY A 42 8.52 -56.17 -10.04
C GLY A 42 8.75 -56.03 -8.54
N LYS A 43 9.93 -56.46 -8.10
CA LYS A 43 10.24 -56.47 -6.67
C LYS A 43 11.15 -55.33 -6.25
N CYS A 44 11.50 -54.47 -7.20
CA CYS A 44 12.45 -53.40 -6.96
C CYS A 44 11.92 -52.22 -6.14
N ILE A 45 10.62 -52.01 -6.06
CA ILE A 45 10.15 -50.83 -5.28
C ILE A 45 8.82 -51.20 -4.68
N ILE A 46 8.48 -50.84 -3.45
CA ILE A 46 7.11 -51.10 -2.95
C ILE A 46 6.52 -49.69 -2.77
N SER A 47 5.21 -49.56 -2.68
CA SER A 47 4.60 -48.20 -2.57
C SER A 47 3.19 -48.35 -2.04
N ASN A 48 2.47 -47.25 -1.78
CA ASN A 48 1.15 -47.37 -1.17
C ASN A 48 1.20 -48.20 0.11
N ARG A 49 2.19 -47.93 0.96
CA ARG A 49 2.30 -48.45 2.30
C ARG A 49 2.07 -47.30 3.30
N LYS A 50 1.82 -47.69 4.53
CA LYS A 50 1.66 -46.76 5.63
C LYS A 50 2.98 -45.99 5.77
N SER A 51 2.85 -44.71 6.07
CA SER A 51 3.97 -43.82 6.32
C SER A 51 4.75 -44.16 7.58
N GLN A 52 6.07 -44.11 7.60
CA GLN A 52 6.78 -44.19 8.87
C GLN A 52 6.35 -43.04 9.79
N PRO A 53 6.03 -43.31 11.04
CA PRO A 53 5.70 -42.32 12.03
C PRO A 53 6.81 -41.33 12.31
N GLY A 54 6.45 -40.04 12.44
CA GLY A 54 7.44 -39.03 12.79
C GLY A 54 8.56 -38.70 11.84
N VAL A 55 8.48 -39.04 10.54
CA VAL A 55 9.58 -38.70 9.66
C VAL A 55 9.36 -37.39 8.90
N MET A 56 8.19 -36.78 9.03
CA MET A 56 7.88 -35.58 8.27
C MET A 56 7.63 -35.93 6.79
N THR A 57 6.62 -36.76 6.60
CA THR A 57 6.11 -37.14 5.27
C THR A 57 5.41 -35.92 4.66
N VAL A 58 5.23 -35.91 3.35
CA VAL A 58 4.58 -34.82 2.64
C VAL A 58 3.11 -35.11 2.48
N ARG A 59 2.80 -36.42 2.66
CA ARG A 59 1.46 -36.91 2.44
C ARG A 59 0.40 -36.17 3.25
N GLY A 60 -0.77 -36.12 2.62
CA GLY A 60 -1.99 -35.77 3.28
C GLY A 60 -2.92 -36.95 3.62
N CYS A 61 -4.22 -36.68 3.67
CA CYS A 61 -5.20 -37.67 4.16
C CYS A 61 -6.33 -37.95 3.19
N ALA A 62 -7.22 -38.89 3.55
CA ALA A 62 -8.34 -39.24 2.66
C ALA A 62 -9.26 -38.07 2.39
N TYR A 63 -9.46 -37.22 3.41
CA TYR A 63 -10.36 -36.09 3.18
C TYR A 63 -9.77 -35.20 2.11
N ALA A 64 -8.44 -35.01 2.13
CA ALA A 64 -7.75 -34.26 1.11
C ALA A 64 -7.96 -34.87 -0.25
N GLY A 65 -7.88 -36.21 -0.35
CA GLY A 65 -8.13 -36.81 -1.66
C GLY A 65 -9.56 -36.68 -2.16
N SER A 66 -10.55 -36.76 -1.31
CA SER A 66 -11.96 -36.72 -1.62
C SER A 66 -12.58 -35.32 -1.67
N LYS A 67 -12.53 -34.59 -0.56
CA LYS A 67 -13.06 -33.21 -0.59
C LYS A 67 -12.11 -32.36 -1.43
N GLY A 68 -10.82 -32.38 -1.05
CA GLY A 68 -9.85 -31.50 -1.69
C GLY A 68 -9.64 -31.69 -3.19
N VAL A 69 -9.56 -32.95 -3.60
CA VAL A 69 -9.19 -33.31 -4.97
C VAL A 69 -10.40 -33.56 -5.87
N VAL A 70 -11.22 -34.57 -5.53
CA VAL A 70 -12.26 -35.02 -6.44
C VAL A 70 -13.55 -34.23 -6.40
N PHE A 71 -14.11 -33.99 -5.23
CA PHE A 71 -15.41 -33.32 -5.15
C PHE A 71 -15.42 -31.81 -5.09
N GLY A 72 -14.38 -31.30 -4.43
CA GLY A 72 -14.17 -29.87 -4.25
C GLY A 72 -14.34 -29.01 -5.48
N PRO A 73 -13.75 -29.43 -6.61
CA PRO A 73 -13.88 -28.70 -7.83
C PRO A 73 -15.26 -28.59 -8.46
N ILE A 74 -16.17 -29.51 -8.18
CA ILE A 74 -17.51 -29.47 -8.87
C ILE A 74 -18.19 -28.18 -8.43
N LYS A 75 -18.37 -27.25 -9.36
CA LYS A 75 -18.73 -25.90 -8.92
C LYS A 75 -20.22 -25.81 -8.62
N ASP A 76 -21.08 -26.67 -9.17
CA ASP A 76 -22.51 -26.43 -8.96
C ASP A 76 -23.11 -27.11 -7.75
N MET A 77 -22.29 -27.64 -6.86
CA MET A 77 -22.74 -28.40 -5.71
C MET A 77 -22.02 -27.69 -4.52
N ALA A 78 -22.74 -27.62 -3.44
CA ALA A 78 -22.12 -27.10 -2.19
C ALA A 78 -21.55 -28.33 -1.47
N HIS A 79 -20.31 -28.28 -1.01
CA HIS A 79 -19.66 -29.42 -0.38
C HIS A 79 -19.47 -29.10 1.10
N ILE A 80 -20.02 -29.89 2.00
CA ILE A 80 -20.00 -29.65 3.43
C ILE A 80 -18.86 -30.42 4.10
N SER A 81 -18.00 -29.65 4.77
CA SER A 81 -16.93 -30.30 5.53
C SER A 81 -17.55 -30.57 6.90
N HIS A 82 -17.85 -31.83 7.15
CA HIS A 82 -18.64 -32.30 8.30
C HIS A 82 -17.75 -32.82 9.41
N GLY A 83 -17.63 -32.00 10.47
CA GLY A 83 -16.65 -32.28 11.53
C GLY A 83 -16.28 -30.96 12.22
N PRO A 84 -15.19 -30.96 12.94
CA PRO A 84 -14.64 -29.72 13.51
C PRO A 84 -14.14 -28.76 12.44
N VAL A 85 -13.94 -27.50 12.84
CA VAL A 85 -13.60 -26.43 11.90
C VAL A 85 -12.32 -26.58 11.09
N GLY A 86 -11.26 -27.21 11.58
CA GLY A 86 -9.94 -27.09 11.00
C GLY A 86 -9.84 -27.51 9.53
N CYS A 87 -10.29 -28.74 9.22
CA CYS A 87 -10.10 -29.24 7.85
C CYS A 87 -10.58 -28.35 6.73
N GLY A 88 -11.82 -27.91 6.71
CA GLY A 88 -12.35 -27.13 5.58
C GLY A 88 -11.64 -25.77 5.56
N GLN A 89 -11.23 -25.24 6.72
CA GLN A 89 -10.49 -23.97 6.74
C GLN A 89 -9.12 -24.11 6.07
N TYR A 90 -8.35 -25.18 6.35
CA TYR A 90 -7.03 -25.19 5.76
C TYR A 90 -7.17 -25.43 4.25
N SER A 91 -8.20 -26.15 3.85
CA SER A 91 -8.32 -26.49 2.43
C SER A 91 -9.24 -25.55 1.65
N ARG A 92 -9.57 -24.40 2.21
CA ARG A 92 -10.48 -23.45 1.53
C ARG A 92 -9.72 -22.67 0.47
N ALA A 93 -10.04 -22.81 -0.79
CA ALA A 93 -9.36 -22.10 -1.88
C ALA A 93 -7.85 -22.26 -1.86
N GLY A 94 -7.23 -23.34 -1.41
CA GLY A 94 -5.78 -23.52 -1.52
C GLY A 94 -5.41 -24.17 -2.86
N ARG A 95 -6.27 -24.98 -3.47
CA ARG A 95 -5.98 -25.63 -4.75
C ARG A 95 -6.61 -24.84 -5.89
N ARG A 96 -5.84 -24.55 -6.93
CA ARG A 96 -6.26 -23.64 -7.99
C ARG A 96 -7.09 -24.39 -9.06
N ASN A 97 -8.11 -25.13 -8.59
CA ASN A 97 -8.97 -25.88 -9.52
C ASN A 97 -9.95 -24.90 -10.11
N TYR A 98 -9.54 -24.24 -11.21
CA TYR A 98 -10.29 -23.09 -11.69
C TYR A 98 -11.72 -23.39 -12.17
N TYR A 99 -12.59 -22.38 -11.99
CA TYR A 99 -13.97 -22.51 -12.51
C TYR A 99 -14.48 -21.14 -12.87
N THR A 100 -15.63 -21.14 -13.58
CA THR A 100 -16.24 -19.84 -13.87
C THR A 100 -17.66 -19.92 -13.27
N GLY A 101 -18.16 -18.81 -12.78
CA GLY A 101 -19.51 -18.81 -12.20
C GLY A 101 -19.59 -17.68 -11.17
N VAL A 102 -20.71 -17.51 -10.53
CA VAL A 102 -20.98 -16.46 -9.59
C VAL A 102 -20.93 -17.03 -8.17
N SER A 103 -19.76 -16.74 -7.52
CA SER A 103 -19.47 -17.39 -6.25
C SER A 103 -20.52 -17.15 -5.19
N GLY A 104 -20.96 -18.19 -4.48
CA GLY A 104 -22.00 -18.18 -3.49
C GLY A 104 -23.43 -18.12 -4.05
N VAL A 105 -23.64 -18.01 -5.34
CA VAL A 105 -24.95 -17.84 -6.00
C VAL A 105 -25.16 -19.10 -6.88
N ASP A 106 -24.40 -19.29 -7.93
CA ASP A 106 -24.56 -20.54 -8.74
C ASP A 106 -23.37 -21.47 -8.70
N SER A 107 -22.30 -21.01 -7.99
CA SER A 107 -21.02 -21.69 -7.90
C SER A 107 -20.43 -21.52 -6.50
N PHE A 108 -19.92 -22.57 -5.86
CA PHE A 108 -19.75 -22.62 -4.41
C PHE A 108 -18.36 -23.09 -3.97
N GLY A 109 -17.44 -23.23 -4.91
CA GLY A 109 -16.13 -23.88 -4.70
C GLY A 109 -15.20 -23.10 -3.75
N THR A 110 -15.35 -21.79 -3.67
CA THR A 110 -14.43 -21.05 -2.77
C THR A 110 -15.08 -20.78 -1.44
N LEU A 111 -16.34 -21.21 -1.18
CA LEU A 111 -16.95 -21.09 0.10
C LEU A 111 -16.57 -22.35 0.90
N ASN A 112 -16.47 -22.16 2.20
CA ASN A 112 -16.19 -23.25 3.13
C ASN A 112 -17.45 -23.57 3.94
N PHE A 113 -18.28 -24.51 3.52
CA PHE A 113 -19.43 -24.89 4.36
C PHE A 113 -18.98 -25.94 5.39
N THR A 114 -19.39 -25.77 6.65
CA THR A 114 -18.95 -26.73 7.66
C THR A 114 -19.94 -26.80 8.83
N SER A 115 -20.00 -28.01 9.40
CA SER A 115 -20.87 -28.21 10.59
C SER A 115 -20.13 -27.85 11.86
N ASP A 116 -18.88 -27.43 11.82
CA ASP A 116 -18.21 -26.85 13.01
C ASP A 116 -18.50 -27.59 14.32
N PHE A 117 -18.08 -28.86 14.41
CA PHE A 117 -18.38 -29.65 15.59
C PHE A 117 -17.84 -28.94 16.83
N GLN A 118 -18.72 -28.95 17.80
CA GLN A 118 -18.36 -28.50 19.16
C GLN A 118 -18.36 -29.75 20.03
N GLU A 119 -17.99 -29.64 21.30
CA GLU A 119 -17.90 -30.82 22.13
C GLU A 119 -19.22 -31.58 22.21
N ARG A 120 -20.34 -30.87 22.27
CA ARG A 120 -21.68 -31.42 22.32
C ARG A 120 -21.95 -32.33 21.11
N ASP A 121 -21.46 -31.96 19.92
CA ASP A 121 -21.64 -32.80 18.76
C ASP A 121 -20.86 -34.11 18.89
N ILE A 122 -19.71 -34.11 19.52
CA ILE A 122 -18.89 -35.27 19.74
C ILE A 122 -19.57 -36.27 20.69
N VAL A 123 -20.13 -35.72 21.75
CA VAL A 123 -20.80 -36.47 22.80
C VAL A 123 -22.16 -36.97 22.35
N PHE A 124 -22.94 -36.12 21.71
CA PHE A 124 -24.29 -36.53 21.31
C PHE A 124 -24.43 -36.85 19.84
N GLY A 125 -23.38 -36.82 19.01
CA GLY A 125 -23.51 -37.15 17.59
C GLY A 125 -23.85 -35.91 16.77
N GLY A 126 -23.58 -35.91 15.45
CA GLY A 126 -23.82 -34.69 14.68
C GLY A 126 -24.89 -34.87 13.60
N ASP A 127 -25.68 -35.94 13.67
CA ASP A 127 -26.67 -36.20 12.64
C ASP A 127 -27.83 -35.25 12.67
N LYS A 128 -28.27 -34.77 13.86
CA LYS A 128 -29.42 -33.86 13.81
C LYS A 128 -28.91 -32.51 13.34
N LYS A 129 -27.66 -32.21 13.70
CA LYS A 129 -26.99 -30.98 13.30
C LYS A 129 -26.81 -30.90 11.79
N LEU A 130 -26.47 -32.03 11.20
CA LEU A 130 -26.26 -32.13 9.75
C LEU A 130 -27.58 -31.96 8.97
N SER A 131 -28.64 -32.58 9.46
CA SER A 131 -29.95 -32.43 8.85
C SER A 131 -30.44 -31.01 8.90
N LYS A 132 -30.35 -30.30 10.03
CA LYS A 132 -30.64 -28.88 10.11
C LYS A 132 -29.74 -27.98 9.26
N LEU A 133 -28.47 -28.37 9.26
CA LEU A 133 -27.50 -27.71 8.39
C LEU A 133 -27.96 -27.70 6.93
N ILE A 134 -28.44 -28.85 6.45
CA ILE A 134 -28.81 -28.90 5.02
C ILE A 134 -30.02 -28.08 4.68
N GLU A 135 -31.01 -28.06 5.58
CA GLU A 135 -32.16 -27.15 5.51
C GLU A 135 -31.73 -25.69 5.45
N GLU A 136 -30.74 -25.27 6.26
CA GLU A 136 -30.31 -23.88 6.21
C GLU A 136 -29.56 -23.56 4.91
N MET A 137 -28.77 -24.48 4.38
CA MET A 137 -28.17 -24.35 3.07
C MET A 137 -29.18 -24.17 1.95
N GLU A 138 -30.24 -24.99 1.95
CA GLU A 138 -31.24 -24.85 0.87
C GLU A 138 -31.91 -23.50 0.89
N LEU A 139 -32.19 -22.96 2.07
CA LEU A 139 -32.77 -21.60 2.15
C LEU A 139 -31.87 -20.48 1.64
N LEU A 140 -30.60 -20.53 2.02
CA LEU A 140 -29.64 -19.47 1.75
C LEU A 140 -28.87 -19.61 0.46
N PHE A 141 -28.80 -20.84 -0.06
CA PHE A 141 -28.10 -21.12 -1.33
C PHE A 141 -29.01 -21.91 -2.27
N PRO A 142 -30.12 -21.38 -2.72
CA PRO A 142 -31.15 -22.12 -3.47
C PRO A 142 -30.70 -22.62 -4.82
N LEU A 143 -29.69 -22.00 -5.45
CA LEU A 143 -29.27 -22.50 -6.78
C LEU A 143 -28.32 -23.68 -6.76
N THR A 144 -27.95 -24.31 -5.65
CA THR A 144 -27.10 -25.50 -5.73
C THR A 144 -27.80 -26.53 -6.61
N LYS A 145 -27.03 -27.42 -7.23
CA LYS A 145 -27.69 -28.53 -7.96
C LYS A 145 -27.70 -29.79 -7.10
N GLY A 146 -26.89 -29.74 -6.04
CA GLY A 146 -26.59 -30.93 -5.26
C GLY A 146 -25.63 -30.55 -4.13
N ILE A 147 -25.59 -31.44 -3.14
CA ILE A 147 -24.87 -31.23 -1.88
C ILE A 147 -24.07 -32.47 -1.54
N THR A 148 -22.79 -32.32 -1.12
CA THR A 148 -21.93 -33.42 -0.75
C THR A 148 -21.49 -33.25 0.69
N ILE A 149 -21.41 -34.34 1.41
CA ILE A 149 -21.06 -34.36 2.83
C ILE A 149 -19.71 -35.05 2.94
N GLN A 150 -18.67 -34.24 3.21
CA GLN A 150 -17.32 -34.79 3.32
C GLN A 150 -16.95 -35.02 4.79
N SER A 151 -16.87 -36.28 5.22
CA SER A 151 -16.62 -36.60 6.61
C SER A 151 -15.18 -36.36 7.04
N GLU A 152 -15.03 -35.70 8.19
CA GLU A 152 -13.71 -35.48 8.78
C GLU A 152 -13.55 -36.58 9.83
N CYS A 153 -12.37 -36.73 10.40
CA CYS A 153 -12.03 -37.84 11.29
C CYS A 153 -13.06 -38.31 12.30
N PRO A 154 -13.58 -37.43 13.16
CA PRO A 154 -14.50 -37.76 14.21
C PRO A 154 -15.82 -38.38 13.74
N VAL A 155 -16.28 -38.10 12.54
CA VAL A 155 -17.60 -38.59 12.12
C VAL A 155 -17.77 -40.09 12.27
N GLY A 156 -16.95 -40.90 11.61
CA GLY A 156 -17.05 -42.36 11.76
C GLY A 156 -16.73 -42.77 13.20
N LEU A 157 -15.76 -42.12 13.87
CA LEU A 157 -15.40 -42.52 15.22
C LEU A 157 -16.52 -42.44 16.25
N ILE A 158 -17.43 -41.48 16.20
CA ILE A 158 -18.47 -41.34 17.20
C ILE A 158 -19.76 -42.05 16.80
N GLY A 159 -19.78 -42.80 15.72
CA GLY A 159 -20.92 -43.56 15.25
C GLY A 159 -22.00 -42.84 14.49
N ASP A 160 -21.69 -41.78 13.74
CA ASP A 160 -22.76 -41.09 13.03
C ASP A 160 -23.14 -41.92 11.79
N ASP A 161 -24.32 -41.63 11.25
CA ASP A 161 -24.76 -42.30 10.04
C ASP A 161 -25.17 -41.23 9.04
N ILE A 162 -24.18 -40.94 8.18
CA ILE A 162 -24.49 -39.86 7.23
C ILE A 162 -25.32 -40.36 6.07
N SER A 163 -25.31 -41.67 5.78
CA SER A 163 -26.12 -42.12 4.65
C SER A 163 -27.62 -41.94 4.91
N ALA A 164 -28.05 -42.16 6.14
CA ALA A 164 -29.45 -41.91 6.53
C ALA A 164 -29.88 -40.47 6.39
N VAL A 165 -29.01 -39.54 6.87
CA VAL A 165 -29.28 -38.12 6.63
C VAL A 165 -29.38 -37.78 5.16
N ALA A 166 -28.39 -38.14 4.34
CA ALA A 166 -28.38 -37.79 2.93
C ALA A 166 -29.66 -38.24 2.24
N ASN A 167 -30.02 -39.49 2.51
CA ASN A 167 -31.26 -40.05 1.93
C ASN A 167 -32.48 -39.23 2.33
N ALA A 168 -32.67 -38.91 3.60
CA ALA A 168 -33.79 -38.18 4.10
C ALA A 168 -33.77 -36.76 3.54
N SER A 169 -32.61 -36.09 3.52
CA SER A 169 -32.52 -34.72 3.01
C SER A 169 -32.71 -34.58 1.51
N SER A 170 -32.18 -35.55 0.77
CA SER A 170 -32.34 -35.60 -0.68
C SER A 170 -33.81 -35.71 -1.11
N LYS A 171 -34.64 -36.40 -0.33
CA LYS A 171 -36.09 -36.48 -0.62
C LYS A 171 -36.73 -35.13 -0.36
N ALA A 172 -36.38 -34.60 0.83
CA ALA A 172 -36.86 -33.32 1.31
C ALA A 172 -36.48 -32.18 0.37
N LEU A 173 -35.26 -32.13 -0.14
CA LEU A 173 -34.87 -31.05 -1.05
C LEU A 173 -35.28 -31.46 -2.47
N ASP A 174 -35.13 -32.75 -2.79
CA ASP A 174 -35.45 -33.21 -4.13
C ASP A 174 -34.26 -32.92 -5.04
N LYS A 175 -33.07 -33.00 -4.49
CA LYS A 175 -31.77 -32.78 -5.11
C LYS A 175 -30.85 -33.86 -4.55
N PRO A 176 -29.84 -34.29 -5.28
CA PRO A 176 -28.91 -35.28 -4.73
C PRO A 176 -28.20 -34.69 -3.52
N VAL A 177 -28.11 -35.50 -2.48
CA VAL A 177 -27.38 -35.16 -1.26
C VAL A 177 -26.49 -36.39 -1.05
N ILE A 178 -25.19 -36.20 -1.27
CA ILE A 178 -24.22 -37.27 -1.37
C ILE A 178 -23.27 -37.43 -0.19
N PRO A 179 -23.31 -38.62 0.42
CA PRO A 179 -22.54 -38.88 1.63
C PRO A 179 -21.20 -39.51 1.42
N VAL A 180 -20.09 -38.90 1.96
CA VAL A 180 -18.78 -39.46 1.62
C VAL A 180 -18.11 -39.86 2.92
N ARG A 181 -17.67 -41.10 3.11
CA ARG A 181 -17.06 -41.56 4.33
C ARG A 181 -15.53 -41.50 4.11
N CYS A 182 -15.04 -40.27 4.01
CA CYS A 182 -13.63 -40.03 3.68
C CYS A 182 -12.86 -39.51 4.90
N GLU A 183 -13.25 -40.02 6.07
CA GLU A 183 -12.50 -39.76 7.29
C GLU A 183 -11.03 -39.95 7.01
N GLY A 184 -10.29 -38.88 7.53
CA GLY A 184 -8.86 -38.80 7.36
C GLY A 184 -8.06 -39.91 7.98
N PHE A 185 -8.50 -40.58 9.03
CA PHE A 185 -7.72 -41.72 9.46
C PHE A 185 -7.86 -42.90 8.45
N ARG A 186 -8.65 -42.95 7.41
CA ARG A 186 -8.66 -44.19 6.55
C ARG A 186 -7.53 -44.17 5.52
N GLY A 187 -6.97 -45.30 5.11
CA GLY A 187 -5.92 -45.30 4.10
C GLY A 187 -4.63 -44.68 4.66
N VAL A 188 -3.70 -44.39 3.76
CA VAL A 188 -2.35 -44.00 4.17
C VAL A 188 -2.01 -42.63 3.59
N SER A 189 -2.95 -42.04 2.83
CA SER A 189 -2.56 -40.89 2.01
C SER A 189 -3.82 -40.35 1.39
N GLN A 190 -3.70 -39.45 0.43
CA GLN A 190 -4.80 -38.95 -0.33
C GLN A 190 -5.43 -40.08 -1.17
N SER A 191 -4.62 -41.03 -1.55
CA SER A 191 -5.04 -42.07 -2.51
C SER A 191 -6.33 -42.77 -2.19
N LEU A 192 -6.55 -43.22 -0.92
CA LEU A 192 -7.83 -43.88 -0.61
C LEU A 192 -9.01 -42.91 -0.71
N GLY A 193 -8.79 -41.65 -0.41
CA GLY A 193 -9.82 -40.62 -0.60
C GLY A 193 -10.22 -40.63 -2.09
N HIS A 194 -9.27 -40.70 -3.02
CA HIS A 194 -9.72 -40.80 -4.42
C HIS A 194 -10.69 -41.99 -4.59
N HIS A 195 -10.20 -43.15 -4.18
CA HIS A 195 -10.94 -44.40 -4.37
C HIS A 195 -12.33 -44.35 -3.74
N ILE A 196 -12.42 -43.81 -2.52
CA ILE A 196 -13.69 -43.67 -1.82
C ILE A 196 -14.60 -42.76 -2.62
N ALA A 197 -13.99 -41.66 -3.12
CA ALA A 197 -14.81 -40.70 -3.88
C ALA A 197 -15.34 -41.31 -5.19
N ASN A 198 -14.49 -42.02 -5.93
CA ASN A 198 -15.00 -42.61 -7.19
C ASN A 198 -16.14 -43.60 -6.91
N ASP A 199 -16.01 -44.39 -5.84
CA ASP A 199 -17.00 -45.35 -5.40
C ASP A 199 -18.32 -44.69 -5.00
N VAL A 200 -18.22 -43.49 -4.41
CA VAL A 200 -19.45 -42.70 -4.18
C VAL A 200 -20.03 -42.19 -5.46
N VAL A 201 -19.15 -41.79 -6.41
CA VAL A 201 -19.69 -41.25 -7.66
C VAL A 201 -20.49 -42.37 -8.37
N ARG A 202 -19.88 -43.52 -8.41
CA ARG A 202 -20.46 -44.76 -8.91
C ARG A 202 -21.88 -45.02 -8.42
N ASP A 203 -22.10 -44.91 -7.12
CA ASP A 203 -23.38 -45.22 -6.52
C ASP A 203 -24.36 -44.10 -6.39
N TRP A 204 -23.96 -42.86 -6.21
CA TRP A 204 -24.89 -41.78 -5.97
C TRP A 204 -25.12 -40.80 -7.10
N ILE A 205 -24.25 -40.75 -8.09
CA ILE A 205 -24.27 -39.77 -9.14
C ILE A 205 -24.44 -40.44 -10.50
N LEU A 206 -23.58 -41.40 -10.77
CA LEU A 206 -23.43 -41.82 -12.15
C LEU A 206 -24.66 -42.43 -12.78
N ASN A 207 -25.52 -43.11 -12.04
CA ASN A 207 -26.73 -43.73 -12.57
C ASN A 207 -27.93 -42.81 -12.65
N ASN A 208 -27.79 -41.57 -12.15
CA ASN A 208 -28.90 -40.66 -12.04
C ASN A 208 -29.66 -40.41 -13.34
N ARG A 209 -29.02 -40.46 -14.50
CA ARG A 209 -29.72 -40.20 -15.75
C ARG A 209 -29.94 -41.44 -16.59
N GLU A 210 -29.92 -42.60 -15.94
CA GLU A 210 -30.03 -43.88 -16.65
C GLU A 210 -31.41 -44.02 -17.29
N GLY A 211 -31.49 -44.38 -18.55
CA GLY A 211 -32.73 -44.58 -19.29
C GLY A 211 -33.21 -43.34 -20.03
N GLN A 212 -32.56 -42.20 -19.72
CA GLN A 212 -33.14 -40.91 -20.17
C GLN A 212 -32.47 -40.45 -21.46
N PRO A 213 -33.24 -39.75 -22.29
CA PRO A 213 -32.77 -39.24 -23.56
C PRO A 213 -31.57 -38.29 -23.43
N PHE A 214 -30.76 -38.31 -24.48
CA PHE A 214 -29.60 -37.42 -24.57
C PHE A 214 -29.24 -37.30 -26.03
N GLU A 215 -29.08 -36.11 -26.62
CA GLU A 215 -28.70 -36.14 -28.04
C GLU A 215 -27.18 -36.33 -28.12
N THR A 216 -26.80 -37.50 -28.57
CA THR A 216 -25.42 -37.88 -28.72
C THR A 216 -24.93 -37.56 -30.14
N THR A 217 -23.61 -37.53 -30.30
CA THR A 217 -22.93 -37.38 -31.58
C THR A 217 -21.83 -38.44 -31.64
N PRO A 218 -21.22 -38.71 -32.79
CA PRO A 218 -20.21 -39.74 -32.84
C PRO A 218 -18.92 -39.40 -32.13
N TYR A 219 -18.70 -38.13 -31.77
CA TYR A 219 -17.37 -37.65 -31.38
C TYR A 219 -17.45 -37.25 -29.91
N ASP A 220 -18.46 -37.77 -29.19
CA ASP A 220 -18.65 -37.40 -27.79
C ASP A 220 -17.61 -38.01 -26.86
N VAL A 221 -16.93 -37.15 -26.04
CA VAL A 221 -15.98 -37.66 -25.08
C VAL A 221 -16.14 -36.99 -23.69
N ALA A 222 -15.49 -37.61 -22.73
CA ALA A 222 -15.33 -36.98 -21.41
C ALA A 222 -13.86 -36.85 -21.01
N ILE A 223 -13.48 -35.72 -20.42
CA ILE A 223 -12.12 -35.60 -19.85
C ILE A 223 -12.20 -36.09 -18.40
N ILE A 224 -11.52 -37.15 -18.04
CA ILE A 224 -11.56 -37.78 -16.73
C ILE A 224 -10.25 -37.48 -15.99
N GLY A 225 -10.35 -36.91 -14.82
CA GLY A 225 -9.11 -36.75 -14.00
C GLY A 225 -8.38 -35.50 -14.44
N ASP A 226 -8.97 -34.38 -14.74
CA ASP A 226 -8.21 -33.14 -15.04
C ASP A 226 -8.89 -32.05 -14.19
N TYR A 227 -8.19 -31.55 -13.18
CA TYR A 227 -8.79 -30.64 -12.22
C TYR A 227 -8.58 -29.17 -12.50
N ASN A 228 -8.20 -28.86 -13.74
CA ASN A 228 -8.19 -27.52 -14.27
C ASN A 228 -7.32 -26.58 -13.46
N ILE A 229 -6.17 -27.07 -13.02
CA ILE A 229 -5.23 -26.26 -12.21
C ILE A 229 -4.78 -25.08 -13.04
N GLY A 230 -5.03 -23.85 -12.55
CA GLY A 230 -4.69 -22.69 -13.43
C GLY A 230 -5.41 -22.75 -14.79
N GLY A 231 -6.53 -23.45 -15.01
CA GLY A 231 -7.15 -23.52 -16.30
C GLY A 231 -6.50 -24.53 -17.28
N ASP A 232 -5.87 -25.57 -16.72
CA ASP A 232 -5.26 -26.61 -17.51
C ASP A 232 -6.33 -27.36 -18.35
N ALA A 233 -7.47 -27.61 -17.75
CA ALA A 233 -8.51 -28.40 -18.42
C ALA A 233 -9.07 -27.66 -19.63
N TRP A 234 -9.28 -26.36 -19.46
CA TRP A 234 -9.64 -25.49 -20.57
C TRP A 234 -8.63 -25.42 -21.69
N ALA A 235 -7.33 -25.35 -21.42
CA ALA A 235 -6.28 -25.36 -22.42
C ALA A 235 -6.19 -26.74 -23.10
N SER A 236 -6.75 -27.79 -22.50
CA SER A 236 -6.81 -29.12 -23.09
C SER A 236 -8.07 -29.26 -23.96
N ARG A 237 -9.18 -28.82 -23.43
CA ARG A 237 -10.49 -28.96 -24.11
C ARG A 237 -10.50 -28.20 -25.42
N ILE A 238 -9.79 -27.08 -25.47
CA ILE A 238 -9.73 -26.29 -26.70
C ILE A 238 -9.16 -27.12 -27.85
N LEU A 239 -8.12 -27.90 -27.61
CA LEU A 239 -7.55 -28.74 -28.66
C LEU A 239 -8.49 -29.87 -29.05
N LEU A 240 -9.18 -30.48 -28.07
CA LEU A 240 -10.13 -31.55 -28.38
C LEU A 240 -11.28 -31.07 -29.23
N GLU A 241 -11.79 -29.90 -28.90
CA GLU A 241 -12.87 -29.29 -29.70
C GLU A 241 -12.34 -28.87 -31.05
N GLU A 242 -11.11 -28.34 -31.13
CA GLU A 242 -10.54 -27.99 -32.44
C GLU A 242 -10.30 -29.22 -33.32
N MET A 243 -10.07 -30.37 -32.73
CA MET A 243 -9.94 -31.63 -33.44
C MET A 243 -11.30 -32.14 -33.91
N GLY A 244 -12.40 -31.53 -33.49
CA GLY A 244 -13.73 -31.99 -33.92
C GLY A 244 -14.48 -32.78 -32.87
N LEU A 245 -13.92 -32.96 -31.66
CA LEU A 245 -14.64 -33.72 -30.63
C LEU A 245 -15.59 -32.83 -29.85
N ARG A 246 -16.55 -33.46 -29.16
CA ARG A 246 -17.49 -32.70 -28.32
C ARG A 246 -17.23 -33.16 -26.89
N VAL A 247 -16.78 -32.23 -26.04
CA VAL A 247 -16.37 -32.62 -24.71
C VAL A 247 -17.64 -32.49 -23.88
N VAL A 248 -18.29 -33.63 -23.65
CA VAL A 248 -19.57 -33.64 -22.94
C VAL A 248 -19.37 -33.39 -21.45
N ALA A 249 -18.26 -33.87 -20.90
CA ALA A 249 -18.01 -33.65 -19.47
C ALA A 249 -16.53 -33.50 -19.16
N GLN A 250 -16.22 -32.80 -18.05
CA GLN A 250 -14.86 -32.63 -17.59
C GLN A 250 -14.90 -33.00 -16.11
N TRP A 251 -14.07 -33.90 -15.68
CA TRP A 251 -14.12 -34.36 -14.29
C TRP A 251 -12.77 -34.05 -13.64
N SER A 252 -12.77 -33.27 -12.58
CA SER A 252 -13.89 -32.46 -12.18
C SER A 252 -13.56 -30.98 -12.14
N GLY A 253 -12.46 -30.55 -12.77
CA GLY A 253 -12.12 -29.15 -12.85
C GLY A 253 -13.13 -28.37 -13.67
N ASP A 254 -13.76 -27.33 -13.13
CA ASP A 254 -14.85 -26.57 -13.76
C ASP A 254 -16.00 -27.53 -14.12
N GLY A 255 -16.17 -28.54 -13.28
CA GLY A 255 -17.09 -29.66 -13.54
C GLY A 255 -18.43 -29.45 -12.84
N THR A 256 -19.50 -30.06 -13.37
CA THR A 256 -20.81 -29.84 -12.79
C THR A 256 -21.40 -31.23 -12.49
N LEU A 257 -22.42 -31.26 -11.67
CA LEU A 257 -23.13 -32.50 -11.36
C LEU A 257 -23.72 -33.03 -12.69
N VAL A 258 -24.25 -32.12 -13.50
CA VAL A 258 -24.97 -32.43 -14.72
C VAL A 258 -24.09 -33.13 -15.75
N GLU A 259 -22.90 -32.54 -15.91
CA GLU A 259 -21.90 -33.14 -16.80
C GLU A 259 -21.56 -34.54 -16.32
N MET A 260 -21.34 -34.77 -15.02
CA MET A 260 -21.01 -36.10 -14.54
C MET A 260 -22.21 -37.04 -14.82
N GLU A 261 -23.41 -36.55 -14.56
CA GLU A 261 -24.57 -37.41 -14.89
C GLU A 261 -24.72 -37.79 -16.35
N ASN A 262 -24.20 -37.00 -17.29
CA ASN A 262 -24.26 -37.28 -18.70
C ASN A 262 -23.10 -38.11 -19.20
N THR A 263 -22.14 -38.37 -18.29
CA THR A 263 -20.95 -39.08 -18.72
C THR A 263 -21.22 -40.47 -19.29
N PRO A 264 -22.12 -41.24 -18.71
CA PRO A 264 -22.44 -42.57 -19.27
C PRO A 264 -22.90 -42.51 -20.71
N PHE A 265 -23.30 -41.39 -21.31
CA PHE A 265 -23.65 -41.40 -22.71
C PHE A 265 -22.50 -41.06 -23.66
N VAL A 266 -21.22 -40.96 -23.22
CA VAL A 266 -20.16 -40.59 -24.13
C VAL A 266 -19.66 -41.78 -24.96
N LYS A 267 -18.83 -41.53 -25.98
CA LYS A 267 -18.23 -42.62 -26.73
C LYS A 267 -16.85 -43.01 -26.26
N LEU A 268 -16.13 -42.11 -25.55
CA LEU A 268 -14.77 -42.44 -25.16
C LEU A 268 -14.38 -41.62 -23.91
N ASN A 269 -13.84 -42.28 -22.88
CA ASN A 269 -13.38 -41.55 -21.71
C ASN A 269 -11.87 -41.32 -21.81
N LEU A 270 -11.44 -40.07 -21.63
CA LEU A 270 -10.04 -39.69 -21.77
C LEU A 270 -9.43 -39.38 -20.40
N VAL A 271 -8.55 -40.24 -19.94
CA VAL A 271 -8.09 -40.16 -18.56
C VAL A 271 -6.73 -39.46 -18.55
N HIS A 272 -6.70 -38.34 -17.78
CA HIS A 272 -5.41 -37.65 -17.63
C HIS A 272 -4.79 -38.18 -16.32
N CYS A 273 -5.46 -37.91 -15.21
CA CYS A 273 -4.95 -38.44 -13.95
C CYS A 273 -5.43 -39.89 -13.73
N TYR A 274 -4.54 -40.82 -14.06
CA TYR A 274 -4.80 -42.24 -13.90
C TYR A 274 -5.08 -42.62 -12.46
N ARG A 275 -4.18 -42.21 -11.57
CA ARG A 275 -4.21 -42.47 -10.16
C ARG A 275 -5.55 -42.16 -9.51
N SER A 276 -6.06 -40.94 -9.72
CA SER A 276 -7.29 -40.55 -9.01
C SER A 276 -8.54 -41.09 -9.67
N MET A 277 -8.61 -41.20 -11.00
CA MET A 277 -9.90 -41.60 -11.61
C MET A 277 -9.87 -42.88 -12.46
N ASN A 278 -8.85 -43.72 -12.35
CA ASN A 278 -8.89 -44.96 -13.16
C ASN A 278 -10.07 -45.86 -12.72
N TYR A 279 -10.40 -45.90 -11.45
CA TYR A 279 -11.48 -46.66 -10.89
C TYR A 279 -12.80 -46.45 -11.62
N ILE A 280 -13.19 -45.20 -11.79
CA ILE A 280 -14.47 -44.91 -12.44
C ILE A 280 -14.41 -45.12 -13.94
N ALA A 281 -13.24 -44.93 -14.56
CA ALA A 281 -13.08 -45.20 -15.99
C ALA A 281 -13.30 -46.72 -16.21
N ARG A 282 -12.66 -47.50 -15.36
CA ARG A 282 -12.74 -48.96 -15.42
C ARG A 282 -14.18 -49.41 -15.24
N HIS A 283 -14.88 -48.84 -14.26
CA HIS A 283 -16.28 -49.19 -14.05
C HIS A 283 -17.16 -48.79 -15.22
N MET A 284 -16.93 -47.62 -15.86
CA MET A 284 -17.77 -47.26 -16.99
C MET A 284 -17.46 -48.15 -18.21
N GLU A 285 -16.23 -48.62 -18.31
CA GLU A 285 -15.90 -49.58 -19.33
C GLU A 285 -16.74 -50.85 -19.13
N GLU A 286 -16.70 -51.38 -17.91
CA GLU A 286 -17.44 -52.61 -17.61
C GLU A 286 -18.95 -52.52 -17.66
N LYS A 287 -19.53 -51.46 -17.10
CA LYS A 287 -20.98 -51.31 -17.07
C LYS A 287 -21.55 -50.68 -18.33
N HIS A 288 -20.89 -49.63 -18.86
CA HIS A 288 -21.51 -48.93 -19.98
C HIS A 288 -20.88 -49.26 -21.32
N GLN A 289 -19.84 -50.08 -21.32
CA GLN A 289 -19.08 -50.34 -22.51
C GLN A 289 -18.46 -49.09 -23.11
N ILE A 290 -17.95 -48.18 -22.28
CA ILE A 290 -17.26 -47.00 -22.81
C ILE A 290 -15.74 -47.22 -22.69
N PRO A 291 -15.04 -47.30 -23.79
CA PRO A 291 -13.60 -47.55 -23.71
C PRO A 291 -12.98 -46.31 -23.02
N TRP A 292 -11.74 -46.54 -22.61
CA TRP A 292 -11.05 -45.37 -22.00
C TRP A 292 -9.60 -45.44 -22.40
N MET A 293 -8.87 -44.32 -22.38
CA MET A 293 -7.47 -44.33 -22.72
C MET A 293 -6.74 -43.23 -21.93
N GLU A 294 -5.54 -43.53 -21.51
CA GLU A 294 -4.73 -42.48 -20.85
C GLU A 294 -4.12 -41.59 -21.91
N TYR A 295 -3.90 -40.31 -21.61
CA TYR A 295 -3.30 -39.38 -22.52
C TYR A 295 -2.42 -38.41 -21.68
N ASN A 296 -1.65 -37.63 -22.42
CA ASN A 296 -0.71 -36.72 -21.74
C ASN A 296 -0.64 -35.45 -22.57
N PHE A 297 -1.06 -34.33 -21.96
CA PHE A 297 -1.01 -33.06 -22.70
C PHE A 297 0.08 -32.13 -22.19
N PHE A 298 1.17 -32.66 -21.68
CA PHE A 298 2.28 -31.83 -21.23
C PHE A 298 3.37 -31.80 -22.32
N GLY A 299 3.55 -30.72 -23.05
CA GLY A 299 4.69 -30.60 -23.99
C GLY A 299 4.31 -31.08 -25.40
N PRO A 300 4.97 -30.56 -26.41
CA PRO A 300 4.63 -30.83 -27.79
C PRO A 300 4.78 -32.27 -28.22
N THR A 301 5.81 -32.96 -27.73
CA THR A 301 5.89 -34.39 -28.10
C THR A 301 4.71 -35.20 -27.61
N LYS A 302 4.37 -35.02 -26.34
CA LYS A 302 3.24 -35.75 -25.73
C LYS A 302 1.93 -35.29 -26.33
N ILE A 303 1.72 -34.01 -26.63
CA ILE A 303 0.42 -33.56 -27.12
C ILE A 303 0.17 -34.22 -28.48
N ALA A 304 1.18 -34.18 -29.36
CA ALA A 304 0.99 -34.76 -30.69
C ALA A 304 0.78 -36.27 -30.63
N GLU A 305 1.46 -36.96 -29.73
CA GLU A 305 1.19 -38.39 -29.55
C GLU A 305 -0.25 -38.59 -29.06
N SER A 306 -0.70 -37.78 -28.10
CA SER A 306 -2.04 -37.95 -27.57
C SER A 306 -3.11 -37.61 -28.59
N LEU A 307 -2.97 -36.48 -29.26
CA LEU A 307 -3.93 -36.11 -30.30
C LEU A 307 -4.04 -37.25 -31.35
N ARG A 308 -2.92 -37.76 -31.77
CA ARG A 308 -3.02 -38.83 -32.79
C ARG A 308 -3.69 -40.12 -32.30
N LYS A 309 -3.41 -40.50 -31.05
CA LYS A 309 -3.95 -41.72 -30.49
C LYS A 309 -5.45 -41.57 -30.25
N ILE A 310 -5.84 -40.41 -29.74
CA ILE A 310 -7.26 -40.13 -29.49
C ILE A 310 -8.02 -40.14 -30.81
N ALA A 311 -7.51 -39.51 -31.84
CA ALA A 311 -8.15 -39.38 -33.14
C ALA A 311 -8.29 -40.73 -33.86
N ASP A 312 -7.28 -41.57 -33.62
CA ASP A 312 -7.21 -42.94 -34.09
C ASP A 312 -8.36 -43.77 -33.54
N GLN A 313 -9.09 -43.41 -32.48
CA GLN A 313 -10.19 -44.17 -31.95
C GLN A 313 -11.50 -43.90 -32.71
N PHE A 314 -11.50 -42.96 -33.62
CA PHE A 314 -12.66 -42.48 -34.35
C PHE A 314 -12.60 -42.92 -35.81
N ASP A 315 -12.40 -41.97 -36.72
CA ASP A 315 -12.39 -42.21 -38.16
C ASP A 315 -11.45 -41.22 -38.86
N ASP A 316 -11.43 -41.35 -40.18
CA ASP A 316 -10.53 -40.53 -40.98
C ASP A 316 -10.75 -39.06 -40.88
N THR A 317 -11.95 -38.56 -40.69
CA THR A 317 -12.15 -37.12 -40.53
C THR A 317 -11.44 -36.59 -39.26
N ILE A 318 -11.43 -37.33 -38.18
CA ILE A 318 -10.82 -36.84 -36.94
C ILE A 318 -9.33 -37.09 -37.04
N ARG A 319 -8.87 -38.17 -37.69
CA ARG A 319 -7.43 -38.32 -37.93
C ARG A 319 -6.84 -37.17 -38.76
N ALA A 320 -7.61 -36.66 -39.73
CA ALA A 320 -7.14 -35.54 -40.53
C ALA A 320 -7.10 -34.24 -39.66
N ASN A 321 -8.16 -34.10 -38.85
CA ASN A 321 -8.32 -32.96 -37.96
C ASN A 321 -7.18 -32.99 -36.94
N ALA A 322 -6.75 -34.14 -36.43
CA ALA A 322 -5.58 -34.14 -35.54
C ALA A 322 -4.34 -33.59 -36.25
N GLU A 323 -4.14 -33.94 -37.53
CA GLU A 323 -2.98 -33.50 -38.24
C GLU A 323 -3.02 -32.00 -38.49
N ALA A 324 -4.19 -31.50 -38.88
CA ALA A 324 -4.39 -30.06 -38.99
C ALA A 324 -4.08 -29.31 -37.68
N VAL A 325 -4.55 -29.80 -36.55
CA VAL A 325 -4.34 -29.09 -35.27
C VAL A 325 -2.86 -29.06 -34.95
N ILE A 326 -2.19 -30.20 -35.08
CA ILE A 326 -0.75 -30.19 -34.92
C ILE A 326 -0.10 -29.15 -35.83
N ALA A 327 -0.47 -29.08 -37.08
CA ALA A 327 0.14 -28.20 -38.07
C ALA A 327 -0.11 -26.74 -37.70
N ARG A 328 -1.30 -26.38 -37.22
CA ARG A 328 -1.61 -25.02 -36.84
C ARG A 328 -0.74 -24.45 -35.71
N TYR A 329 -0.40 -25.23 -34.72
CA TYR A 329 0.41 -24.85 -33.58
C TYR A 329 1.89 -25.13 -33.74
N GLU A 330 2.33 -25.69 -34.86
CA GLU A 330 3.77 -25.96 -35.05
C GLU A 330 4.62 -24.70 -35.05
N GLY A 331 4.13 -23.59 -35.58
CA GLY A 331 4.95 -22.37 -35.58
C GLY A 331 5.12 -21.83 -34.17
N GLN A 332 4.04 -21.86 -33.38
CA GLN A 332 4.17 -21.48 -31.96
C GLN A 332 5.08 -22.41 -31.20
N MET A 333 5.03 -23.71 -31.39
CA MET A 333 5.96 -24.63 -30.72
C MET A 333 7.41 -24.36 -31.12
N ALA A 334 7.66 -24.18 -32.43
CA ALA A 334 9.02 -23.88 -32.89
C ALA A 334 9.58 -22.60 -32.28
N ALA A 335 8.78 -21.55 -32.07
CA ALA A 335 9.27 -20.29 -31.55
C ALA A 335 9.58 -20.46 -30.07
N ILE A 336 8.79 -21.32 -29.40
CA ILE A 336 9.07 -21.52 -27.96
C ILE A 336 10.38 -22.27 -27.74
N ILE A 337 10.59 -23.28 -28.57
CA ILE A 337 11.85 -24.04 -28.48
C ILE A 337 13.03 -23.17 -28.88
N ALA A 338 12.83 -22.34 -29.91
CA ALA A 338 13.98 -21.51 -30.31
C ALA A 338 14.31 -20.50 -29.23
N LYS A 339 13.33 -19.96 -28.56
CA LYS A 339 13.61 -18.96 -27.52
C LYS A 339 14.10 -19.60 -26.21
N TYR A 340 13.45 -20.64 -25.69
CA TYR A 340 13.76 -21.13 -24.37
C TYR A 340 14.65 -22.34 -24.25
N ARG A 341 14.66 -23.25 -25.24
CA ARG A 341 15.50 -24.46 -25.13
C ARG A 341 16.98 -24.14 -24.91
N PRO A 342 17.54 -23.18 -25.61
CA PRO A 342 18.94 -22.79 -25.38
C PRO A 342 19.18 -22.29 -23.97
N ARG A 343 18.15 -21.71 -23.32
CA ARG A 343 18.33 -21.16 -21.97
C ARG A 343 18.23 -22.21 -20.89
N LEU A 344 17.74 -23.41 -21.23
CA LEU A 344 17.51 -24.49 -20.32
C LEU A 344 18.20 -25.82 -20.61
N GLU A 345 18.67 -26.04 -21.84
CA GLU A 345 19.17 -27.40 -22.13
C GLU A 345 20.46 -27.72 -21.39
N GLY A 346 20.57 -28.98 -20.97
CA GLY A 346 21.74 -29.41 -20.22
C GLY A 346 21.39 -29.49 -18.74
N ARG A 347 20.43 -28.71 -18.27
CA ARG A 347 20.10 -28.62 -16.86
C ARG A 347 19.40 -29.81 -16.23
N LYS A 348 19.74 -30.11 -14.97
CA LYS A 348 19.20 -31.29 -14.31
C LYS A 348 18.06 -30.94 -13.35
N VAL A 349 17.02 -31.74 -13.39
CA VAL A 349 15.84 -31.59 -12.56
C VAL A 349 15.50 -32.78 -11.67
N LEU A 350 15.04 -32.49 -10.46
CA LEU A 350 14.49 -33.38 -9.48
C LEU A 350 13.01 -33.04 -9.27
N LEU A 351 12.17 -34.06 -9.34
CA LEU A 351 10.73 -33.91 -9.26
C LEU A 351 10.24 -34.77 -8.08
N TYR A 352 9.31 -34.19 -7.31
CA TYR A 352 8.70 -34.93 -6.21
C TYR A 352 7.30 -34.42 -6.04
N MET A 353 6.30 -35.20 -6.45
CA MET A 353 4.92 -34.74 -6.31
C MET A 353 4.06 -35.93 -5.87
N GLY A 354 2.77 -35.89 -6.12
CA GLY A 354 1.79 -36.76 -5.56
C GLY A 354 1.64 -38.13 -6.26
N GLY A 355 0.90 -38.13 -7.35
CA GLY A 355 0.52 -39.45 -7.93
C GLY A 355 0.51 -39.49 -9.44
N LEU A 356 0.85 -38.37 -10.09
CA LEU A 356 0.83 -38.39 -11.55
C LEU A 356 1.90 -37.58 -12.19
N ARG A 357 1.98 -36.31 -11.67
CA ARG A 357 2.86 -35.34 -12.27
C ARG A 357 4.34 -35.68 -12.34
N PRO A 358 4.88 -36.43 -11.41
CA PRO A 358 6.29 -36.79 -11.47
C PRO A 358 6.70 -37.52 -12.73
N ARG A 359 5.78 -38.28 -13.36
CA ARG A 359 6.15 -38.85 -14.64
C ARG A 359 5.59 -38.00 -15.76
N HIS A 360 4.41 -37.45 -15.64
CA HIS A 360 3.70 -36.82 -16.72
C HIS A 360 4.37 -35.57 -17.27
N VAL A 361 5.14 -34.86 -16.43
CA VAL A 361 5.79 -33.65 -16.96
C VAL A 361 7.15 -33.97 -17.54
N ILE A 362 7.61 -35.23 -17.46
CA ILE A 362 8.97 -35.42 -18.02
C ILE A 362 9.14 -35.13 -19.50
N GLY A 363 8.16 -35.43 -20.36
CA GLY A 363 8.41 -35.15 -21.80
C GLY A 363 8.51 -33.66 -22.06
N ALA A 364 7.78 -32.83 -21.31
CA ALA A 364 7.83 -31.39 -21.46
C ALA A 364 9.22 -30.89 -21.05
N TYR A 365 9.79 -31.40 -19.96
CA TYR A 365 11.16 -30.99 -19.63
C TYR A 365 12.17 -31.45 -20.69
N GLU A 366 11.92 -32.65 -21.22
CA GLU A 366 12.83 -33.18 -22.25
C GLU A 366 12.73 -32.47 -23.59
N ASP A 367 11.57 -31.90 -23.94
CA ASP A 367 11.40 -31.04 -25.11
C ASP A 367 12.20 -29.75 -24.92
N LEU A 368 12.42 -29.33 -23.69
CA LEU A 368 13.27 -28.16 -23.39
C LEU A 368 14.70 -28.57 -23.09
N GLY A 369 15.09 -29.79 -23.41
CA GLY A 369 16.48 -30.27 -23.35
C GLY A 369 17.01 -30.52 -21.95
N MET A 370 16.14 -30.57 -20.95
CA MET A 370 16.46 -30.73 -19.54
C MET A 370 16.46 -32.21 -19.19
N GLU A 371 17.20 -32.60 -18.15
CA GLU A 371 17.24 -34.05 -17.84
C GLU A 371 16.75 -34.27 -16.41
N ILE A 372 15.94 -35.30 -16.21
CA ILE A 372 15.43 -35.64 -14.90
C ILE A 372 16.42 -36.57 -14.19
N ILE A 373 17.01 -36.18 -13.08
CA ILE A 373 17.98 -37.06 -12.42
C ILE A 373 17.42 -37.79 -11.22
N ALA A 374 16.17 -37.55 -10.84
CA ALA A 374 15.51 -38.22 -9.73
C ALA A 374 14.04 -37.82 -9.77
N ALA A 375 13.18 -38.81 -9.57
CA ALA A 375 11.76 -38.64 -9.62
C ALA A 375 11.10 -39.44 -8.48
N GLY A 376 10.22 -38.78 -7.72
CA GLY A 376 9.51 -39.56 -6.69
C GLY A 376 8.04 -39.19 -6.65
N TYR A 377 7.28 -40.04 -5.95
CA TYR A 377 5.88 -39.75 -5.72
C TYR A 377 5.66 -39.82 -4.19
N GLU A 378 4.65 -39.13 -3.75
CA GLU A 378 4.14 -39.14 -2.42
C GLU A 378 3.33 -40.42 -2.13
N PHE A 379 2.36 -40.69 -3.01
CA PHE A 379 1.36 -41.71 -2.72
C PHE A 379 0.98 -42.59 -3.89
N ALA A 380 1.80 -42.65 -4.91
CA ALA A 380 1.52 -43.51 -6.08
C ALA A 380 1.57 -44.97 -5.68
N HIS A 381 0.97 -45.77 -6.57
CA HIS A 381 0.99 -47.24 -6.44
C HIS A 381 1.95 -47.81 -7.45
N ASN A 382 2.30 -49.12 -7.30
CA ASN A 382 3.21 -49.78 -8.20
C ASN A 382 2.83 -49.67 -9.67
N ASP A 383 1.54 -49.63 -10.01
CA ASP A 383 1.22 -49.40 -11.42
C ASP A 383 1.66 -48.02 -11.89
N ASP A 384 1.79 -47.02 -10.98
CA ASP A 384 2.33 -45.74 -11.40
C ASP A 384 3.84 -45.83 -11.61
N TYR A 385 4.57 -46.55 -10.76
CA TYR A 385 6.01 -46.66 -11.00
C TYR A 385 6.30 -47.40 -12.30
N ASP A 386 5.47 -48.40 -12.65
CA ASP A 386 5.56 -49.09 -13.91
C ASP A 386 5.42 -48.09 -15.06
N ARG A 387 4.44 -47.20 -15.06
CA ARG A 387 4.27 -46.23 -16.13
C ARG A 387 5.35 -45.16 -16.16
N THR A 388 6.19 -45.00 -15.13
CA THR A 388 7.26 -44.03 -15.12
C THR A 388 8.52 -44.51 -15.81
N LEU A 389 8.73 -45.82 -15.81
CA LEU A 389 9.88 -46.53 -16.33
C LEU A 389 10.30 -46.30 -17.77
N PRO A 390 9.39 -46.13 -18.71
CA PRO A 390 9.73 -45.78 -20.07
C PRO A 390 10.33 -44.40 -20.22
N ASP A 391 10.02 -43.45 -19.32
CA ASP A 391 10.47 -42.08 -19.47
C ASP A 391 11.71 -41.70 -18.66
N LEU A 392 12.40 -42.63 -18.02
CA LEU A 392 13.63 -42.34 -17.29
C LEU A 392 14.94 -42.81 -17.91
N LYS A 393 15.99 -41.98 -17.96
CA LYS A 393 17.28 -42.44 -18.43
C LYS A 393 17.83 -43.48 -17.46
N GLU A 394 18.73 -44.31 -17.95
CA GLU A 394 19.36 -45.35 -17.14
C GLU A 394 19.90 -44.83 -15.81
N GLY A 395 19.75 -45.53 -14.69
CA GLY A 395 20.33 -45.12 -13.43
C GLY A 395 19.69 -43.92 -12.73
N THR A 396 18.49 -43.50 -13.12
CA THR A 396 17.74 -42.43 -12.45
C THR A 396 17.24 -42.86 -11.08
N LEU A 397 17.38 -42.01 -10.05
CA LEU A 397 16.87 -42.41 -8.72
C LEU A 397 15.36 -42.33 -8.74
N LEU A 398 14.65 -43.38 -8.39
CA LEU A 398 13.19 -43.42 -8.44
C LEU A 398 12.71 -43.76 -7.03
N PHE A 399 11.87 -42.89 -6.43
CA PHE A 399 11.58 -43.15 -5.03
C PHE A 399 10.16 -42.85 -4.62
N ASP A 400 9.85 -43.31 -3.42
CA ASP A 400 8.49 -43.32 -2.91
C ASP A 400 8.36 -42.78 -1.51
N ASP A 401 7.33 -41.96 -1.27
CA ASP A 401 7.01 -41.47 0.08
C ASP A 401 8.24 -41.10 0.92
N ALA A 402 9.00 -40.16 0.43
CA ALA A 402 10.20 -39.65 1.10
C ALA A 402 9.83 -38.60 2.17
N SER A 403 10.66 -38.69 3.20
CA SER A 403 10.64 -37.79 4.34
C SER A 403 11.35 -36.53 3.88
N SER A 404 11.16 -35.47 4.68
CA SER A 404 11.80 -34.19 4.36
C SER A 404 13.31 -34.38 4.42
N TYR A 405 13.70 -35.20 5.41
CA TYR A 405 15.09 -35.52 5.62
C TYR A 405 15.66 -36.16 4.35
N GLU A 406 14.94 -37.15 3.81
CA GLU A 406 15.46 -37.83 2.64
C GLU A 406 15.60 -36.86 1.46
N LEU A 407 14.55 -36.11 1.17
CA LEU A 407 14.54 -35.14 0.07
C LEU A 407 15.70 -34.19 0.21
N GLU A 408 15.90 -33.61 1.41
CA GLU A 408 17.01 -32.72 1.63
C GLU A 408 18.33 -33.39 1.29
N ALA A 409 18.53 -34.61 1.81
CA ALA A 409 19.77 -35.33 1.59
C ALA A 409 19.99 -35.70 0.13
N PHE A 410 18.96 -36.08 -0.61
CA PHE A 410 19.01 -36.33 -2.03
C PHE A 410 19.36 -35.08 -2.82
N VAL A 411 18.79 -33.93 -2.46
CA VAL A 411 19.13 -32.68 -3.15
C VAL A 411 20.55 -32.24 -2.88
N LYS A 412 21.01 -32.34 -1.64
CA LYS A 412 22.38 -31.91 -1.31
C LYS A 412 23.43 -32.67 -2.12
N ALA A 413 23.18 -33.97 -2.16
CA ALA A 413 24.08 -34.89 -2.86
C ALA A 413 23.92 -34.85 -4.38
N LEU A 414 22.72 -34.83 -4.91
CA LEU A 414 22.56 -34.87 -6.37
C LEU A 414 22.82 -33.51 -7.03
N LYS A 415 22.54 -32.45 -6.30
CA LYS A 415 22.68 -31.07 -6.74
C LYS A 415 21.96 -30.76 -8.06
N PRO A 416 20.66 -30.91 -8.06
CA PRO A 416 19.88 -30.64 -9.26
C PRO A 416 20.04 -29.17 -9.61
N ASP A 417 19.80 -28.76 -10.81
CA ASP A 417 19.80 -27.34 -11.17
C ASP A 417 18.44 -26.71 -10.86
N LEU A 418 17.44 -27.59 -10.86
CA LEU A 418 16.05 -27.18 -10.59
C LEU A 418 15.25 -28.22 -9.88
N ILE A 419 14.34 -27.86 -8.98
CA ILE A 419 13.48 -28.86 -8.30
C ILE A 419 12.04 -28.51 -8.63
N GLY A 420 11.23 -29.51 -8.92
CA GLY A 420 9.78 -29.22 -9.00
C GLY A 420 9.10 -30.02 -7.89
N SER A 421 8.37 -29.37 -7.00
CA SER A 421 7.70 -30.03 -5.87
C SER A 421 6.61 -29.12 -5.29
N GLY A 422 6.17 -29.34 -4.06
CA GLY A 422 5.03 -28.64 -3.51
C GLY A 422 5.36 -27.50 -2.55
N ILE A 423 4.34 -26.77 -2.11
CA ILE A 423 4.49 -25.63 -1.22
C ILE A 423 5.26 -25.99 0.04
N LYS A 424 5.12 -27.18 0.61
CA LYS A 424 5.86 -27.60 1.82
C LYS A 424 7.35 -27.81 1.62
N GLU A 425 7.76 -28.02 0.39
CA GLU A 425 9.16 -28.11 0.06
C GLU A 425 9.77 -26.82 -0.46
N LYS A 426 8.99 -25.93 -1.07
CA LYS A 426 9.54 -24.78 -1.76
C LYS A 426 10.57 -23.96 -0.98
N TYR A 427 10.13 -23.49 0.18
CA TYR A 427 10.98 -22.54 0.93
C TYR A 427 12.20 -23.19 1.55
N ILE A 428 12.21 -24.49 1.79
CA ILE A 428 13.45 -25.12 2.27
C ILE A 428 14.48 -25.07 1.16
N PHE A 429 14.08 -25.51 -0.07
CA PHE A 429 15.11 -25.55 -1.12
C PHE A 429 15.55 -24.20 -1.65
N GLN A 430 14.68 -23.18 -1.61
CA GLN A 430 15.20 -21.87 -2.02
C GLN A 430 16.29 -21.44 -1.04
N LYS A 431 16.16 -21.75 0.25
CA LYS A 431 17.21 -21.31 1.19
C LYS A 431 18.54 -22.03 0.89
N MET A 432 18.45 -23.24 0.39
CA MET A 432 19.65 -24.02 0.00
C MET A 432 20.29 -23.46 -1.27
N GLY A 433 19.62 -22.62 -2.03
CA GLY A 433 20.15 -22.04 -3.23
C GLY A 433 19.71 -22.84 -4.45
N VAL A 434 18.59 -23.57 -4.32
CA VAL A 434 18.19 -24.34 -5.51
C VAL A 434 16.92 -23.80 -6.16
N PRO A 435 17.01 -23.37 -7.40
CA PRO A 435 15.82 -22.87 -8.09
C PRO A 435 14.71 -23.89 -7.89
N PHE A 436 13.52 -23.39 -7.65
CA PHE A 436 12.38 -24.30 -7.34
C PHE A 436 11.11 -23.80 -8.01
N ARG A 437 10.36 -24.75 -8.59
CA ARG A 437 9.07 -24.37 -9.16
C ARG A 437 7.96 -25.17 -8.49
N GLN A 438 6.88 -24.56 -8.06
CA GLN A 438 5.80 -25.32 -7.44
C GLN A 438 5.13 -26.14 -8.54
N MET A 439 5.17 -27.44 -8.44
CA MET A 439 4.61 -28.22 -9.57
C MET A 439 3.27 -28.83 -9.26
N HIS A 440 2.66 -28.45 -8.13
CA HIS A 440 1.25 -28.72 -7.88
C HIS A 440 0.41 -27.48 -8.24
N SER A 441 0.78 -26.27 -7.81
CA SER A 441 -0.03 -25.07 -8.04
C SER A 441 0.43 -24.24 -9.23
N TRP A 442 1.50 -24.72 -9.89
CA TRP A 442 2.17 -24.03 -10.95
C TRP A 442 2.76 -22.72 -10.47
N ASP A 443 2.98 -22.57 -9.18
CA ASP A 443 3.53 -21.33 -8.60
C ASP A 443 2.71 -20.15 -9.06
N TYR A 444 1.37 -20.30 -8.95
CA TYR A 444 0.34 -19.32 -9.22
C TYR A 444 0.34 -18.87 -10.68
N SER A 445 0.80 -19.67 -11.62
CA SER A 445 0.84 -19.35 -13.04
C SER A 445 0.11 -20.47 -13.81
N GLY A 446 0.64 -20.88 -14.94
CA GLY A 446 -0.11 -21.93 -15.68
C GLY A 446 -1.21 -21.24 -16.44
N PRO A 447 -1.97 -21.98 -17.27
CA PRO A 447 -1.94 -23.43 -17.26
C PRO A 447 -0.63 -23.95 -17.84
N TYR A 448 -0.32 -25.23 -17.62
CA TYR A 448 0.84 -25.82 -18.30
C TYR A 448 0.39 -26.94 -19.26
N HIS A 449 -0.90 -27.27 -19.26
CA HIS A 449 -1.34 -28.28 -20.24
C HIS A 449 -1.40 -27.64 -21.61
N GLY A 450 -1.40 -28.49 -22.66
CA GLY A 450 -1.77 -28.03 -23.97
C GLY A 450 -0.75 -27.10 -24.63
N TYR A 451 -1.06 -26.65 -25.82
CA TYR A 451 -0.12 -25.85 -26.61
C TYR A 451 0.09 -24.47 -25.98
N ASP A 452 -1.00 -23.91 -25.46
CA ASP A 452 -0.94 -22.65 -24.76
C ASP A 452 -0.20 -22.81 -23.43
N GLY A 453 -0.32 -23.96 -22.79
CA GLY A 453 0.36 -24.16 -21.54
C GLY A 453 1.88 -24.24 -21.68
N PHE A 454 2.29 -24.87 -22.83
CA PHE A 454 3.73 -25.14 -23.00
C PHE A 454 4.52 -23.84 -23.07
N ALA A 455 3.97 -22.83 -23.68
CA ALA A 455 4.57 -21.50 -23.71
C ALA A 455 4.82 -20.97 -22.29
N ILE A 456 3.78 -21.15 -21.43
CA ILE A 456 3.86 -20.64 -20.06
C ILE A 456 4.87 -21.39 -19.22
N PHE A 457 4.87 -22.70 -19.41
CA PHE A 457 5.78 -23.61 -18.82
C PHE A 457 7.22 -23.23 -19.13
N ALA A 458 7.50 -22.99 -20.43
CA ALA A 458 8.86 -22.65 -20.81
C ALA A 458 9.33 -21.30 -20.26
N ARG A 459 8.45 -20.33 -20.35
CA ARG A 459 8.68 -19.03 -19.72
C ARG A 459 8.94 -19.18 -18.23
N ASP A 460 8.15 -19.97 -17.51
CA ASP A 460 8.31 -20.12 -16.08
C ASP A 460 9.56 -20.89 -15.70
N MET A 461 9.95 -21.95 -16.41
CA MET A 461 11.20 -22.61 -16.06
C MET A 461 12.40 -21.70 -16.27
N ASP A 462 12.39 -20.93 -17.32
CA ASP A 462 13.47 -20.01 -17.66
C ASP A 462 13.56 -18.87 -16.60
N MET A 463 12.42 -18.38 -16.20
CA MET A 463 12.34 -17.28 -15.23
C MET A 463 13.02 -17.63 -13.92
N THR A 464 12.71 -18.87 -13.44
CA THR A 464 13.21 -19.25 -12.12
C THR A 464 14.62 -19.73 -12.20
N LEU A 465 14.91 -20.53 -13.26
CA LEU A 465 16.23 -21.19 -13.32
C LEU A 465 17.32 -20.16 -13.52
N ASN A 466 17.06 -19.15 -14.33
CA ASN A 466 18.08 -18.19 -14.73
C ASN A 466 17.90 -16.85 -14.04
N ASN A 467 17.11 -16.79 -12.98
CA ASN A 467 16.85 -15.55 -12.29
C ASN A 467 18.21 -15.04 -11.77
N PRO A 468 18.39 -13.75 -11.80
CA PRO A 468 19.65 -13.18 -11.33
C PRO A 468 19.88 -13.26 -9.83
N ALA A 469 18.86 -13.40 -8.98
CA ALA A 469 19.02 -13.56 -7.54
C ALA A 469 19.82 -14.79 -7.13
N TRP A 470 19.76 -15.86 -7.94
CA TRP A 470 20.41 -17.12 -7.58
C TRP A 470 21.91 -16.93 -7.42
N ASN A 471 22.48 -15.94 -8.08
CA ASN A 471 23.90 -15.68 -7.89
C ASN A 471 24.22 -14.91 -6.63
N GLU A 472 23.27 -14.50 -5.79
CA GLU A 472 23.57 -13.63 -4.66
C GLU A 472 23.45 -14.28 -3.32
N LEU A 473 23.32 -15.61 -3.25
CA LEU A 473 23.15 -16.16 -1.92
C LEU A 473 24.41 -15.94 -1.10
N THR A 474 25.56 -15.93 -1.78
CA THR A 474 26.73 -15.74 -0.95
C THR A 474 27.14 -14.27 -0.88
N ALA A 475 27.22 -13.72 0.34
CA ALA A 475 27.75 -12.33 0.35
C ALA A 475 29.08 -12.35 -0.36
N PRO A 476 29.42 -11.28 -1.10
CA PRO A 476 30.66 -11.18 -1.83
C PRO A 476 31.88 -11.10 -0.93
N TRP A 477 31.77 -10.86 0.38
CA TRP A 477 33.01 -10.92 1.18
C TRP A 477 33.21 -12.32 1.72
N LEU A 478 32.27 -13.23 1.43
CA LEU A 478 32.26 -14.59 1.85
C LEU A 478 32.61 -15.58 0.72
N SER B 1 -4.41 -19.57 -28.24
CA SER B 1 -3.11 -19.27 -28.91
C SER B 1 -2.24 -18.31 -28.12
N GLN B 2 -0.94 -18.38 -28.29
CA GLN B 2 0.04 -17.52 -27.65
C GLN B 2 1.00 -16.94 -28.69
N THR B 3 1.47 -15.71 -28.51
CA THR B 3 2.48 -15.13 -29.36
C THR B 3 3.80 -15.26 -28.57
N ILE B 4 4.90 -15.45 -29.27
CA ILE B 4 6.17 -15.67 -28.59
C ILE B 4 6.64 -14.45 -27.81
N ASP B 5 6.39 -13.24 -28.31
CA ASP B 5 6.92 -12.09 -27.59
C ASP B 5 6.13 -11.75 -26.34
N LYS B 6 4.87 -12.18 -26.25
CA LYS B 6 4.05 -11.77 -25.11
C LYS B 6 3.16 -12.94 -24.64
N ILE B 7 3.72 -13.80 -23.84
CA ILE B 7 3.05 -15.01 -23.38
C ILE B 7 2.12 -14.62 -22.24
N ASN B 8 0.86 -14.98 -22.36
CA ASN B 8 -0.09 -14.71 -21.28
C ASN B 8 -0.35 -15.91 -20.37
N SER B 9 -0.31 -15.65 -19.07
CA SER B 9 -0.76 -16.59 -18.07
C SER B 9 -2.27 -16.72 -18.13
N CYS B 10 -2.86 -17.63 -17.39
CA CYS B 10 -4.29 -17.89 -17.21
C CYS B 10 -5.15 -16.63 -17.22
N TYR B 11 -4.88 -15.64 -16.33
CA TYR B 11 -5.34 -14.30 -16.66
C TYR B 11 -4.18 -13.51 -17.21
N PRO B 12 -4.25 -12.95 -18.41
CA PRO B 12 -5.48 -12.87 -19.17
C PRO B 12 -5.65 -13.79 -20.36
N LEU B 13 -4.92 -14.88 -20.49
CA LEU B 13 -5.19 -15.78 -21.64
C LEU B 13 -6.66 -16.11 -21.80
N PHE B 14 -7.42 -16.41 -20.72
CA PHE B 14 -8.79 -16.90 -20.91
C PHE B 14 -9.74 -15.80 -21.29
N GLU B 15 -9.29 -14.55 -21.29
CA GLU B 15 -10.05 -13.49 -21.90
C GLU B 15 -10.03 -13.52 -23.43
N GLN B 16 -9.10 -14.19 -24.08
CA GLN B 16 -9.11 -14.20 -25.56
C GLN B 16 -10.37 -14.86 -26.13
N ASP B 17 -10.74 -14.40 -27.31
CA ASP B 17 -11.89 -14.86 -28.06
C ASP B 17 -12.11 -16.37 -28.06
N GLU B 18 -11.10 -17.14 -28.47
CA GLU B 18 -11.19 -18.59 -28.53
C GLU B 18 -11.67 -19.24 -27.24
N TYR B 19 -11.29 -18.72 -26.08
CA TYR B 19 -11.68 -19.26 -24.79
C TYR B 19 -13.04 -18.76 -24.39
N GLN B 20 -13.39 -17.52 -24.78
CA GLN B 20 -14.72 -16.99 -24.46
C GLN B 20 -15.80 -17.82 -25.16
N GLU B 21 -15.44 -18.26 -26.36
CA GLU B 21 -16.27 -19.15 -27.20
C GLU B 21 -16.32 -20.58 -26.62
N LEU B 22 -15.14 -21.03 -26.18
CA LEU B 22 -15.08 -22.34 -25.51
C LEU B 22 -16.00 -22.23 -24.30
N PHE B 23 -15.92 -21.11 -23.52
CA PHE B 23 -16.85 -21.12 -22.39
C PHE B 23 -18.32 -21.06 -22.80
N ARG B 24 -18.64 -20.23 -23.79
CA ARG B 24 -20.03 -20.21 -24.31
C ARG B 24 -20.49 -21.61 -24.66
N ASN B 25 -19.71 -22.42 -25.35
CA ASN B 25 -20.08 -23.79 -25.72
C ASN B 25 -20.23 -24.74 -24.55
N LYS B 26 -19.29 -24.68 -23.58
CA LYS B 26 -19.42 -25.58 -22.41
C LYS B 26 -20.65 -25.32 -21.60
N ARG B 27 -21.04 -24.05 -21.43
CA ARG B 27 -22.22 -23.71 -20.65
C ARG B 27 -23.47 -24.38 -21.18
N GLN B 28 -23.61 -24.63 -22.47
CA GLN B 28 -24.81 -25.32 -22.93
C GLN B 28 -24.89 -26.74 -22.37
N LEU B 29 -23.76 -27.32 -21.94
CA LEU B 29 -23.72 -28.64 -21.38
C LEU B 29 -23.81 -28.75 -19.86
N GLU B 30 -24.00 -27.64 -19.14
CA GLU B 30 -24.04 -27.71 -17.68
C GLU B 30 -25.44 -27.59 -17.11
N GLU B 31 -26.41 -27.35 -18.00
CA GLU B 31 -27.75 -26.94 -17.62
C GLU B 31 -27.75 -25.79 -16.59
N ALA B 32 -27.03 -24.74 -16.97
CA ALA B 32 -26.86 -23.53 -16.16
C ALA B 32 -28.18 -22.83 -15.91
N HIS B 33 -28.35 -22.29 -14.71
CA HIS B 33 -29.52 -21.43 -14.53
C HIS B 33 -29.35 -20.18 -15.40
N ASP B 34 -30.50 -19.64 -15.80
CA ASP B 34 -30.51 -18.42 -16.60
C ASP B 34 -29.70 -17.29 -15.98
N ALA B 35 -28.88 -16.57 -16.73
CA ALA B 35 -28.11 -15.46 -16.15
C ALA B 35 -29.00 -14.52 -15.36
N GLN B 36 -30.19 -14.21 -15.87
CA GLN B 36 -31.11 -13.36 -15.14
C GLN B 36 -31.54 -13.88 -13.79
N ARG B 37 -31.79 -15.20 -13.74
CA ARG B 37 -32.12 -15.82 -12.44
C ARG B 37 -30.94 -15.70 -11.47
N VAL B 38 -29.73 -16.00 -11.97
CA VAL B 38 -28.53 -15.83 -11.14
C VAL B 38 -28.40 -14.40 -10.60
N GLN B 39 -28.54 -13.40 -11.44
CA GLN B 39 -28.43 -12.02 -11.03
C GLN B 39 -29.51 -11.66 -10.03
N GLU B 40 -30.74 -12.14 -10.16
CA GLU B 40 -31.80 -11.96 -9.21
C GLU B 40 -31.40 -12.52 -7.85
N VAL B 41 -30.81 -13.70 -7.82
CA VAL B 41 -30.43 -14.37 -6.59
C VAL B 41 -29.21 -13.61 -6.04
N PHE B 42 -28.31 -13.18 -6.92
CA PHE B 42 -27.21 -12.38 -6.30
C PHE B 42 -27.77 -11.19 -5.56
N ALA B 43 -28.58 -10.41 -6.31
CA ALA B 43 -29.19 -9.19 -5.73
C ALA B 43 -29.87 -9.50 -4.41
N TRP B 44 -30.62 -10.57 -4.28
CA TRP B 44 -31.31 -10.96 -3.05
C TRP B 44 -30.37 -11.25 -1.88
N THR B 45 -29.23 -11.85 -2.17
CA THR B 45 -28.23 -12.16 -1.13
C THR B 45 -27.63 -10.84 -0.60
N THR B 46 -27.86 -9.70 -1.22
CA THR B 46 -27.29 -8.46 -0.71
C THR B 46 -28.28 -7.66 0.15
N THR B 47 -29.50 -8.16 0.29
CA THR B 47 -30.54 -7.42 1.02
C THR B 47 -30.63 -7.61 2.51
N ALA B 48 -31.45 -6.76 3.20
CA ALA B 48 -31.74 -7.00 4.63
C ALA B 48 -32.61 -8.24 4.87
N GLU B 49 -33.53 -8.49 3.91
CA GLU B 49 -34.35 -9.70 3.97
C GLU B 49 -33.45 -10.93 4.08
N TYR B 50 -32.44 -11.01 3.18
CA TYR B 50 -31.56 -12.18 3.24
C TYR B 50 -30.74 -12.18 4.53
N GLU B 51 -30.28 -10.97 4.95
CA GLU B 51 -29.53 -10.89 6.18
C GLU B 51 -30.27 -11.44 7.41
N ALA B 52 -31.60 -11.28 7.38
CA ALA B 52 -32.42 -11.78 8.52
C ALA B 52 -32.43 -13.31 8.51
N LEU B 53 -32.54 -13.92 7.32
CA LEU B 53 -32.49 -15.36 7.18
C LEU B 53 -31.11 -15.90 7.56
N ASN B 54 -30.10 -15.16 7.09
CA ASN B 54 -28.69 -15.57 7.38
C ASN B 54 -28.40 -15.60 8.85
N PHE B 55 -28.93 -14.62 9.62
CA PHE B 55 -28.74 -14.54 11.05
C PHE B 55 -29.69 -15.44 11.84
N ARG B 56 -30.44 -16.29 11.17
CA ARG B 56 -31.26 -17.28 11.87
C ARG B 56 -30.54 -18.60 11.83
N ARG B 57 -29.37 -18.68 11.16
CA ARG B 57 -28.66 -19.94 11.16
C ARG B 57 -28.29 -20.40 12.57
N GLU B 58 -28.38 -21.70 12.79
CA GLU B 58 -28.03 -22.35 14.05
C GLU B 58 -27.12 -23.55 13.89
N ALA B 59 -27.09 -24.06 12.65
CA ALA B 59 -26.38 -25.31 12.39
C ALA B 59 -25.31 -25.07 11.33
N LEU B 60 -25.61 -24.34 10.28
CA LEU B 60 -24.64 -24.20 9.19
C LEU B 60 -23.65 -23.05 9.47
N THR B 61 -22.40 -23.33 9.28
CA THR B 61 -21.31 -22.34 9.29
C THR B 61 -20.80 -22.22 7.86
N VAL B 62 -20.59 -20.99 7.38
CA VAL B 62 -20.16 -20.59 6.07
C VAL B 62 -18.97 -19.62 6.23
N ASP B 63 -17.82 -19.99 5.68
CA ASP B 63 -16.62 -19.17 5.71
C ASP B 63 -16.18 -18.74 7.12
N PRO B 64 -15.89 -19.69 7.97
CA PRO B 64 -15.44 -19.43 9.34
C PRO B 64 -14.21 -18.52 9.41
N ALA B 65 -14.11 -17.80 10.53
CA ALA B 65 -12.96 -16.91 10.72
C ALA B 65 -12.17 -17.38 11.96
N LYS B 66 -11.80 -18.64 11.93
CA LYS B 66 -11.02 -19.24 13.03
C LYS B 66 -10.46 -20.56 12.56
N ALA B 67 -9.48 -21.14 13.24
CA ALA B 67 -8.94 -22.44 12.83
C ALA B 67 -9.01 -23.36 14.07
N CYS B 68 -8.34 -24.52 13.98
CA CYS B 68 -8.44 -25.47 15.08
C CYS B 68 -7.21 -25.43 15.97
N GLN B 69 -7.42 -25.94 17.20
CA GLN B 69 -6.41 -25.89 18.25
C GLN B 69 -4.99 -26.23 17.89
N PRO B 70 -4.66 -27.40 17.38
CA PRO B 70 -3.31 -27.81 17.08
C PRO B 70 -2.53 -26.83 16.21
N LEU B 71 -3.19 -26.01 15.34
CA LEU B 71 -2.43 -25.01 14.60
C LEU B 71 -1.72 -24.08 15.59
N GLY B 72 -2.46 -23.71 16.64
CA GLY B 72 -1.99 -22.81 17.67
C GLY B 72 -0.83 -23.45 18.44
N ALA B 73 -1.03 -24.73 18.78
CA ALA B 73 0.01 -25.49 19.48
C ALA B 73 1.30 -25.56 18.71
N VAL B 74 1.17 -25.81 17.40
CA VAL B 74 2.36 -25.83 16.53
C VAL B 74 3.06 -24.46 16.63
N LEU B 75 2.34 -23.36 16.45
CA LEU B 75 3.01 -22.06 16.50
C LEU B 75 3.71 -21.79 17.86
N CYS B 76 3.04 -22.09 18.94
CA CYS B 76 3.66 -21.96 20.28
C CYS B 76 4.97 -22.73 20.38
N SER B 77 4.99 -23.97 19.91
CA SER B 77 6.08 -24.91 19.91
C SER B 77 7.28 -24.48 19.09
N LEU B 78 6.99 -23.86 17.93
CA LEU B 78 8.07 -23.35 17.10
C LEU B 78 8.88 -22.28 17.80
N GLY B 79 8.32 -21.57 18.76
CA GLY B 79 8.98 -20.48 19.44
C GLY B 79 9.97 -20.90 20.50
N PHE B 80 10.22 -22.21 20.63
CA PHE B 80 11.19 -22.68 21.65
C PHE B 80 12.45 -23.23 20.99
N ALA B 81 13.64 -23.00 21.56
CA ALA B 81 14.88 -23.39 20.95
C ALA B 81 15.01 -24.91 20.71
N ASN B 82 15.44 -25.26 19.51
CA ASN B 82 15.66 -26.62 19.07
C ASN B 82 14.49 -27.54 19.32
N THR B 83 13.30 -27.03 19.04
CA THR B 83 12.09 -27.78 19.24
C THR B 83 11.48 -28.22 17.91
N LEU B 84 10.94 -29.42 17.97
CA LEU B 84 10.22 -29.99 16.84
C LEU B 84 8.79 -30.23 17.23
N PRO B 85 7.87 -29.45 16.65
CA PRO B 85 6.44 -29.71 16.82
C PRO B 85 6.13 -31.13 16.33
N TYR B 86 5.34 -31.85 17.10
CA TYR B 86 4.93 -33.24 16.85
C TYR B 86 3.46 -33.36 17.14
N VAL B 87 2.62 -33.81 16.21
CA VAL B 87 1.20 -33.83 16.49
C VAL B 87 0.76 -35.28 16.45
N HIS B 88 0.40 -35.75 17.63
CA HIS B 88 0.00 -37.17 17.74
C HIS B 88 -1.40 -37.29 17.19
N GLY B 89 -1.63 -38.20 16.23
CA GLY B 89 -2.92 -38.24 15.54
C GLY B 89 -2.75 -38.52 14.04
N SER B 90 -3.67 -37.94 13.24
CA SER B 90 -3.60 -38.34 11.79
C SER B 90 -2.77 -37.37 10.97
N GLN B 91 -2.07 -37.84 9.93
CA GLN B 91 -1.09 -37.08 9.18
C GLN B 91 -1.70 -36.01 8.26
N GLY B 92 -2.98 -36.08 7.89
CA GLY B 92 -3.63 -35.04 7.14
C GLY B 92 -3.62 -33.63 7.73
N CYS B 93 -3.61 -33.65 9.03
CA CYS B 93 -3.68 -32.42 9.83
C CYS B 93 -2.35 -31.68 9.63
N VAL B 94 -1.27 -32.39 9.86
CA VAL B 94 0.09 -31.87 9.78
C VAL B 94 0.43 -31.37 8.38
N ALA B 95 -0.09 -32.03 7.33
CA ALA B 95 0.17 -31.46 6.00
C ALA B 95 -0.50 -30.05 5.94
N TYR B 96 -1.74 -30.02 6.42
CA TYR B 96 -2.51 -28.77 6.41
C TYR B 96 -1.89 -27.70 7.32
N PHE B 97 -1.38 -28.06 8.50
CA PHE B 97 -0.83 -27.03 9.39
C PHE B 97 0.43 -26.45 8.73
N ARG B 98 1.29 -27.26 8.09
CA ARG B 98 2.52 -26.78 7.50
C ARG B 98 2.26 -25.86 6.26
N THR B 99 1.34 -26.28 5.45
CA THR B 99 0.85 -25.53 4.33
C THR B 99 0.34 -24.16 4.76
N TYR B 100 -0.44 -24.16 5.80
CA TYR B 100 -1.16 -22.93 6.16
C TYR B 100 -0.11 -21.91 6.57
N PHE B 101 0.83 -22.31 7.42
CA PHE B 101 1.87 -21.37 7.80
C PHE B 101 2.83 -21.09 6.65
N ASN B 102 3.17 -22.07 5.80
CA ASN B 102 4.05 -21.84 4.69
C ASN B 102 3.49 -20.63 3.85
N ARG B 103 2.19 -20.68 3.59
CA ARG B 103 1.63 -19.65 2.73
C ARG B 103 1.55 -18.29 3.41
N HIS B 104 1.46 -18.19 4.74
CA HIS B 104 1.41 -16.93 5.43
C HIS B 104 2.83 -16.35 5.60
N PHE B 105 3.74 -17.18 6.08
CA PHE B 105 5.09 -16.66 6.36
C PHE B 105 6.05 -16.71 5.20
N LYS B 106 5.74 -17.47 4.15
CA LYS B 106 6.57 -17.76 2.99
C LYS B 106 7.85 -18.41 3.54
N GLU B 107 7.70 -19.32 4.47
CA GLU B 107 8.94 -19.89 5.02
C GLU B 107 8.67 -21.38 5.23
N PRO B 108 9.70 -22.19 5.43
CA PRO B 108 9.56 -23.60 5.74
C PRO B 108 8.98 -23.77 7.14
N ILE B 109 8.28 -24.83 7.40
CA ILE B 109 7.66 -25.04 8.69
C ILE B 109 7.90 -26.52 9.05
N ALA B 110 8.60 -26.78 10.16
CA ALA B 110 8.86 -28.16 10.57
C ALA B 110 7.80 -28.60 11.58
N CYS B 111 7.16 -29.67 11.24
CA CYS B 111 6.15 -30.29 12.08
C CYS B 111 6.15 -31.80 11.71
N VAL B 112 5.85 -32.71 12.64
CA VAL B 112 5.82 -34.13 12.26
C VAL B 112 4.53 -34.73 12.80
N SER B 113 4.04 -35.79 12.20
CA SER B 113 2.85 -36.52 12.65
C SER B 113 3.34 -37.94 13.08
N ASP B 114 2.50 -38.71 13.78
CA ASP B 114 2.91 -40.12 13.97
C ASP B 114 1.97 -41.01 13.13
N SER B 115 1.29 -40.33 12.22
CA SER B 115 0.49 -41.07 11.22
C SER B 115 -0.46 -42.11 11.74
N MET B 116 -1.33 -41.80 12.71
CA MET B 116 -2.33 -42.68 13.22
C MET B 116 -3.45 -43.01 12.25
N THR B 117 -3.69 -44.34 12.13
CA THR B 117 -4.59 -44.76 11.02
C THR B 117 -5.68 -45.59 11.67
N GLU B 118 -6.47 -46.37 10.96
CA GLU B 118 -7.57 -47.15 11.50
C GLU B 118 -7.27 -48.15 12.60
N ASP B 119 -6.10 -48.74 12.56
CA ASP B 119 -5.54 -49.51 13.67
C ASP B 119 -5.55 -48.78 15.00
N ALA B 120 -5.41 -47.44 15.12
CA ALA B 120 -5.50 -46.88 16.48
C ALA B 120 -6.81 -46.63 17.16
N ALA B 121 -8.01 -46.84 16.62
CA ALA B 121 -9.25 -46.57 17.33
C ALA B 121 -9.61 -47.70 18.29
N VAL B 122 -9.10 -48.87 17.87
CA VAL B 122 -9.17 -50.07 18.68
C VAL B 122 -7.88 -50.22 19.49
N PHE B 123 -6.70 -49.93 18.93
CA PHE B 123 -5.54 -50.28 19.77
C PHE B 123 -4.96 -49.11 20.53
N GLY B 124 -5.39 -47.88 20.25
CA GLY B 124 -4.77 -46.73 20.95
C GLY B 124 -3.55 -46.38 20.10
N GLY B 125 -2.94 -45.20 20.31
CA GLY B 125 -1.81 -44.92 19.42
C GLY B 125 -0.47 -44.98 20.10
N ASN B 126 -0.30 -45.91 21.05
CA ASN B 126 0.96 -45.97 21.79
C ASN B 126 2.11 -46.42 20.90
N ASN B 127 1.82 -47.34 19.96
CA ASN B 127 2.85 -47.80 19.06
C ASN B 127 3.29 -46.64 18.15
N ASN B 128 2.30 -45.91 17.61
CA ASN B 128 2.64 -44.76 16.78
C ASN B 128 3.59 -43.83 17.55
N MET B 129 3.24 -43.53 18.80
CA MET B 129 4.03 -42.60 19.59
C MET B 129 5.45 -43.08 19.82
N ASN B 130 5.59 -44.36 20.14
CA ASN B 130 6.89 -44.96 20.42
C ASN B 130 7.79 -44.82 19.23
N LEU B 131 7.29 -45.32 18.07
CA LEU B 131 8.09 -45.19 16.86
C LEU B 131 8.25 -43.76 16.34
N GLY B 132 7.19 -42.96 16.50
CA GLY B 132 7.27 -41.60 15.98
C GLY B 132 8.39 -40.89 16.76
N LEU B 133 8.45 -41.07 18.10
CA LEU B 133 9.45 -40.28 18.84
C LEU B 133 10.82 -40.83 18.50
N GLN B 134 10.92 -42.13 18.38
CA GLN B 134 12.25 -42.65 17.92
C GLN B 134 12.67 -42.10 16.58
N ASN B 135 11.90 -42.27 15.49
CA ASN B 135 12.26 -41.70 14.20
C ASN B 135 12.44 -40.18 14.25
N ALA B 136 11.52 -39.37 14.80
CA ALA B 136 11.72 -37.93 14.80
C ALA B 136 13.08 -37.60 15.41
N SER B 137 13.43 -38.20 16.54
CA SER B 137 14.72 -37.98 17.14
C SER B 137 15.92 -38.24 16.25
N ALA B 138 15.84 -39.41 15.60
CA ALA B 138 16.95 -39.83 14.77
C ALA B 138 17.14 -38.94 13.55
N LEU B 139 16.05 -38.61 12.89
CA LEU B 139 16.17 -37.79 11.69
C LEU B 139 16.47 -36.34 12.01
N TYR B 140 15.69 -35.74 12.90
CA TYR B 140 15.77 -34.29 13.15
C TYR B 140 16.56 -33.84 14.33
N LYS B 141 16.96 -34.75 15.20
CA LYS B 141 17.75 -34.46 16.37
C LYS B 141 17.34 -33.26 17.20
N PRO B 142 16.10 -33.24 17.67
CA PRO B 142 15.66 -32.10 18.51
C PRO B 142 16.19 -32.27 19.92
N GLU B 143 16.12 -31.21 20.71
CA GLU B 143 16.33 -31.22 22.15
C GLU B 143 14.99 -31.30 22.86
N ILE B 144 13.92 -30.80 22.17
CA ILE B 144 12.57 -30.84 22.68
C ILE B 144 11.56 -31.28 21.61
N ILE B 145 10.66 -32.19 21.92
CA ILE B 145 9.62 -32.70 21.08
C ILE B 145 8.31 -32.35 21.78
N ALA B 146 7.66 -31.34 21.18
CA ALA B 146 6.46 -30.73 21.71
C ALA B 146 5.25 -31.40 21.12
N VAL B 147 4.54 -32.11 21.99
CA VAL B 147 3.47 -33.02 21.58
C VAL B 147 2.12 -32.42 21.80
N SER B 148 1.38 -32.22 20.70
CA SER B 148 -0.02 -31.88 20.72
C SER B 148 -0.79 -33.00 20.03
N THR B 149 -2.10 -32.86 19.82
CA THR B 149 -2.98 -33.91 19.31
C THR B 149 -4.00 -33.49 18.27
N THR B 150 -4.28 -34.42 17.35
CA THR B 150 -5.34 -34.18 16.38
C THR B 150 -6.66 -34.65 16.95
N CYS B 151 -7.77 -34.33 16.26
CA CYS B 151 -9.09 -34.67 16.81
C CYS B 151 -9.35 -36.19 16.87
N MET B 152 -8.71 -36.97 16.03
CA MET B 152 -8.85 -38.44 16.07
C MET B 152 -8.40 -38.92 17.44
N ALA B 153 -7.18 -38.52 17.85
CA ALA B 153 -6.57 -38.88 19.09
C ALA B 153 -7.36 -38.39 20.30
N GLU B 154 -7.93 -37.19 20.20
CA GLU B 154 -8.83 -36.72 21.24
C GLU B 154 -10.03 -37.63 21.39
N VAL B 155 -10.74 -37.99 20.33
CA VAL B 155 -11.91 -38.83 20.42
C VAL B 155 -11.56 -40.17 21.04
N ILE B 156 -10.44 -40.71 20.60
CA ILE B 156 -9.88 -41.97 21.01
C ILE B 156 -9.51 -41.97 22.48
N GLY B 157 -9.01 -40.86 23.00
CA GLY B 157 -8.73 -40.74 24.43
C GLY B 157 -7.33 -41.20 24.79
N ASP B 158 -6.39 -41.16 23.83
CA ASP B 158 -5.01 -41.56 24.13
C ASP B 158 -4.41 -40.73 25.27
N ASP B 159 -3.76 -41.38 26.23
CA ASP B 159 -3.13 -40.82 27.41
C ASP B 159 -1.69 -40.40 27.16
N LEU B 160 -1.48 -39.20 26.62
CA LEU B 160 -0.13 -38.79 26.22
C LEU B 160 0.88 -39.00 27.34
N GLN B 161 0.61 -38.50 28.53
CA GLN B 161 1.55 -38.60 29.61
C GLN B 161 2.05 -40.02 29.84
N ALA B 162 1.15 -40.98 29.77
CA ALA B 162 1.53 -42.39 29.89
C ALA B 162 2.40 -42.82 28.74
N PHE B 163 1.89 -42.59 27.51
CA PHE B 163 2.67 -43.05 26.36
C PHE B 163 4.08 -42.50 26.37
N ILE B 164 4.26 -41.21 26.75
CA ILE B 164 5.57 -40.59 26.76
C ILE B 164 6.46 -41.24 27.82
N ALA B 165 5.93 -41.55 28.99
CA ALA B 165 6.74 -42.20 30.04
C ALA B 165 7.09 -43.62 29.64
N ASN B 166 6.15 -44.32 28.97
CA ASN B 166 6.48 -45.61 28.37
C ASN B 166 7.50 -45.51 27.25
N ALA B 167 7.45 -44.47 26.37
CA ALA B 167 8.50 -44.36 25.37
C ALA B 167 9.88 -44.17 26.00
N LYS B 168 10.07 -43.42 27.07
CA LYS B 168 11.44 -43.22 27.58
C LYS B 168 11.94 -44.48 28.28
N LYS B 169 11.08 -45.13 29.05
CA LYS B 169 11.39 -46.33 29.81
C LYS B 169 11.77 -47.51 28.91
N ASP B 170 11.05 -47.63 27.77
CA ASP B 170 11.40 -48.66 26.79
C ASP B 170 12.54 -48.22 25.88
N GLY B 171 13.02 -46.98 25.95
CA GLY B 171 14.13 -46.54 25.14
C GLY B 171 13.85 -46.04 23.72
N PHE B 172 12.57 -45.80 23.42
CA PHE B 172 12.28 -45.28 22.03
C PHE B 172 12.91 -43.92 21.93
N VAL B 173 12.77 -43.11 22.97
CA VAL B 173 13.36 -41.77 22.97
C VAL B 173 14.25 -41.50 24.17
N ASP B 174 15.35 -40.80 23.93
CA ASP B 174 16.27 -40.51 25.01
C ASP B 174 15.61 -39.61 26.06
N SER B 175 16.05 -39.88 27.28
CA SER B 175 15.56 -39.35 28.52
C SER B 175 16.02 -37.91 28.68
N SER B 176 17.09 -37.45 28.05
CA SER B 176 17.47 -36.05 28.12
C SER B 176 16.74 -35.19 27.07
N ILE B 177 15.92 -35.76 26.21
CA ILE B 177 15.06 -35.00 25.30
C ILE B 177 13.80 -34.64 26.06
N ALA B 178 13.40 -33.37 26.02
CA ALA B 178 12.29 -32.95 26.84
C ALA B 178 11.02 -33.16 26.02
N VAL B 179 9.96 -33.68 26.61
CA VAL B 179 8.78 -33.94 25.78
C VAL B 179 7.51 -33.36 26.37
N PRO B 180 7.30 -32.04 26.26
CA PRO B 180 6.12 -31.40 26.80
C PRO B 180 4.92 -31.84 25.95
N HIS B 181 3.74 -31.89 26.53
CA HIS B 181 2.57 -32.39 25.82
C HIS B 181 1.40 -31.50 26.15
N ALA B 182 0.33 -31.58 25.35
CA ALA B 182 -0.91 -30.92 25.62
C ALA B 182 -2.02 -31.52 24.77
N HIS B 183 -3.15 -31.73 25.40
CA HIS B 183 -4.34 -32.13 24.64
C HIS B 183 -4.86 -30.89 23.91
N THR B 184 -5.02 -30.97 22.60
CA THR B 184 -5.49 -29.80 21.83
C THR B 184 -6.66 -30.20 20.96
N PRO B 185 -7.84 -30.41 21.52
CA PRO B 185 -9.01 -30.84 20.76
C PRO B 185 -9.51 -29.69 19.88
N SER B 186 -9.77 -30.05 18.63
CA SER B 186 -10.25 -29.12 17.62
C SER B 186 -11.71 -28.79 17.73
N PHE B 187 -12.50 -29.58 18.47
CA PHE B 187 -13.90 -29.33 18.68
C PHE B 187 -14.10 -28.49 19.95
N ILE B 188 -13.05 -27.96 20.56
CA ILE B 188 -13.14 -26.95 21.58
C ILE B 188 -12.35 -25.67 21.23
N GLY B 189 -13.01 -24.52 21.31
CA GLY B 189 -12.40 -23.19 21.13
C GLY B 189 -11.74 -23.03 19.78
N SER B 190 -10.46 -22.65 19.68
CA SER B 190 -9.89 -22.45 18.34
C SER B 190 -8.37 -22.51 18.40
N HIS B 191 -7.67 -22.13 17.31
CA HIS B 191 -6.21 -22.07 17.33
C HIS B 191 -5.66 -21.22 18.47
N VAL B 192 -6.33 -20.21 19.01
CA VAL B 192 -5.73 -19.47 20.14
C VAL B 192 -5.76 -20.33 21.40
N THR B 193 -6.75 -21.19 21.54
CA THR B 193 -6.85 -22.09 22.69
C THR B 193 -5.71 -23.07 22.69
N GLY B 194 -5.37 -23.61 21.52
CA GLY B 194 -4.29 -24.56 21.31
C GLY B 194 -2.95 -23.97 21.73
N TRP B 195 -2.74 -22.69 21.39
CA TRP B 195 -1.47 -22.03 21.76
C TRP B 195 -1.32 -21.99 23.28
N ASP B 196 -2.37 -21.53 23.95
CA ASP B 196 -2.41 -21.47 25.44
C ASP B 196 -2.29 -22.83 26.12
N ASN B 197 -3.00 -23.86 25.65
CA ASN B 197 -2.79 -25.24 26.15
C ASN B 197 -1.38 -25.76 25.91
N MET B 198 -0.77 -25.47 24.75
CA MET B 198 0.62 -25.83 24.54
C MET B 198 1.54 -25.10 25.51
N PHE B 199 1.31 -23.84 25.78
CA PHE B 199 2.15 -23.06 26.70
C PHE B 199 2.04 -23.65 28.12
N GLU B 200 0.86 -24.04 28.57
CA GLU B 200 0.73 -24.76 29.84
C GLU B 200 1.49 -26.08 29.86
N GLY B 201 1.56 -26.84 28.77
CA GLY B 201 2.43 -28.01 28.75
C GLY B 201 3.92 -27.71 28.94
N PHE B 202 4.44 -26.71 28.20
CA PHE B 202 5.82 -26.32 28.36
C PHE B 202 6.07 -25.91 29.83
N ALA B 203 5.20 -25.10 30.41
CA ALA B 203 5.45 -24.63 31.78
C ALA B 203 5.41 -25.82 32.75
N LYS B 204 4.55 -26.79 32.56
CA LYS B 204 4.55 -27.97 33.43
C LYS B 204 5.86 -28.73 33.28
N THR B 205 6.27 -28.97 32.04
CA THR B 205 7.45 -29.76 31.78
C THR B 205 8.71 -29.13 32.35
N PHE B 206 8.86 -27.80 32.34
CA PHE B 206 10.13 -27.19 32.72
C PHE B 206 10.06 -26.64 34.13
N THR B 207 8.87 -26.40 34.69
CA THR B 207 8.84 -25.73 35.99
C THR B 207 8.05 -26.44 37.06
N ALA B 208 7.30 -27.49 36.82
CA ALA B 208 6.48 -28.18 37.82
C ALA B 208 7.07 -28.23 39.24
N ASP B 209 8.30 -28.71 39.29
CA ASP B 209 8.88 -29.03 40.61
C ASP B 209 9.81 -27.95 41.11
N TYR B 210 9.80 -26.75 40.49
CA TYR B 210 10.77 -25.73 40.86
C TYR B 210 10.33 -24.88 42.06
N GLN B 211 11.27 -24.64 42.96
CA GLN B 211 11.09 -23.76 44.11
C GLN B 211 11.44 -22.34 43.69
N GLY B 212 10.52 -21.67 43.01
CA GLY B 212 10.75 -20.32 42.52
C GLY B 212 10.60 -19.23 43.54
N GLN B 213 11.09 -18.04 43.25
CA GLN B 213 11.04 -16.85 44.10
C GLN B 213 10.97 -15.63 43.18
N PRO B 214 9.77 -15.13 43.00
CA PRO B 214 9.55 -14.00 42.10
C PRO B 214 10.45 -12.87 42.52
N GLY B 215 11.22 -12.33 41.60
CA GLY B 215 12.06 -11.18 41.95
C GLY B 215 13.47 -11.56 42.28
N LYS B 216 13.74 -12.86 42.39
CA LYS B 216 15.10 -13.40 42.49
C LYS B 216 15.92 -12.94 41.28
N LEU B 217 15.24 -12.89 40.11
CA LEU B 217 15.87 -12.32 38.92
C LEU B 217 15.12 -11.04 38.64
N PRO B 218 15.77 -9.93 38.38
CA PRO B 218 15.14 -8.66 38.13
C PRO B 218 14.69 -8.54 36.68
N LYS B 219 13.93 -9.53 36.21
CA LYS B 219 13.57 -9.49 34.78
C LYS B 219 12.06 -9.58 34.68
N LEU B 220 11.49 -9.34 33.49
CA LEU B 220 10.08 -9.65 33.32
C LEU B 220 9.97 -10.73 32.23
N ASN B 221 8.99 -11.59 32.33
CA ASN B 221 8.77 -12.53 31.23
C ASN B 221 7.65 -11.88 30.41
N LEU B 222 7.63 -12.13 29.11
CA LEU B 222 6.50 -11.68 28.31
C LEU B 222 6.01 -12.91 27.53
N VAL B 223 4.73 -13.01 27.40
CA VAL B 223 4.03 -14.06 26.69
C VAL B 223 3.12 -13.36 25.68
N THR B 224 3.33 -13.67 24.40
CA THR B 224 2.56 -12.98 23.35
C THR B 224 1.22 -13.63 23.05
N GLY B 225 1.20 -14.98 23.17
CA GLY B 225 -0.04 -15.70 22.71
C GLY B 225 0.13 -15.86 21.17
N PHE B 226 -0.86 -16.39 20.49
CA PHE B 226 -0.82 -16.64 19.04
C PHE B 226 -0.62 -15.32 18.27
N GLU B 227 0.52 -15.10 17.63
CA GLU B 227 0.84 -13.80 17.03
C GLU B 227 1.68 -14.01 15.80
N THR B 228 1.26 -13.48 14.65
CA THR B 228 1.87 -13.88 13.38
C THR B 228 2.57 -12.74 12.67
N TYR B 229 2.91 -11.66 13.41
CA TYR B 229 3.66 -10.57 12.84
C TYR B 229 5.05 -10.56 13.49
N LEU B 230 6.11 -10.81 12.74
CA LEU B 230 7.46 -10.97 13.26
C LEU B 230 7.87 -9.74 14.04
N GLY B 231 7.45 -8.60 13.46
CA GLY B 231 7.71 -7.29 14.03
C GLY B 231 7.27 -7.13 15.47
N ASN B 232 6.20 -7.78 15.89
CA ASN B 232 5.71 -7.63 17.25
C ASN B 232 6.63 -8.31 18.27
N PHE B 233 7.24 -9.44 17.92
CA PHE B 233 8.28 -10.03 18.76
C PHE B 233 9.46 -9.09 18.85
N ARG B 234 9.84 -8.49 17.72
CA ARG B 234 11.05 -7.69 17.72
C ARG B 234 10.88 -6.37 18.46
N VAL B 235 9.73 -5.75 18.30
CA VAL B 235 9.50 -4.45 18.93
C VAL B 235 9.48 -4.59 20.45
N LEU B 236 8.93 -5.68 20.96
CA LEU B 236 8.93 -5.85 22.43
C LEU B 236 10.35 -5.96 22.97
N LYS B 237 11.22 -6.71 22.32
CA LYS B 237 12.62 -6.82 22.84
C LYS B 237 13.29 -5.47 22.77
N ARG B 238 13.11 -4.76 21.68
CA ARG B 238 13.65 -3.44 21.46
C ARG B 238 13.18 -2.45 22.53
N MET B 239 11.92 -2.33 22.85
CA MET B 239 11.44 -1.46 23.90
C MET B 239 11.99 -1.87 25.27
N MET B 240 12.03 -3.16 25.57
CA MET B 240 12.57 -3.61 26.85
C MET B 240 14.06 -3.26 27.00
N GLU B 241 14.81 -3.37 25.91
CA GLU B 241 16.22 -2.95 25.93
C GLU B 241 16.37 -1.46 26.11
N GLN B 242 15.45 -0.68 25.54
CA GLN B 242 15.47 0.75 25.77
C GLN B 242 15.14 1.09 27.21
N MET B 243 14.22 0.38 27.85
CA MET B 243 13.83 0.60 29.23
C MET B 243 14.98 0.15 30.15
N ALA B 244 15.87 -0.68 29.63
CA ALA B 244 16.99 -1.26 30.39
C ALA B 244 16.46 -2.29 31.35
N VAL B 245 15.39 -3.00 30.98
CA VAL B 245 14.79 -4.00 31.86
C VAL B 245 14.97 -5.36 31.24
N PRO B 246 15.71 -6.24 31.90
CA PRO B 246 15.96 -7.58 31.37
C PRO B 246 14.63 -8.26 31.09
N CYS B 247 14.59 -9.05 30.02
CA CYS B 247 13.30 -9.65 29.66
C CYS B 247 13.50 -10.92 28.86
N SER B 248 12.55 -11.84 28.92
CA SER B 248 12.59 -13.04 28.11
C SER B 248 11.16 -13.15 27.47
N LEU B 249 11.11 -13.33 26.15
CA LEU B 249 9.81 -13.70 25.56
C LEU B 249 9.69 -15.21 25.77
N LEU B 250 8.60 -15.73 26.27
CA LEU B 250 8.47 -17.17 26.44
C LEU B 250 7.63 -17.60 25.20
N SER B 251 8.27 -18.25 24.28
CA SER B 251 7.78 -18.65 22.97
C SER B 251 8.00 -17.46 22.02
N ASP B 252 9.11 -17.47 21.30
CA ASP B 252 9.43 -16.43 20.32
C ASP B 252 9.90 -17.10 19.04
N PRO B 253 9.04 -17.25 18.03
CA PRO B 253 9.39 -17.94 16.80
C PRO B 253 9.99 -17.04 15.74
N SER B 254 10.27 -15.80 16.06
CA SER B 254 10.64 -14.81 15.03
C SER B 254 11.91 -15.11 14.28
N GLU B 255 12.90 -15.74 14.92
CA GLU B 255 14.12 -16.16 14.29
C GLU B 255 13.91 -17.39 13.39
N VAL B 256 13.18 -18.40 13.87
CA VAL B 256 12.97 -19.59 13.05
C VAL B 256 11.99 -19.30 11.92
N LEU B 257 11.18 -18.29 11.97
CA LEU B 257 10.34 -17.91 10.83
C LEU B 257 11.03 -16.86 9.95
N ASP B 258 12.32 -16.57 10.11
CA ASP B 258 12.97 -15.57 9.29
C ASP B 258 14.44 -15.85 9.05
N THR B 259 14.72 -17.16 8.78
CA THR B 259 16.16 -17.49 8.61
C THR B 259 16.63 -16.90 7.28
N PRO B 260 17.90 -16.68 7.07
CA PRO B 260 18.39 -16.12 5.81
C PRO B 260 18.45 -17.13 4.68
N ALA B 261 18.35 -16.72 3.42
CA ALA B 261 18.55 -17.59 2.28
C ALA B 261 20.01 -17.49 1.86
N ASP B 262 20.86 -18.28 2.50
CA ASP B 262 22.31 -18.09 2.31
C ASP B 262 22.98 -19.38 1.83
N GLY B 263 22.21 -20.38 1.42
CA GLY B 263 22.85 -21.59 0.89
C GLY B 263 22.65 -22.74 1.84
N HIS B 264 22.16 -22.46 3.06
CA HIS B 264 21.87 -23.48 4.05
C HIS B 264 20.45 -23.44 4.58
N TYR B 265 19.91 -24.64 4.81
CA TYR B 265 18.63 -24.71 5.44
C TYR B 265 18.99 -24.93 6.93
N ARG B 266 18.37 -24.15 7.78
CA ARG B 266 18.48 -24.31 9.24
C ARG B 266 17.09 -24.56 9.75
N MET B 267 16.85 -25.76 10.29
CA MET B 267 15.56 -26.14 10.79
C MET B 267 15.32 -25.41 12.11
N TYR B 268 16.41 -25.16 12.84
CA TYR B 268 16.17 -24.56 14.15
C TYR B 268 16.95 -23.25 14.26
N SER B 269 16.38 -22.19 14.77
CA SER B 269 17.08 -20.92 14.94
C SER B 269 16.46 -20.11 16.07
N GLY B 270 17.29 -19.75 17.05
CA GLY B 270 16.88 -18.89 18.16
C GLY B 270 15.73 -19.45 18.95
N GLY B 271 14.77 -18.65 19.43
CA GLY B 271 13.67 -19.32 20.19
C GLY B 271 13.99 -19.28 21.69
N THR B 272 12.98 -19.42 22.50
CA THR B 272 13.15 -19.35 23.97
C THR B 272 14.03 -20.53 24.43
N THR B 273 15.11 -20.28 25.19
CA THR B 273 15.90 -21.41 25.65
C THR B 273 15.27 -22.12 26.85
N GLN B 274 15.69 -23.36 27.09
CA GLN B 274 15.23 -24.11 28.27
C GLN B 274 15.67 -23.33 29.53
N GLN B 275 16.86 -22.71 29.55
CA GLN B 275 17.25 -21.88 30.71
C GLN B 275 16.21 -20.80 31.01
N GLU B 276 15.86 -20.04 29.95
CA GLU B 276 14.83 -19.02 30.16
C GLU B 276 13.52 -19.53 30.72
N MET B 277 13.04 -20.69 30.31
CA MET B 277 11.79 -21.28 30.76
C MET B 277 11.91 -21.82 32.19
N LYS B 278 13.05 -22.43 32.47
CA LYS B 278 13.34 -22.99 33.79
C LYS B 278 13.45 -21.91 34.86
N GLU B 279 13.98 -20.74 34.51
CA GLU B 279 14.17 -19.64 35.44
C GLU B 279 12.96 -18.70 35.46
N ALA B 280 12.00 -18.91 34.54
CA ALA B 280 10.80 -18.12 34.46
C ALA B 280 10.07 -17.81 35.75
N PRO B 281 9.89 -18.73 36.69
CA PRO B 281 9.29 -18.48 37.99
C PRO B 281 10.07 -17.50 38.89
N ASP B 282 11.33 -17.26 38.69
CA ASP B 282 12.11 -16.30 39.47
C ASP B 282 12.04 -14.88 38.95
N ALA B 283 11.34 -14.66 37.81
CA ALA B 283 11.23 -13.28 37.32
C ALA B 283 10.37 -12.47 38.29
N ILE B 284 10.38 -11.16 38.19
CA ILE B 284 9.45 -10.34 38.99
C ILE B 284 8.02 -10.71 38.68
N ASP B 285 7.72 -10.68 37.36
CA ASP B 285 6.35 -11.03 36.98
C ASP B 285 6.41 -11.54 35.53
N THR B 286 5.25 -11.99 35.09
CA THR B 286 5.08 -12.46 33.70
C THR B 286 3.93 -11.66 33.10
N LEU B 287 4.19 -10.95 32.00
CA LEU B 287 3.08 -10.16 31.41
C LEU B 287 2.43 -10.90 30.25
N LEU B 288 1.12 -11.10 30.35
CA LEU B 288 0.32 -11.81 29.37
C LEU B 288 -0.33 -10.83 28.40
N LEU B 289 0.28 -10.73 27.20
CA LEU B 289 0.01 -9.59 26.31
C LEU B 289 -1.27 -9.77 25.49
N GLN B 290 -1.87 -10.95 25.47
CA GLN B 290 -3.18 -11.13 24.83
C GLN B 290 -4.02 -11.88 25.89
N PRO B 291 -4.59 -11.13 26.79
CA PRO B 291 -5.25 -11.64 27.99
C PRO B 291 -6.46 -12.48 27.79
N TRP B 292 -7.22 -12.21 26.71
CA TRP B 292 -8.41 -13.01 26.47
C TRP B 292 -8.07 -14.42 26.07
N GLN B 293 -6.94 -14.68 25.46
CA GLN B 293 -6.69 -16.09 25.08
C GLN B 293 -5.70 -16.72 26.05
N LEU B 294 -4.98 -15.96 26.87
CA LEU B 294 -4.00 -16.61 27.76
C LEU B 294 -4.55 -17.02 29.11
N LEU B 295 -5.56 -17.87 29.10
CA LEU B 295 -6.34 -18.27 30.27
C LEU B 295 -5.60 -19.24 31.18
N LYS B 296 -5.14 -20.36 30.60
CA LYS B 296 -4.35 -21.32 31.36
C LYS B 296 -2.96 -20.81 31.68
N SER B 297 -2.44 -19.92 30.81
CA SER B 297 -1.14 -19.32 31.09
C SER B 297 -1.26 -18.44 32.33
N LYS B 298 -2.42 -17.79 32.49
CA LYS B 298 -2.59 -16.95 33.69
C LYS B 298 -2.58 -17.84 34.94
N LYS B 299 -3.19 -19.00 34.89
CA LYS B 299 -3.16 -19.93 36.02
C LYS B 299 -1.74 -20.42 36.32
N VAL B 300 -0.94 -20.70 35.32
CA VAL B 300 0.47 -21.00 35.52
C VAL B 300 1.17 -19.88 36.27
N VAL B 301 1.06 -18.65 35.80
CA VAL B 301 1.81 -17.53 36.38
C VAL B 301 1.43 -17.35 37.86
N GLN B 302 0.14 -17.34 38.06
CA GLN B 302 -0.41 -17.09 39.38
C GLN B 302 -0.31 -18.29 40.30
N GLU B 303 -0.73 -19.44 39.82
CA GLU B 303 -0.86 -20.57 40.76
C GLU B 303 0.43 -21.36 40.88
N MET B 304 1.09 -21.63 39.75
CA MET B 304 2.35 -22.36 39.80
C MET B 304 3.49 -21.45 40.20
N TRP B 305 3.56 -20.27 39.54
CA TRP B 305 4.72 -19.43 39.80
C TRP B 305 4.50 -18.40 40.89
N ASN B 306 3.29 -18.23 41.46
CA ASN B 306 3.09 -17.24 42.51
C ASN B 306 3.50 -15.81 42.18
N GLN B 307 3.31 -15.39 40.92
CA GLN B 307 3.61 -14.06 40.42
C GLN B 307 2.27 -13.33 40.30
N PRO B 308 2.30 -12.01 40.28
CA PRO B 308 1.11 -11.20 40.19
C PRO B 308 0.29 -11.44 38.93
N ALA B 309 0.89 -11.74 37.79
CA ALA B 309 0.18 -11.70 36.50
C ALA B 309 -0.42 -10.32 36.30
N THR B 310 0.39 -9.26 36.47
CA THR B 310 -0.21 -7.93 36.37
C THR B 310 -1.04 -7.88 35.08
N GLU B 311 -2.21 -7.27 35.22
CA GLU B 311 -3.10 -7.31 34.04
C GLU B 311 -2.62 -6.28 33.05
N VAL B 312 -2.50 -6.65 31.78
CA VAL B 312 -2.13 -5.63 30.79
C VAL B 312 -3.00 -5.91 29.54
N ALA B 313 -3.36 -4.81 28.90
CA ALA B 313 -4.15 -4.96 27.64
C ALA B 313 -3.16 -5.23 26.52
N ILE B 314 -3.63 -5.69 25.38
CA ILE B 314 -2.73 -5.91 24.22
C ILE B 314 -2.17 -4.57 23.86
N PRO B 315 -0.86 -4.42 23.67
CA PRO B 315 -0.22 -3.12 23.49
C PRO B 315 -0.28 -2.56 22.07
N LEU B 316 -1.50 -2.38 21.60
CA LEU B 316 -1.89 -1.96 20.26
C LEU B 316 -2.46 -0.56 20.37
N GLY B 317 -1.76 0.43 19.90
CA GLY B 317 -2.25 1.81 19.91
C GLY B 317 -1.41 2.64 20.92
N LEU B 318 -1.75 3.92 20.96
CA LEU B 318 -1.06 4.86 21.85
C LEU B 318 -1.27 4.50 23.31
N ALA B 319 -2.53 4.50 23.74
CA ALA B 319 -2.87 4.38 25.15
C ALA B 319 -2.50 3.02 25.72
N ALA B 320 -2.60 1.95 24.91
CA ALA B 320 -2.24 0.64 25.48
C ALA B 320 -0.72 0.47 25.50
N THR B 321 0.01 1.13 24.63
CA THR B 321 1.49 1.13 24.74
C THR B 321 1.90 1.94 25.97
N ASP B 322 1.37 3.11 26.19
CA ASP B 322 1.64 3.89 27.43
C ASP B 322 1.45 3.04 28.67
N GLU B 323 0.32 2.31 28.72
CA GLU B 323 0.02 1.46 29.86
C GLU B 323 1.02 0.32 30.08
N LEU B 324 1.48 -0.28 28.99
CA LEU B 324 2.42 -1.37 29.09
C LEU B 324 3.74 -0.86 29.67
N LEU B 325 4.16 0.31 29.16
CA LEU B 325 5.42 0.93 29.59
C LEU B 325 5.39 1.40 31.05
N MET B 326 4.26 1.94 31.50
CA MET B 326 4.13 2.35 32.92
C MET B 326 4.13 1.12 33.81
N THR B 327 3.56 0.04 33.29
CA THR B 327 3.53 -1.23 34.01
C THR B 327 4.92 -1.79 34.13
N VAL B 328 5.74 -1.71 33.09
CA VAL B 328 7.10 -2.22 33.15
C VAL B 328 7.92 -1.34 34.10
N SER B 329 7.70 -0.06 34.02
CA SER B 329 8.38 0.89 34.92
C SER B 329 7.97 0.67 36.38
N GLN B 330 6.70 0.49 36.68
CA GLN B 330 6.22 0.24 38.02
C GLN B 330 6.81 -1.07 38.54
N LEU B 331 6.82 -2.13 37.69
CA LEU B 331 7.30 -3.41 38.22
C LEU B 331 8.82 -3.49 38.39
N SER B 332 9.61 -2.83 37.58
CA SER B 332 11.05 -2.87 37.57
C SER B 332 11.66 -1.75 38.41
N GLY B 333 10.90 -0.69 38.67
CA GLY B 333 11.47 0.50 39.28
C GLY B 333 12.33 1.36 38.39
N LYS B 334 12.37 1.12 37.08
CA LYS B 334 13.16 1.93 36.15
C LYS B 334 12.33 2.96 35.44
N PRO B 335 12.92 4.08 35.05
CA PRO B 335 12.19 5.14 34.36
C PRO B 335 11.88 4.79 32.91
N ILE B 336 10.82 5.42 32.37
CA ILE B 336 10.63 5.24 30.91
C ILE B 336 11.70 6.03 30.17
N ALA B 337 12.36 5.33 29.23
CA ALA B 337 13.42 5.91 28.44
C ALA B 337 13.00 7.10 27.60
N ASP B 338 13.90 8.06 27.50
CA ASP B 338 13.68 9.24 26.68
C ASP B 338 13.43 8.90 25.21
N ALA B 339 14.16 7.99 24.59
CA ALA B 339 13.89 7.63 23.20
C ALA B 339 12.49 7.03 23.03
N LEU B 340 11.93 6.42 24.10
CA LEU B 340 10.55 5.95 23.98
C LEU B 340 9.59 7.14 24.03
N THR B 341 9.81 8.11 24.92
CA THR B 341 9.05 9.35 24.94
C THR B 341 9.12 10.06 23.60
N LEU B 342 10.30 10.16 23.01
CA LEU B 342 10.42 10.73 21.66
C LEU B 342 9.59 9.99 20.57
N GLU B 343 9.61 8.67 20.59
CA GLU B 343 8.85 7.86 19.63
C GLU B 343 7.35 8.03 19.80
N ARG B 344 6.92 8.10 21.06
CA ARG B 344 5.54 8.34 21.44
C ARG B 344 5.11 9.70 20.86
N GLY B 345 5.95 10.73 21.03
CA GLY B 345 5.58 12.06 20.47
C GLY B 345 5.59 12.13 18.96
N ARG B 346 6.37 11.33 18.25
CA ARG B 346 6.32 11.26 16.78
C ARG B 346 5.06 10.54 16.33
N LEU B 347 4.59 9.58 17.11
CA LEU B 347 3.32 8.89 16.82
C LEU B 347 2.18 9.91 16.95
N VAL B 348 2.18 10.67 18.05
CA VAL B 348 1.16 11.71 18.26
C VAL B 348 1.15 12.73 17.13
N ASP B 349 2.33 13.14 16.70
CA ASP B 349 2.44 14.06 15.57
C ASP B 349 1.82 13.41 14.33
N MET B 350 2.06 12.12 14.03
CA MET B 350 1.39 11.45 12.91
C MET B 350 -0.10 11.45 13.01
N MET B 351 -0.63 11.22 14.20
CA MET B 351 -2.08 11.15 14.40
C MET B 351 -2.68 12.54 14.21
N LEU B 352 -2.01 13.56 14.78
CA LEU B 352 -2.45 14.96 14.48
C LEU B 352 -2.40 15.27 12.99
N ASP B 353 -1.30 15.06 12.29
CA ASP B 353 -1.20 15.30 10.85
C ASP B 353 -2.28 14.55 10.05
N SER B 354 -2.70 13.33 10.42
CA SER B 354 -3.64 12.58 9.58
C SER B 354 -5.07 12.55 10.08
N HIS B 355 -5.39 13.34 11.12
CA HIS B 355 -6.67 13.22 11.77
C HIS B 355 -7.83 13.58 10.87
N THR B 356 -7.68 14.58 10.00
CA THR B 356 -8.82 14.99 9.21
C THR B 356 -9.25 13.87 8.26
N TRP B 357 -8.33 13.12 7.67
CA TRP B 357 -8.83 12.02 6.80
C TRP B 357 -9.43 10.85 7.57
N LEU B 358 -9.07 10.61 8.84
CA LEU B 358 -9.66 9.46 9.52
C LEU B 358 -10.91 9.72 10.33
N HIS B 359 -11.05 10.95 10.79
CA HIS B 359 -12.13 11.25 11.72
C HIS B 359 -13.49 10.89 11.17
N GLY B 360 -14.20 9.98 11.87
CA GLY B 360 -15.57 9.74 11.41
C GLY B 360 -15.66 8.68 10.34
N LYS B 361 -14.50 8.10 9.98
CA LYS B 361 -14.55 6.99 9.05
C LYS B 361 -15.08 5.76 9.76
N LYS B 362 -15.91 5.02 9.05
CA LYS B 362 -16.51 3.81 9.56
C LYS B 362 -15.86 2.55 9.05
N PHE B 363 -15.52 1.68 10.01
CA PHE B 363 -14.86 0.43 9.73
C PHE B 363 -15.60 -0.81 10.20
N GLY B 364 -15.52 -1.86 9.42
CA GLY B 364 -15.95 -3.19 9.86
C GLY B 364 -14.65 -3.96 10.18
N LEU B 365 -14.59 -4.78 11.19
CA LEU B 365 -13.36 -5.54 11.43
C LEU B 365 -13.68 -6.90 12.03
N TYR B 366 -12.83 -7.89 11.74
CA TYR B 366 -12.96 -9.18 12.36
C TYR B 366 -11.55 -9.77 12.61
N GLY B 367 -11.58 -10.85 13.40
CA GLY B 367 -10.28 -11.44 13.74
C GLY B 367 -10.40 -12.15 15.10
N ASP B 368 -9.24 -12.41 15.69
CA ASP B 368 -9.21 -13.01 17.01
C ASP B 368 -9.61 -11.99 18.09
N PRO B 369 -10.11 -12.54 19.20
CA PRO B 369 -10.65 -11.68 20.27
C PRO B 369 -9.71 -10.59 20.76
N ASP B 370 -8.46 -10.94 21.12
CA ASP B 370 -7.55 -9.91 21.63
C ASP B 370 -7.23 -8.88 20.53
N PHE B 371 -6.90 -9.36 19.33
CA PHE B 371 -6.62 -8.47 18.20
C PHE B 371 -7.75 -7.49 17.95
N VAL B 372 -8.97 -8.00 17.81
CA VAL B 372 -10.15 -7.18 17.55
C VAL B 372 -10.44 -6.21 18.71
N MET B 373 -10.16 -6.59 19.95
CA MET B 373 -10.46 -5.61 21.00
C MET B 373 -9.42 -4.48 20.92
N GLY B 374 -8.16 -4.86 20.75
CA GLY B 374 -7.07 -3.88 20.70
C GLY B 374 -7.24 -2.93 19.50
N LEU B 375 -7.61 -3.48 18.34
CA LEU B 375 -7.75 -2.57 17.16
C LEU B 375 -8.98 -1.68 17.30
N THR B 376 -10.02 -2.23 17.90
CA THR B 376 -11.20 -1.39 18.18
C THR B 376 -10.86 -0.21 19.10
N ARG B 377 -10.12 -0.51 20.17
CA ARG B 377 -9.73 0.53 21.09
C ARG B 377 -8.98 1.65 20.40
N PHE B 378 -7.98 1.26 19.57
CA PHE B 378 -7.15 2.26 18.89
C PHE B 378 -7.94 3.00 17.83
N LEU B 379 -8.93 2.34 17.18
CA LEU B 379 -9.77 3.09 16.22
C LEU B 379 -10.57 4.20 16.93
N LEU B 380 -11.14 3.89 18.10
CA LEU B 380 -11.78 4.85 18.97
C LEU B 380 -10.86 5.98 19.39
N GLU B 381 -9.54 5.72 19.56
CA GLU B 381 -8.58 6.74 19.97
C GLU B 381 -8.28 7.68 18.83
N LEU B 382 -8.47 7.25 17.59
CA LEU B 382 -8.23 8.01 16.39
C LEU B 382 -9.50 8.77 15.97
N GLY B 383 -10.63 8.58 16.67
CA GLY B 383 -11.85 9.27 16.25
C GLY B 383 -12.51 8.60 15.03
N CYS B 384 -12.26 7.32 14.80
CA CYS B 384 -12.92 6.49 13.78
C CYS B 384 -14.03 5.68 14.45
N GLU B 385 -15.01 5.21 13.68
CA GLU B 385 -16.09 4.42 14.27
C GLU B 385 -16.00 2.97 13.79
N PRO B 386 -15.75 2.03 14.68
CA PRO B 386 -15.79 0.61 14.36
C PRO B 386 -17.25 0.20 14.40
N THR B 387 -17.98 0.32 13.30
CA THR B 387 -19.43 0.14 13.31
C THR B 387 -19.80 -1.33 13.31
N VAL B 388 -18.99 -2.21 12.77
CA VAL B 388 -19.29 -3.64 12.68
C VAL B 388 -18.07 -4.41 13.17
N ILE B 389 -18.20 -5.05 14.31
CA ILE B 389 -17.12 -5.73 14.97
C ILE B 389 -17.50 -7.19 15.19
N LEU B 390 -16.67 -8.05 14.60
CA LEU B 390 -16.95 -9.48 14.63
C LEU B 390 -15.77 -10.32 15.08
N SER B 391 -16.06 -11.29 15.95
CA SER B 391 -15.02 -12.29 16.32
C SER B 391 -15.72 -13.65 16.45
N HIS B 392 -15.38 -14.51 15.50
CA HIS B 392 -16.00 -15.86 15.43
C HIS B 392 -15.64 -16.66 16.65
N ASN B 393 -14.46 -16.44 17.23
CA ASN B 393 -14.06 -17.34 18.31
C ASN B 393 -14.19 -16.74 19.72
N ALA B 394 -14.71 -15.54 19.81
CA ALA B 394 -14.84 -14.78 21.04
C ALA B 394 -16.03 -15.25 21.86
N ASN B 395 -16.03 -14.98 23.17
CA ASN B 395 -17.16 -15.45 24.00
C ASN B 395 -18.00 -14.28 24.52
N LYS B 396 -19.03 -14.58 25.33
CA LYS B 396 -19.94 -13.57 25.85
C LYS B 396 -19.28 -12.62 26.84
N ARG B 397 -18.31 -13.06 27.65
CA ARG B 397 -17.58 -12.18 28.55
C ARG B 397 -16.81 -11.13 27.75
N TRP B 398 -16.20 -11.56 26.64
CA TRP B 398 -15.44 -10.68 25.78
C TRP B 398 -16.43 -9.73 25.13
N GLN B 399 -17.59 -10.25 24.74
CA GLN B 399 -18.61 -9.39 24.12
C GLN B 399 -19.09 -8.32 25.10
N LYS B 400 -19.36 -8.68 26.35
CA LYS B 400 -19.73 -7.71 27.37
C LYS B 400 -18.68 -6.62 27.58
N ALA B 401 -17.41 -6.97 27.69
CA ALA B 401 -16.35 -5.97 27.86
C ALA B 401 -16.21 -5.08 26.62
N MET B 402 -16.52 -5.57 25.43
CA MET B 402 -16.45 -4.83 24.20
C MET B 402 -17.55 -3.77 24.24
N ASN B 403 -18.78 -4.21 24.50
CA ASN B 403 -19.89 -3.26 24.58
C ASN B 403 -19.64 -2.21 25.67
N LYS B 404 -19.01 -2.57 26.76
CA LYS B 404 -18.64 -1.61 27.79
C LYS B 404 -17.70 -0.52 27.27
N MET B 405 -16.62 -0.93 26.60
CA MET B 405 -15.68 -0.01 26.00
C MET B 405 -16.35 0.91 24.99
N LEU B 406 -17.16 0.35 24.09
CA LEU B 406 -17.87 1.09 23.10
C LEU B 406 -18.91 2.07 23.63
N ASP B 407 -19.65 1.64 24.63
CA ASP B 407 -20.62 2.55 25.27
C ASP B 407 -19.96 3.71 26.03
N ALA B 408 -18.73 3.55 26.47
CA ALA B 408 -18.00 4.63 27.10
C ALA B 408 -17.48 5.65 26.15
N SER B 409 -17.29 5.40 24.85
CA SER B 409 -16.71 6.33 23.90
C SER B 409 -17.77 7.05 23.07
N PRO B 410 -17.41 8.28 22.69
CA PRO B 410 -18.22 9.07 21.78
C PRO B 410 -18.24 8.38 20.41
N TYR B 411 -17.17 7.67 20.04
CA TYR B 411 -17.03 7.02 18.76
C TYR B 411 -17.63 5.62 18.68
N GLY B 412 -18.19 5.07 19.76
CA GLY B 412 -18.76 3.72 19.72
C GLY B 412 -20.29 3.69 19.69
N ARG B 413 -20.92 4.82 19.40
CA ARG B 413 -22.38 4.89 19.47
C ARG B 413 -23.12 4.08 18.46
N ASP B 414 -22.54 3.81 17.28
CA ASP B 414 -23.31 3.07 16.28
C ASP B 414 -22.66 1.68 16.14
N SER B 415 -21.85 1.30 17.12
CA SER B 415 -21.11 0.04 16.95
C SER B 415 -21.89 -1.19 17.38
N GLU B 416 -21.81 -2.24 16.58
CA GLU B 416 -22.44 -3.53 16.83
C GLU B 416 -21.38 -4.62 16.89
N VAL B 417 -21.39 -5.36 17.98
CA VAL B 417 -20.46 -6.45 18.21
C VAL B 417 -21.12 -7.82 18.07
N PHE B 418 -20.48 -8.69 17.31
CA PHE B 418 -20.99 -10.01 16.99
C PHE B 418 -20.05 -11.12 17.38
N ILE B 419 -20.56 -12.10 18.12
CA ILE B 419 -19.67 -13.26 18.37
C ILE B 419 -20.30 -14.51 17.81
N ASN B 420 -19.49 -15.54 17.64
CA ASN B 420 -19.98 -16.80 17.09
C ASN B 420 -20.70 -16.62 15.76
N CYS B 421 -20.28 -15.68 14.95
CA CYS B 421 -20.80 -15.41 13.63
C CYS B 421 -19.59 -15.62 12.66
N ASP B 422 -19.91 -15.78 11.40
CA ASP B 422 -18.76 -16.11 10.48
C ASP B 422 -18.62 -15.10 9.41
N LEU B 423 -17.82 -15.35 8.32
CA LEU B 423 -17.66 -14.32 7.31
C LEU B 423 -18.84 -14.24 6.34
N TRP B 424 -19.72 -15.23 6.29
CA TRP B 424 -20.94 -15.09 5.48
C TRP B 424 -21.90 -14.16 6.19
N HIS B 425 -21.83 -14.11 7.52
CA HIS B 425 -22.57 -13.10 8.31
C HIS B 425 -21.94 -11.72 8.10
N PHE B 426 -20.60 -11.71 8.07
CA PHE B 426 -19.87 -10.47 7.87
C PHE B 426 -20.20 -9.86 6.51
N ARG B 427 -20.38 -10.70 5.49
CA ARG B 427 -20.71 -10.29 4.14
C ARG B 427 -22.07 -9.60 4.10
N SER B 428 -23.08 -10.12 4.83
CA SER B 428 -24.34 -9.44 4.92
C SER B 428 -24.29 -8.11 5.68
N LEU B 429 -23.51 -8.07 6.76
CA LEU B 429 -23.33 -6.76 7.40
C LEU B 429 -22.60 -5.74 6.53
N MET B 430 -21.75 -6.18 5.61
CA MET B 430 -21.05 -5.16 4.80
C MET B 430 -22.03 -4.55 3.82
N PHE B 431 -23.01 -5.36 3.41
CA PHE B 431 -24.02 -4.87 2.49
C PHE B 431 -25.09 -4.05 3.21
N THR B 432 -25.40 -4.38 4.46
CA THR B 432 -26.48 -3.55 5.10
C THR B 432 -25.99 -2.40 5.93
N ARG B 433 -24.77 -2.47 6.49
CA ARG B 433 -24.32 -1.33 7.32
C ARG B 433 -23.32 -0.49 6.55
N GLN B 434 -22.80 -1.06 5.45
CA GLN B 434 -21.82 -0.43 4.63
C GLN B 434 -20.86 0.53 5.33
N PRO B 435 -19.87 -0.02 6.00
CA PRO B 435 -18.76 0.80 6.45
C PRO B 435 -17.97 1.32 5.25
N ASP B 436 -17.11 2.33 5.56
CA ASP B 436 -16.23 2.85 4.51
C ASP B 436 -15.26 1.74 4.10
N PHE B 437 -14.67 1.05 5.09
CA PHE B 437 -13.63 0.06 4.88
C PHE B 437 -13.78 -1.16 5.81
N MET B 438 -13.20 -2.30 5.41
CA MET B 438 -13.16 -3.42 6.33
C MET B 438 -11.72 -3.78 6.64
N ILE B 439 -11.51 -4.18 7.89
CA ILE B 439 -10.18 -4.67 8.29
C ILE B 439 -10.23 -6.16 8.55
N GLY B 440 -9.36 -6.93 7.89
CA GLY B 440 -9.49 -8.39 8.07
C GLY B 440 -8.32 -9.11 7.37
N ASN B 441 -8.41 -10.42 7.23
CA ASN B 441 -7.35 -11.23 6.61
C ASN B 441 -7.71 -11.47 5.15
N SER B 442 -6.94 -12.26 4.42
CA SER B 442 -7.15 -12.45 2.99
C SER B 442 -8.54 -12.97 2.64
N TYR B 443 -9.22 -13.71 3.51
CA TYR B 443 -10.60 -14.15 3.21
C TYR B 443 -11.57 -13.02 3.00
N GLY B 444 -11.26 -11.85 3.56
CA GLY B 444 -12.07 -10.68 3.21
C GLY B 444 -12.02 -10.20 1.78
N LYS B 445 -11.15 -10.73 0.90
CA LYS B 445 -11.09 -10.23 -0.48
C LYS B 445 -12.36 -10.66 -1.20
N PHE B 446 -12.87 -11.83 -0.79
CA PHE B 446 -14.12 -12.30 -1.41
C PHE B 446 -15.32 -11.44 -1.06
N ILE B 447 -15.32 -10.75 0.10
CA ILE B 447 -16.41 -9.85 0.44
C ILE B 447 -16.25 -8.56 -0.31
N GLN B 448 -14.96 -8.14 -0.50
CA GLN B 448 -14.74 -6.93 -1.25
C GLN B 448 -15.32 -7.11 -2.66
N ARG B 449 -14.93 -8.21 -3.29
CA ARG B 449 -15.42 -8.53 -4.63
C ARG B 449 -16.95 -8.57 -4.72
N ASP B 450 -17.63 -9.21 -3.78
CA ASP B 450 -19.10 -9.20 -3.71
C ASP B 450 -19.73 -7.82 -3.57
N THR B 451 -19.19 -6.92 -2.71
CA THR B 451 -19.74 -5.59 -2.59
C THR B 451 -19.46 -4.74 -3.84
N LEU B 452 -18.33 -4.98 -4.52
CA LEU B 452 -18.02 -4.29 -5.79
C LEU B 452 -18.99 -4.76 -6.90
N ALA B 453 -19.44 -6.01 -6.84
CA ALA B 453 -20.36 -6.50 -7.88
C ALA B 453 -21.73 -5.86 -7.78
N LYS B 454 -22.19 -5.51 -6.59
CA LYS B 454 -23.44 -4.75 -6.44
C LYS B 454 -23.31 -3.38 -7.07
N GLY B 455 -22.16 -2.72 -7.00
CA GLY B 455 -21.92 -1.48 -7.73
C GLY B 455 -20.64 -0.83 -7.20
N LYS B 456 -19.97 -0.02 -7.97
CA LYS B 456 -18.82 0.76 -7.48
C LYS B 456 -19.13 1.62 -6.27
N ALA B 457 -20.39 2.08 -6.14
CA ALA B 457 -20.86 2.87 -5.02
C ALA B 457 -20.94 2.10 -3.71
N PHE B 458 -21.02 0.77 -3.77
CA PHE B 458 -21.15 -0.07 -2.60
C PHE B 458 -19.90 -0.86 -2.21
N GLU B 459 -18.85 -0.68 -2.96
CA GLU B 459 -17.63 -1.49 -2.66
C GLU B 459 -17.11 -1.09 -1.30
N VAL B 460 -16.78 -2.07 -0.48
CA VAL B 460 -16.10 -1.93 0.81
C VAL B 460 -14.67 -2.51 0.68
N PRO B 461 -13.69 -1.65 0.56
CA PRO B 461 -12.29 -2.06 0.36
C PRO B 461 -11.70 -2.69 1.60
N LEU B 462 -10.92 -3.75 1.33
CA LEU B 462 -10.29 -4.47 2.43
C LEU B 462 -8.96 -3.82 2.83
N ILE B 463 -8.74 -3.67 4.11
CA ILE B 463 -7.43 -3.34 4.68
C ILE B 463 -6.91 -4.58 5.40
N ARG B 464 -5.75 -5.10 4.98
CA ARG B 464 -5.22 -6.38 5.41
C ARG B 464 -4.41 -6.25 6.70
N LEU B 465 -5.02 -6.66 7.79
CA LEU B 465 -4.37 -6.72 9.09
C LEU B 465 -4.92 -7.97 9.83
N GLY B 466 -4.04 -8.84 10.25
CA GLY B 466 -4.51 -10.09 10.83
C GLY B 466 -3.81 -11.31 10.25
N PHE B 467 -4.48 -12.44 10.27
CA PHE B 467 -3.92 -13.72 9.80
C PHE B 467 -5.08 -14.62 9.37
N PRO B 468 -4.89 -15.35 8.29
CA PRO B 468 -3.67 -15.32 7.48
C PRO B 468 -3.67 -14.23 6.42
N LEU B 469 -2.50 -13.88 5.88
CA LEU B 469 -2.37 -12.91 4.79
C LEU B 469 -1.67 -13.68 3.66
N PHE B 470 -2.44 -14.14 2.66
CA PHE B 470 -1.93 -15.06 1.69
C PHE B 470 -1.72 -14.48 0.26
N ASP B 471 -2.37 -13.35 0.06
CA ASP B 471 -2.47 -12.81 -1.31
C ASP B 471 -1.66 -11.54 -1.47
N ARG B 472 -0.81 -11.26 -0.44
CA ARG B 472 0.16 -10.17 -0.52
C ARG B 472 1.48 -10.75 0.03
N HIS B 473 2.62 -10.11 -0.21
CA HIS B 473 3.85 -10.71 0.30
C HIS B 473 4.52 -9.87 1.38
N HIS B 474 5.11 -10.57 2.34
CA HIS B 474 5.96 -9.96 3.37
C HIS B 474 5.23 -9.06 4.34
N LEU B 475 3.90 -9.11 4.41
CA LEU B 475 3.20 -8.36 5.43
C LEU B 475 3.46 -8.96 6.79
N HIS B 476 3.73 -10.25 6.89
CA HIS B 476 4.09 -10.83 8.17
C HIS B 476 5.35 -10.25 8.81
N ARG B 477 6.15 -9.48 8.10
CA ARG B 477 7.32 -8.81 8.67
C ARG B 477 7.00 -7.51 9.41
N GLN B 478 5.81 -6.96 9.25
CA GLN B 478 5.40 -5.70 9.85
C GLN B 478 5.23 -5.85 11.38
N THR B 479 5.06 -4.66 11.94
CA THR B 479 4.77 -4.51 13.39
C THR B 479 3.39 -3.91 13.55
N THR B 480 2.61 -4.37 14.51
CA THR B 480 1.36 -3.73 14.85
C THR B 480 1.27 -3.35 16.32
N TRP B 481 2.26 -3.79 17.15
CA TRP B 481 2.30 -3.42 18.54
C TRP B 481 3.27 -2.28 18.86
N GLY B 482 3.08 -1.66 20.02
CA GLY B 482 3.91 -0.54 20.44
C GLY B 482 3.64 0.74 19.64
N TYR B 483 4.50 1.73 19.85
CA TYR B 483 4.40 3.00 19.11
C TYR B 483 4.81 2.77 17.66
N GLU B 484 5.75 1.88 17.40
CA GLU B 484 6.19 1.61 16.03
C GLU B 484 5.05 0.93 15.27
N GLY B 485 4.38 0.01 15.96
CA GLY B 485 3.25 -0.65 15.32
C GLY B 485 2.07 0.29 15.07
N ALA B 486 1.80 1.18 16.04
CA ALA B 486 0.74 2.15 15.85
C ALA B 486 1.06 3.08 14.70
N MET B 487 2.32 3.47 14.51
CA MET B 487 2.66 4.25 13.32
C MET B 487 2.34 3.52 12.03
N ASN B 488 2.55 2.23 11.98
CA ASN B 488 2.22 1.41 10.81
C ASN B 488 0.70 1.37 10.60
N ILE B 489 -0.06 1.20 11.66
CA ILE B 489 -1.52 1.15 11.51
C ILE B 489 -2.06 2.52 11.04
N VAL B 490 -1.56 3.62 11.63
CA VAL B 490 -2.04 4.95 11.20
C VAL B 490 -1.72 5.21 9.74
N THR B 491 -0.48 4.92 9.33
CA THR B 491 -0.10 5.15 7.92
C THR B 491 -0.94 4.26 6.99
N THR B 492 -1.14 2.99 7.34
CA THR B 492 -1.99 2.11 6.52
C THR B 492 -3.40 2.63 6.40
N LEU B 493 -3.99 3.06 7.53
CA LEU B 493 -5.40 3.53 7.45
C LEU B 493 -5.52 4.78 6.60
N VAL B 494 -4.67 5.79 6.84
CA VAL B 494 -4.83 7.04 6.14
C VAL B 494 -4.50 6.83 4.67
N ASN B 495 -3.50 5.97 4.34
CA ASN B 495 -3.21 5.82 2.92
C ASN B 495 -4.30 4.99 2.22
N ALA B 496 -5.00 4.17 2.99
CA ALA B 496 -6.12 3.42 2.35
C ALA B 496 -7.21 4.44 1.97
N VAL B 497 -7.56 5.29 2.92
CA VAL B 497 -8.47 6.40 2.65
C VAL B 497 -8.04 7.21 1.43
N LEU B 498 -6.80 7.62 1.28
CA LEU B 498 -6.36 8.45 0.18
C LEU B 498 -6.26 7.61 -1.09
N GLU B 499 -5.99 6.33 -1.01
CA GLU B 499 -5.98 5.48 -2.22
C GLU B 499 -7.40 5.35 -2.83
N LYS B 500 -8.31 5.23 -1.88
CA LYS B 500 -9.72 5.07 -2.37
C LYS B 500 -10.24 6.36 -2.98
N LEU B 501 -9.90 7.48 -2.33
CA LEU B 501 -10.35 8.83 -2.73
C LEU B 501 -9.70 9.18 -4.08
N ASP B 502 -8.42 8.88 -4.22
CA ASP B 502 -7.80 9.01 -5.55
C ASP B 502 -8.52 8.16 -6.59
N SER B 503 -8.78 6.89 -6.30
CA SER B 503 -9.46 6.07 -7.30
C SER B 503 -10.80 6.63 -7.71
N ASP B 504 -11.63 7.08 -6.77
CA ASP B 504 -12.95 7.65 -7.01
C ASP B 504 -12.87 8.98 -7.74
N THR B 505 -11.75 9.72 -7.61
CA THR B 505 -11.68 11.01 -8.31
C THR B 505 -10.84 10.96 -9.57
N SER B 506 -10.50 9.76 -10.07
CA SER B 506 -9.55 9.66 -11.15
C SER B 506 -10.18 9.56 -12.54
N GLN B 507 -11.46 9.86 -12.64
CA GLN B 507 -12.17 9.76 -13.91
C GLN B 507 -12.08 11.07 -14.67
N LEU B 508 -11.19 11.11 -15.67
CA LEU B 508 -10.83 12.32 -16.40
C LEU B 508 -12.08 13.04 -16.90
N GLY B 509 -12.29 14.26 -16.47
CA GLY B 509 -13.45 15.03 -16.96
C GLY B 509 -14.75 14.86 -16.23
N LYS B 510 -14.82 13.95 -15.26
CA LYS B 510 -16.05 13.67 -14.55
C LYS B 510 -15.89 13.81 -13.06
N THR B 511 -14.97 13.07 -12.42
CA THR B 511 -14.80 13.24 -10.96
C THR B 511 -13.44 13.83 -10.63
N ASP B 512 -12.65 14.23 -11.64
CA ASP B 512 -11.27 14.63 -11.39
C ASP B 512 -11.11 16.09 -11.01
N TYR B 513 -12.22 16.80 -10.84
CA TYR B 513 -12.19 18.09 -10.20
C TYR B 513 -11.62 17.96 -8.79
N SER B 514 -11.82 16.82 -8.13
CA SER B 514 -11.26 16.66 -6.78
C SER B 514 -10.04 15.75 -6.74
N PHE B 515 -9.33 15.56 -7.84
CA PHE B 515 -8.14 14.71 -7.94
C PHE B 515 -6.90 15.50 -7.51
N ASP B 516 -6.91 15.94 -6.25
CA ASP B 516 -5.94 16.92 -5.78
C ASP B 516 -4.51 16.35 -5.78
N LEU B 517 -3.60 17.25 -6.07
CA LEU B 517 -2.18 16.87 -5.95
C LEU B 517 -1.81 16.70 -4.49
N VAL B 518 -2.22 17.64 -3.63
CA VAL B 518 -1.88 17.59 -2.22
C VAL B 518 -3.02 17.09 -1.35
N ARG B 519 -2.78 16.15 -0.46
CA ARG B 519 -3.77 15.64 0.49
C ARG B 519 -3.29 15.62 1.98
N THR C 1 -9.85 51.52 26.36
CA THR C 1 -10.34 50.17 25.87
C THR C 1 -10.75 49.34 27.07
N ASN C 2 -11.19 48.11 26.89
CA ASN C 2 -11.63 47.32 28.05
C ASN C 2 -10.43 46.58 28.60
N ALA C 3 -10.62 45.76 29.61
CA ALA C 3 -9.57 44.93 30.15
C ALA C 3 -8.92 44.11 29.02
N THR C 4 -9.76 43.53 28.13
CA THR C 4 -9.14 42.66 27.11
C THR C 4 -8.19 43.44 26.23
N GLY C 5 -8.65 44.62 25.82
CA GLY C 5 -7.85 45.53 25.01
C GLY C 5 -6.59 45.91 25.80
N GLU C 6 -6.64 46.09 27.12
CA GLU C 6 -5.42 46.44 27.82
C GLU C 6 -4.40 45.31 27.90
N ARG C 7 -4.90 44.10 28.16
CA ARG C 7 -4.01 42.93 28.15
C ARG C 7 -3.35 42.78 26.79
N ASN C 8 -4.13 43.05 25.73
CA ASN C 8 -3.59 42.93 24.37
C ASN C 8 -2.61 44.04 24.08
N LEU C 9 -2.83 45.32 24.50
CA LEU C 9 -1.77 46.32 24.29
C LEU C 9 -0.54 45.89 25.10
N ALA C 10 -0.65 45.32 26.29
CA ALA C 10 0.54 44.95 27.08
C ALA C 10 1.23 43.73 26.50
N LEU C 11 0.46 42.85 25.87
CA LEU C 11 1.07 41.71 25.16
C LEU C 11 1.90 42.18 23.96
N ILE C 12 1.42 43.17 23.24
CA ILE C 12 2.05 43.78 22.09
C ILE C 12 3.42 44.35 22.45
N GLN C 13 3.45 45.01 23.61
CA GLN C 13 4.73 45.59 24.03
C GLN C 13 5.70 44.45 24.31
N GLU C 14 5.23 43.45 25.06
CA GLU C 14 6.08 42.34 25.43
C GLU C 14 6.61 41.61 24.20
N VAL C 15 5.71 41.25 23.29
CA VAL C 15 6.18 40.54 22.08
C VAL C 15 7.21 41.30 21.31
N LEU C 16 7.05 42.64 21.17
CA LEU C 16 7.99 43.39 20.39
C LEU C 16 9.32 43.76 21.04
N GLU C 17 9.43 43.47 22.28
CA GLU C 17 10.68 43.73 23.00
C GLU C 17 11.88 43.04 22.36
N VAL C 18 11.78 41.84 21.82
CA VAL C 18 12.91 41.18 21.15
C VAL C 18 13.46 41.88 19.92
N PHE C 19 12.70 42.68 19.17
CA PHE C 19 13.20 43.29 17.96
C PHE C 19 14.20 44.44 18.10
N PRO C 20 15.16 44.48 17.19
CA PRO C 20 16.09 45.60 17.14
C PRO C 20 15.22 46.88 17.08
N GLU C 21 15.69 47.99 17.67
CA GLU C 21 14.83 49.15 17.87
C GLU C 21 14.27 49.81 16.62
N THR C 22 14.93 49.87 15.49
CA THR C 22 14.33 50.35 14.25
C THR C 22 13.15 49.47 13.83
N ALA C 23 13.32 48.15 13.86
CA ALA C 23 12.19 47.30 13.46
C ALA C 23 11.12 47.32 14.53
N ARG C 24 11.42 47.50 15.81
CA ARG C 24 10.41 47.43 16.83
C ARG C 24 9.38 48.54 16.62
N LYS C 25 9.98 49.70 16.29
CA LYS C 25 9.14 50.87 16.18
C LYS C 25 8.33 50.76 14.89
N GLU C 26 8.91 50.28 13.81
CA GLU C 26 8.09 50.02 12.61
C GLU C 26 7.02 48.98 12.93
N ARG C 27 7.25 47.85 13.61
CA ARG C 27 6.23 46.85 13.88
C ARG C 27 5.13 47.25 14.85
N ARG C 28 5.45 48.14 15.83
CA ARG C 28 4.39 48.71 16.64
C ARG C 28 3.27 49.30 15.83
N LYS C 29 3.42 49.84 14.65
CA LYS C 29 2.39 50.49 13.91
C LYS C 29 1.57 49.45 13.11
N HIS C 30 1.99 48.15 13.19
CA HIS C 30 1.23 47.15 12.44
C HIS C 30 0.25 46.40 13.32
N MET C 31 0.03 46.83 14.56
CA MET C 31 -0.90 46.15 15.44
C MET C 31 -1.71 47.12 16.31
N MET C 32 -2.96 46.77 16.55
CA MET C 32 -3.80 47.66 17.39
C MET C 32 -4.84 46.84 18.14
N VAL C 33 -5.69 47.47 18.95
CA VAL C 33 -6.77 46.73 19.63
C VAL C 33 -8.06 47.37 19.13
N SER C 34 -9.11 46.59 18.88
CA SER C 34 -10.23 47.17 18.14
C SER C 34 -11.10 47.99 19.10
N ASP C 35 -11.91 48.84 18.49
CA ASP C 35 -12.94 49.61 19.21
C ASP C 35 -14.18 49.57 18.32
N PRO C 36 -15.26 49.01 18.86
CA PRO C 36 -16.54 48.86 18.20
C PRO C 36 -17.15 50.17 17.73
N LYS C 37 -16.83 51.26 18.43
CA LYS C 37 -17.23 52.59 17.98
C LYS C 37 -16.61 53.00 16.65
N MET C 38 -15.34 52.66 16.47
CA MET C 38 -14.53 53.10 15.35
C MET C 38 -15.06 52.70 13.98
N LYS C 39 -15.10 53.64 13.04
CA LYS C 39 -15.55 53.29 11.69
C LYS C 39 -14.37 53.24 10.73
N SER C 40 -13.29 53.90 11.12
CA SER C 40 -12.12 53.96 10.26
C SER C 40 -10.90 53.69 11.11
N VAL C 41 -9.88 52.99 10.62
CA VAL C 41 -8.70 52.76 11.46
C VAL C 41 -7.86 54.02 11.61
N GLY C 42 -7.92 54.89 10.62
CA GLY C 42 -7.17 56.13 10.60
C GLY C 42 -5.66 55.93 10.72
N LYS C 43 -5.13 56.50 11.80
CA LYS C 43 -3.68 56.44 12.07
C LYS C 43 -3.32 55.24 12.91
N CYS C 44 -4.33 54.51 13.39
CA CYS C 44 -4.10 53.45 14.37
C CYS C 44 -3.35 52.23 13.85
N ILE C 45 -3.36 51.93 12.57
CA ILE C 45 -2.65 50.73 12.08
C ILE C 45 -2.07 51.08 10.74
N ILE C 46 -0.86 50.63 10.34
CA ILE C 46 -0.44 50.85 8.95
C ILE C 46 -0.33 49.48 8.28
N SER C 47 -0.33 49.42 6.98
CA SER C 47 -0.33 48.15 6.23
C SER C 47 0.08 48.35 4.78
N ASN C 48 0.26 47.23 4.04
CA ASN C 48 0.73 47.28 2.69
C ASN C 48 2.07 48.02 2.65
N ARG C 49 2.95 47.76 3.59
CA ARG C 49 4.31 48.25 3.59
C ARG C 49 5.28 47.10 3.32
N LYS C 50 6.52 47.40 2.92
CA LYS C 50 7.51 46.31 2.75
C LYS C 50 7.59 45.48 4.02
N SER C 51 7.97 44.21 3.88
CA SER C 51 8.27 43.41 5.06
C SER C 51 9.67 43.74 5.62
N GLN C 52 9.79 43.58 6.92
CA GLN C 52 11.08 43.65 7.60
C GLN C 52 11.96 42.50 7.17
N PRO C 53 13.16 42.72 6.69
CA PRO C 53 14.05 41.66 6.28
C PRO C 53 14.26 40.66 7.40
N GLY C 54 14.26 39.35 7.09
CA GLY C 54 14.83 38.40 8.05
C GLY C 54 13.93 37.94 9.16
N VAL C 55 12.64 38.31 9.08
CA VAL C 55 11.71 37.96 10.16
C VAL C 55 10.79 36.76 9.95
N MET C 56 10.89 36.11 8.81
CA MET C 56 10.04 34.96 8.51
C MET C 56 8.59 35.37 8.36
N THR C 57 8.37 36.29 7.44
CA THR C 57 6.99 36.67 7.09
C THR C 57 6.34 35.50 6.36
N VAL C 58 5.02 35.52 6.33
CA VAL C 58 4.23 34.52 5.60
C VAL C 58 3.97 34.96 4.17
N ARG C 59 4.25 36.24 3.87
CA ARG C 59 3.98 36.79 2.54
C ARG C 59 4.62 36.07 1.35
N GLY C 60 3.90 36.13 0.22
CA GLY C 60 4.49 35.67 -1.05
C GLY C 60 4.77 36.90 -1.93
N CYS C 61 4.86 36.73 -3.23
CA CYS C 61 5.27 37.73 -4.21
C CYS C 61 4.21 38.11 -5.22
N ALA C 62 4.54 39.06 -6.12
CA ALA C 62 3.55 39.53 -7.09
C ALA C 62 3.17 38.40 -8.05
N TYR C 63 4.20 37.59 -8.38
CA TYR C 63 3.95 36.44 -9.26
C TYR C 63 2.91 35.54 -8.65
N ALA C 64 2.92 35.30 -7.34
CA ALA C 64 1.93 34.41 -6.75
C ALA C 64 0.53 35.02 -6.89
N GLY C 65 0.48 36.35 -6.65
CA GLY C 65 -0.72 37.10 -6.71
C GLY C 65 -1.30 37.11 -8.13
N SER C 66 -0.45 37.22 -9.16
CA SER C 66 -0.95 37.21 -10.53
C SER C 66 -1.18 35.82 -11.15
N LYS C 67 -0.16 34.97 -11.12
CA LYS C 67 -0.26 33.65 -11.77
C LYS C 67 -1.07 32.74 -10.86
N GLY C 68 -0.63 32.74 -9.60
CA GLY C 68 -1.17 31.84 -8.62
C GLY C 68 -2.61 32.12 -8.28
N VAL C 69 -2.93 33.39 -8.04
CA VAL C 69 -4.29 33.70 -7.63
C VAL C 69 -5.25 34.03 -8.76
N VAL C 70 -4.93 35.04 -9.58
CA VAL C 70 -5.86 35.60 -10.55
C VAL C 70 -5.93 34.85 -11.85
N PHE C 71 -4.84 34.63 -12.57
CA PHE C 71 -4.87 33.99 -13.87
C PHE C 71 -4.80 32.48 -13.86
N GLY C 72 -4.05 31.91 -12.93
CA GLY C 72 -3.96 30.45 -12.76
C GLY C 72 -5.27 29.72 -12.92
N PRO C 73 -6.31 30.15 -12.23
CA PRO C 73 -7.60 29.46 -12.25
C PRO C 73 -8.34 29.43 -13.56
N ILE C 74 -8.08 30.32 -14.50
CA ILE C 74 -8.78 30.36 -15.79
C ILE C 74 -8.42 29.12 -16.59
N LYS C 75 -9.41 28.23 -16.67
CA LYS C 75 -9.16 26.89 -17.22
C LYS C 75 -8.90 26.76 -18.70
N ASP C 76 -9.45 27.67 -19.53
CA ASP C 76 -9.39 27.47 -20.99
C ASP C 76 -8.19 28.18 -21.57
N MET C 77 -7.33 28.75 -20.75
CA MET C 77 -6.14 29.46 -21.21
C MET C 77 -4.89 28.67 -20.75
N ALA C 78 -3.80 28.71 -21.48
CA ALA C 78 -2.59 28.10 -20.94
C ALA C 78 -1.77 29.21 -20.29
N HIS C 79 -1.22 29.07 -19.10
CA HIS C 79 -0.46 30.13 -18.46
C HIS C 79 1.03 29.75 -18.41
N ILE C 80 1.88 30.59 -18.97
CA ILE C 80 3.31 30.31 -19.13
C ILE C 80 4.06 31.01 -18.00
N SER C 81 4.75 30.19 -17.22
CA SER C 81 5.62 30.80 -16.19
C SER C 81 6.92 31.10 -16.95
N HIS C 82 7.13 32.36 -17.24
CA HIS C 82 8.29 32.81 -18.01
C HIS C 82 9.43 33.26 -17.12
N GLY C 83 10.43 32.37 -17.11
CA GLY C 83 11.62 32.49 -16.26
C GLY C 83 12.21 31.13 -15.91
N PRO C 84 13.02 31.03 -14.85
CA PRO C 84 13.60 29.77 -14.40
C PRO C 84 12.55 28.80 -13.90
N VAL C 85 12.85 27.51 -13.80
CA VAL C 85 11.89 26.48 -13.45
C VAL C 85 11.21 26.54 -12.09
N GLY C 86 11.73 27.16 -11.07
CA GLY C 86 11.20 27.05 -9.73
C GLY C 86 9.77 27.47 -9.51
N CYS C 87 9.47 28.74 -9.81
CA CYS C 87 8.20 29.35 -9.42
C CYS C 87 7.02 28.54 -9.90
N GLY C 88 7.06 28.06 -11.14
CA GLY C 88 5.89 27.35 -11.67
C GLY C 88 5.71 25.98 -11.01
N GLN C 89 6.84 25.38 -10.68
CA GLN C 89 6.87 24.07 -10.02
C GLN C 89 6.29 24.10 -8.64
N TYR C 90 6.75 25.06 -7.83
CA TYR C 90 6.22 25.17 -6.48
C TYR C 90 4.72 25.49 -6.52
N SER C 91 4.26 26.20 -7.55
CA SER C 91 2.86 26.68 -7.50
C SER C 91 1.99 25.72 -8.31
N ARG C 92 2.56 24.64 -8.80
CA ARG C 92 1.79 23.71 -9.65
C ARG C 92 0.75 22.98 -8.82
N ALA C 93 -0.55 23.22 -9.00
CA ALA C 93 -1.62 22.53 -8.31
C ALA C 93 -1.62 22.63 -6.79
N GLY C 94 -0.99 23.61 -6.16
CA GLY C 94 -1.03 23.76 -4.72
C GLY C 94 -2.36 24.36 -4.25
N ARG C 95 -2.93 25.21 -5.12
CA ARG C 95 -4.15 25.93 -4.71
C ARG C 95 -5.32 25.20 -5.31
N ARG C 96 -6.31 24.96 -4.51
CA ARG C 96 -7.49 24.17 -4.86
C ARG C 96 -8.54 25.02 -5.59
N ASN C 97 -8.13 25.55 -6.72
CA ASN C 97 -9.11 26.42 -7.44
C ASN C 97 -9.77 25.43 -8.42
N TYR C 98 -10.82 24.78 -7.95
CA TYR C 98 -11.52 23.75 -8.70
C TYR C 98 -12.03 24.15 -10.07
N TYR C 99 -11.96 23.19 -11.00
CA TYR C 99 -12.61 23.43 -12.28
C TYR C 99 -13.02 22.06 -12.81
N THR C 100 -13.85 22.10 -13.85
CA THR C 100 -14.17 20.86 -14.58
C THR C 100 -13.59 21.01 -15.97
N GLY C 101 -13.14 19.92 -16.55
CA GLY C 101 -12.59 20.00 -17.91
C GLY C 101 -11.70 18.77 -18.10
N VAL C 102 -11.17 18.63 -19.27
CA VAL C 102 -10.30 17.53 -19.68
C VAL C 102 -8.88 18.06 -19.69
N SER C 103 -8.24 17.81 -18.53
CA SER C 103 -6.86 18.34 -18.37
C SER C 103 -5.92 18.00 -19.49
N GLY C 104 -5.22 19.00 -20.04
CA GLY C 104 -4.24 18.98 -21.11
C GLY C 104 -4.82 19.00 -22.52
N VAL C 105 -6.14 19.01 -22.59
CA VAL C 105 -6.87 18.98 -23.85
C VAL C 105 -7.76 20.22 -23.99
N ASP C 106 -8.72 20.51 -23.12
CA ASP C 106 -9.50 21.72 -23.13
C ASP C 106 -9.35 22.53 -21.85
N SER C 107 -8.54 22.10 -20.90
CA SER C 107 -8.40 22.82 -19.62
C SER C 107 -6.94 22.62 -19.17
N PHE C 108 -6.23 23.62 -18.64
CA PHE C 108 -4.78 23.50 -18.57
C PHE C 108 -4.22 23.95 -17.23
N GLY C 109 -5.10 24.00 -16.23
CA GLY C 109 -4.76 24.56 -14.91
C GLY C 109 -3.77 23.79 -14.11
N THR C 110 -3.75 22.45 -14.20
CA THR C 110 -2.79 21.69 -13.42
C THR C 110 -1.52 21.37 -14.20
N LEU C 111 -1.42 21.89 -15.42
CA LEU C 111 -0.21 21.64 -16.19
C LEU C 111 0.73 22.79 -15.79
N ASN C 112 2.02 22.57 -15.78
CA ASN C 112 2.91 23.72 -15.50
C ASN C 112 3.63 24.06 -16.79
N PHE C 113 3.27 25.14 -17.47
CA PHE C 113 4.02 25.44 -18.72
C PHE C 113 5.16 26.40 -18.37
N THR C 114 6.40 26.17 -18.85
CA THR C 114 7.44 27.12 -18.43
C THR C 114 8.51 27.27 -19.50
N SER C 115 9.25 28.36 -19.50
CA SER C 115 10.33 28.55 -20.48
C SER C 115 11.65 28.21 -19.81
N ASP C 116 11.64 27.60 -18.64
CA ASP C 116 12.80 27.00 -18.01
C ASP C 116 14.12 27.69 -18.33
N PHE C 117 14.24 28.98 -17.99
CA PHE C 117 15.41 29.77 -18.30
C PHE C 117 16.72 29.13 -17.90
N GLN C 118 17.65 29.04 -18.88
CA GLN C 118 18.99 28.54 -18.47
C GLN C 118 19.95 29.73 -18.53
N GLU C 119 21.20 29.65 -18.08
CA GLU C 119 22.09 30.81 -18.18
C GLU C 119 22.15 31.45 -19.56
N ARG C 120 22.05 30.74 -20.70
CA ARG C 120 21.99 31.42 -22.00
C ARG C 120 20.84 32.42 -22.12
N ASP C 121 19.70 32.19 -21.50
CA ASP C 121 18.53 33.05 -21.59
C ASP C 121 18.69 34.32 -20.75
N ILE C 122 19.44 34.24 -19.68
CA ILE C 122 19.77 35.38 -18.86
C ILE C 122 20.78 36.21 -19.65
N VAL C 123 21.73 35.55 -20.31
CA VAL C 123 22.77 36.26 -21.03
C VAL C 123 22.27 36.95 -22.28
N PHE C 124 21.50 36.31 -23.13
CA PHE C 124 20.96 36.85 -24.36
C PHE C 124 19.48 37.14 -24.37
N GLY C 125 18.77 36.88 -23.30
CA GLY C 125 17.36 37.17 -23.18
C GLY C 125 16.51 36.00 -23.68
N GLY C 126 15.26 36.09 -23.31
CA GLY C 126 14.32 35.04 -23.60
C GLY C 126 13.22 35.43 -24.57
N ASP C 127 13.27 36.55 -25.27
CA ASP C 127 12.03 36.79 -26.08
C ASP C 127 11.96 35.85 -27.27
N LYS C 128 13.08 35.44 -27.86
CA LYS C 128 13.07 34.47 -28.94
C LYS C 128 12.64 33.08 -28.46
N LYS C 129 13.16 32.71 -27.26
CA LYS C 129 12.71 31.46 -26.69
C LYS C 129 11.19 31.56 -26.52
N LEU C 130 10.67 32.62 -25.95
CA LEU C 130 9.23 32.71 -25.70
C LEU C 130 8.37 32.60 -26.94
N SER C 131 8.79 33.33 -27.98
CA SER C 131 8.09 33.25 -29.27
C SER C 131 8.01 31.81 -29.78
N LYS C 132 9.14 31.10 -29.80
CA LYS C 132 9.18 29.68 -30.22
C LYS C 132 8.32 28.77 -29.34
N LEU C 133 8.41 29.04 -28.04
CA LEU C 133 7.59 28.34 -27.04
C LEU C 133 6.12 28.44 -27.39
N ILE C 134 5.64 29.64 -27.71
CA ILE C 134 4.22 29.87 -28.04
C ILE C 134 3.85 29.09 -29.30
N GLU C 135 4.74 28.99 -30.29
CA GLU C 135 4.52 28.20 -31.49
C GLU C 135 4.35 26.72 -31.14
N GLU C 136 5.22 26.21 -30.25
CA GLU C 136 5.16 24.80 -29.87
C GLU C 136 3.87 24.52 -29.10
N MET C 137 3.49 25.45 -28.23
CA MET C 137 2.28 25.35 -27.43
C MET C 137 1.01 25.23 -28.32
N GLU C 138 1.01 25.99 -29.39
CA GLU C 138 -0.17 26.04 -30.28
C GLU C 138 -0.35 24.73 -31.00
N LEU C 139 0.80 24.18 -31.38
CA LEU C 139 0.89 22.86 -32.02
C LEU C 139 0.41 21.76 -31.10
N LEU C 140 0.92 21.69 -29.87
CA LEU C 140 0.66 20.60 -28.92
C LEU C 140 -0.60 20.72 -28.11
N PHE C 141 -1.16 21.93 -27.97
CA PHE C 141 -2.33 22.28 -27.20
C PHE C 141 -3.24 23.14 -28.10
N PRO C 142 -3.88 22.53 -29.10
CA PRO C 142 -4.66 23.33 -30.07
C PRO C 142 -5.91 23.91 -29.53
N LEU C 143 -6.45 23.36 -28.45
CA LEU C 143 -7.75 23.83 -27.94
C LEU C 143 -7.72 24.97 -26.96
N THR C 144 -6.52 25.49 -26.64
CA THR C 144 -6.46 26.64 -25.75
C THR C 144 -7.38 27.74 -26.34
N LYS C 145 -7.86 28.60 -25.45
CA LYS C 145 -8.62 29.75 -26.01
C LYS C 145 -7.79 31.00 -26.05
N GLY C 146 -6.74 30.94 -25.21
CA GLY C 146 -5.89 32.11 -25.01
C GLY C 146 -4.67 31.66 -24.20
N ILE C 147 -3.69 32.55 -24.19
CA ILE C 147 -2.41 32.22 -23.57
C ILE C 147 -1.92 33.42 -22.74
N THR C 148 -1.48 33.19 -21.50
CA THR C 148 -0.89 34.27 -20.71
C THR C 148 0.57 33.99 -20.40
N ILE C 149 1.35 35.07 -20.25
CA ILE C 149 2.78 34.98 -19.96
C ILE C 149 3.00 35.61 -18.60
N GLN C 150 3.26 34.80 -17.56
CA GLN C 150 3.47 35.37 -16.21
C GLN C 150 4.97 35.56 -15.99
N SER C 151 5.44 36.80 -15.87
CA SER C 151 6.86 37.06 -15.71
C SER C 151 7.33 36.68 -14.30
N GLU C 152 8.47 36.04 -14.23
CA GLU C 152 9.14 35.73 -12.95
C GLU C 152 10.31 36.68 -12.81
N CYS C 153 10.90 36.84 -11.65
CA CYS C 153 11.95 37.77 -11.36
C CYS C 153 12.89 38.12 -12.48
N PRO C 154 13.64 37.20 -13.12
CA PRO C 154 14.62 37.63 -14.08
C PRO C 154 14.10 38.34 -15.33
N VAL C 155 12.87 38.19 -15.77
CA VAL C 155 12.40 38.71 -17.05
C VAL C 155 12.58 40.23 -17.14
N GLY C 156 12.03 40.91 -16.13
CA GLY C 156 12.11 42.35 -16.04
C GLY C 156 13.55 42.83 -15.88
N LEU C 157 14.30 42.19 -14.99
CA LEU C 157 15.68 42.60 -14.76
C LEU C 157 16.60 42.47 -15.96
N ILE C 158 16.30 41.64 -16.95
CA ILE C 158 17.26 41.45 -18.04
C ILE C 158 16.90 42.30 -19.26
N GLY C 159 15.74 42.94 -19.22
CA GLY C 159 15.34 43.89 -20.25
C GLY C 159 14.47 43.24 -21.32
N ASP C 160 13.81 42.15 -20.97
CA ASP C 160 13.01 41.47 -22.02
C ASP C 160 11.76 42.26 -22.35
N ASP C 161 11.26 42.16 -23.58
CA ASP C 161 10.02 42.88 -23.95
C ASP C 161 8.95 41.87 -24.34
N ILE C 162 8.24 41.29 -23.39
CA ILE C 162 7.22 40.29 -23.70
C ILE C 162 6.01 40.86 -24.43
N SER C 163 5.74 42.16 -24.35
CA SER C 163 4.57 42.76 -25.00
C SER C 163 4.72 42.73 -26.51
N ALA C 164 5.95 42.89 -27.01
CA ALA C 164 6.15 42.74 -28.45
C ALA C 164 5.88 41.28 -28.83
N VAL C 165 6.46 40.40 -28.00
CA VAL C 165 6.24 38.95 -28.31
C VAL C 165 4.75 38.68 -28.31
N ALA C 166 4.03 39.15 -27.28
CA ALA C 166 2.62 38.91 -27.15
C ALA C 166 1.82 39.44 -28.34
N ASN C 167 2.05 40.69 -28.71
CA ASN C 167 1.38 41.18 -29.93
C ASN C 167 1.74 40.32 -31.11
N ALA C 168 3.04 40.06 -31.28
CA ALA C 168 3.42 39.28 -32.47
C ALA C 168 2.77 37.89 -32.51
N SER C 169 2.82 37.15 -31.40
CA SER C 169 2.28 35.80 -31.39
C SER C 169 0.79 35.77 -31.61
N SER C 170 0.05 36.64 -30.93
CA SER C 170 -1.40 36.72 -31.04
C SER C 170 -1.91 36.83 -32.49
N LYS C 171 -1.19 37.61 -33.29
CA LYS C 171 -1.55 37.85 -34.68
C LYS C 171 -1.30 36.57 -35.46
N ALA C 172 -0.20 35.90 -35.08
CA ALA C 172 0.16 34.66 -35.78
C ALA C 172 -0.77 33.53 -35.35
N LEU C 173 -1.17 33.48 -34.10
CA LEU C 173 -2.06 32.46 -33.56
C LEU C 173 -3.54 32.72 -33.73
N ASP C 174 -3.88 34.00 -33.86
CA ASP C 174 -5.27 34.45 -33.85
C ASP C 174 -6.09 34.12 -32.61
N LYS C 175 -5.49 34.30 -31.42
CA LYS C 175 -6.02 34.13 -30.10
C LYS C 175 -5.29 35.11 -29.18
N PRO C 176 -5.95 35.61 -28.15
CA PRO C 176 -5.35 36.56 -27.21
C PRO C 176 -4.09 36.01 -26.59
N VAL C 177 -2.99 36.73 -26.59
CA VAL C 177 -1.75 36.27 -25.97
C VAL C 177 -1.40 37.44 -25.03
N ILE C 178 -1.52 37.23 -23.72
CA ILE C 178 -1.52 38.31 -22.75
C ILE C 178 -0.26 38.39 -21.91
N PRO C 179 0.41 39.54 -21.91
CA PRO C 179 1.67 39.71 -21.19
C PRO C 179 1.50 40.28 -19.80
N VAL C 180 2.03 39.62 -18.77
CA VAL C 180 1.89 40.10 -17.41
C VAL C 180 3.28 40.37 -16.84
N ARG C 181 3.49 41.60 -16.42
CA ARG C 181 4.75 41.97 -15.80
C ARG C 181 4.62 41.86 -14.28
N CYS C 182 4.44 40.61 -13.82
CA CYS C 182 4.21 40.33 -12.39
C CYS C 182 5.46 39.77 -11.70
N GLU C 183 6.64 40.26 -12.10
CA GLU C 183 7.88 39.82 -11.48
C GLU C 183 7.76 39.97 -9.98
N GLY C 184 8.34 38.97 -9.29
CA GLY C 184 8.09 38.78 -7.86
C GLY C 184 8.74 39.83 -6.99
N PHE C 185 9.74 40.53 -7.52
CA PHE C 185 10.34 41.58 -6.71
C PHE C 185 9.45 42.82 -6.72
N ARG C 186 8.49 42.94 -7.63
CA ARG C 186 7.64 44.14 -7.65
C ARG C 186 6.65 44.06 -6.48
N GLY C 187 6.37 45.24 -5.90
CA GLY C 187 5.41 45.27 -4.79
C GLY C 187 6.09 44.71 -3.52
N VAL C 188 5.28 44.36 -2.56
CA VAL C 188 5.65 44.03 -1.21
C VAL C 188 5.05 42.69 -0.77
N SER C 189 4.21 42.14 -1.64
CA SER C 189 3.46 40.93 -1.32
C SER C 189 2.68 40.43 -2.53
N GLN C 190 1.72 39.52 -2.30
CA GLN C 190 0.84 39.06 -3.36
C GLN C 190 0.02 40.23 -3.91
N SER C 191 -0.31 41.21 -3.06
CA SER C 191 -1.31 42.22 -3.43
C SER C 191 -1.03 42.95 -4.70
N LEU C 192 0.22 43.30 -4.98
CA LEU C 192 0.53 44.04 -6.20
C LEU C 192 0.38 43.17 -7.43
N GLY C 193 0.45 41.84 -7.29
CA GLY C 193 0.20 40.93 -8.40
C GLY C 193 -1.29 40.99 -8.69
N HIS C 194 -2.14 41.14 -7.69
CA HIS C 194 -3.57 41.23 -8.01
C HIS C 194 -3.83 42.42 -8.97
N HIS C 195 -3.28 43.54 -8.50
CA HIS C 195 -3.50 44.83 -9.16
C HIS C 195 -2.97 44.85 -10.57
N ILE C 196 -1.73 44.41 -10.76
CA ILE C 196 -1.14 44.20 -12.07
C ILE C 196 -2.04 43.31 -12.91
N ALA C 197 -2.54 42.20 -12.34
CA ALA C 197 -3.41 41.31 -13.08
C ALA C 197 -4.71 42.00 -13.48
N ASN C 198 -5.32 42.76 -12.59
CA ASN C 198 -6.56 43.47 -12.94
C ASN C 198 -6.34 44.46 -14.09
N ASP C 199 -5.25 45.22 -14.10
CA ASP C 199 -4.93 46.15 -15.17
C ASP C 199 -4.65 45.50 -16.52
N VAL C 200 -4.03 44.29 -16.49
CA VAL C 200 -3.87 43.49 -17.66
C VAL C 200 -5.23 43.05 -18.23
N VAL C 201 -6.15 42.72 -17.34
CA VAL C 201 -7.46 42.25 -17.78
C VAL C 201 -8.22 43.46 -18.37
N ARG C 202 -8.13 44.57 -17.69
CA ARG C 202 -8.66 45.83 -18.26
C ARG C 202 -8.09 46.13 -19.66
N ASP C 203 -6.79 45.94 -19.93
CA ASP C 203 -6.29 46.32 -21.24
C ASP C 203 -6.29 45.25 -22.31
N TRP C 204 -6.14 43.97 -21.96
CA TRP C 204 -5.92 42.94 -22.96
C TRP C 204 -7.07 41.99 -23.18
N ILE C 205 -8.05 42.00 -22.28
CA ILE C 205 -9.12 41.02 -22.37
C ILE C 205 -10.50 41.66 -22.46
N LEU C 206 -10.79 42.44 -21.43
CA LEU C 206 -12.15 42.93 -21.22
C LEU C 206 -12.83 43.58 -22.41
N ASN C 207 -12.13 44.33 -23.25
CA ASN C 207 -12.75 44.99 -24.39
C ASN C 207 -12.90 44.10 -25.61
N ASN C 208 -12.50 42.84 -25.59
CA ASN C 208 -12.43 42.04 -26.80
C ASN C 208 -13.78 41.88 -27.49
N ARG C 209 -14.88 41.96 -26.75
CA ARG C 209 -16.19 41.76 -27.33
C ARG C 209 -17.04 43.02 -27.43
N GLU C 210 -16.45 44.19 -27.15
CA GLU C 210 -17.19 45.45 -27.20
C GLU C 210 -17.85 45.57 -28.59
N GLY C 211 -19.16 45.87 -28.50
CA GLY C 211 -19.99 46.09 -29.67
C GLY C 211 -20.51 44.78 -30.29
N GLN C 212 -20.17 43.65 -29.68
CA GLN C 212 -20.57 42.34 -30.23
C GLN C 212 -21.94 42.06 -29.66
N PRO C 213 -22.77 41.36 -30.41
CA PRO C 213 -24.14 41.08 -29.97
C PRO C 213 -24.10 40.08 -28.84
N PHE C 214 -24.81 40.33 -27.77
CA PHE C 214 -24.87 39.38 -26.67
C PHE C 214 -26.30 39.33 -26.15
N GLU C 215 -26.93 38.16 -26.12
CA GLU C 215 -28.30 38.07 -25.61
C GLU C 215 -28.29 38.22 -24.09
N THR C 216 -28.83 39.32 -23.62
CA THR C 216 -28.88 39.64 -22.19
C THR C 216 -30.24 39.24 -21.62
N THR C 217 -30.25 39.28 -20.30
CA THR C 217 -31.41 39.05 -19.44
C THR C 217 -31.38 40.24 -18.48
N PRO C 218 -32.45 40.51 -17.73
CA PRO C 218 -32.43 41.57 -16.76
C PRO C 218 -31.79 41.18 -15.44
N TYR C 219 -31.51 39.89 -15.26
CA TYR C 219 -30.98 39.35 -14.01
C TYR C 219 -29.55 38.85 -14.18
N ASP C 220 -28.88 39.33 -15.22
CA ASP C 220 -27.50 38.95 -15.46
C ASP C 220 -26.53 39.52 -14.40
N VAL C 221 -25.60 38.62 -14.02
CA VAL C 221 -24.63 38.98 -13.00
C VAL C 221 -23.29 38.25 -13.24
N ALA C 222 -22.25 38.80 -12.65
CA ALA C 222 -20.90 38.23 -12.69
C ALA C 222 -20.44 38.04 -11.26
N ILE C 223 -19.84 36.86 -10.99
CA ILE C 223 -19.32 36.65 -9.62
C ILE C 223 -17.85 37.08 -9.78
N ILE C 224 -17.42 37.99 -8.95
CA ILE C 224 -16.10 38.58 -9.03
C ILE C 224 -15.26 38.31 -7.79
N GLY C 225 -14.09 37.71 -8.03
CA GLY C 225 -13.18 37.46 -6.86
C GLY C 225 -13.59 36.23 -6.06
N ASP C 226 -14.03 35.17 -6.75
CA ASP C 226 -14.33 33.92 -6.02
C ASP C 226 -13.55 32.83 -6.77
N TYR C 227 -12.56 32.27 -6.07
CA TYR C 227 -11.62 31.40 -6.76
C TYR C 227 -11.96 29.91 -6.69
N ASN C 228 -13.17 29.58 -6.29
CA ASN C 228 -13.71 28.23 -6.29
C ASN C 228 -12.83 27.27 -5.50
N ILE C 229 -12.34 27.69 -4.35
CA ILE C 229 -11.51 26.83 -3.49
C ILE C 229 -12.38 25.73 -2.92
N GLY C 230 -12.04 24.49 -3.30
CA GLY C 230 -12.83 23.31 -2.93
C GLY C 230 -14.26 23.42 -3.54
N GLY C 231 -14.47 24.14 -4.62
CA GLY C 231 -15.83 24.24 -5.18
C GLY C 231 -16.70 25.30 -4.47
N ASP C 232 -16.07 26.28 -3.81
CA ASP C 232 -16.84 27.34 -3.18
C ASP C 232 -17.70 28.15 -4.17
N ALA C 233 -17.20 28.43 -5.36
CA ALA C 233 -17.92 29.29 -6.30
C ALA C 233 -19.12 28.56 -6.93
N TRP C 234 -19.07 27.25 -7.02
CA TRP C 234 -20.18 26.42 -7.45
C TRP C 234 -21.23 26.39 -6.35
N ALA C 235 -20.83 26.37 -5.08
CA ALA C 235 -21.73 26.45 -3.94
C ALA C 235 -22.36 27.85 -3.81
N SER C 236 -21.76 28.87 -4.38
CA SER C 236 -22.32 30.23 -4.38
C SER C 236 -23.25 30.40 -5.60
N ARG C 237 -22.83 29.84 -6.72
CA ARG C 237 -23.58 30.00 -7.97
C ARG C 237 -24.90 29.24 -7.94
N ILE C 238 -25.00 28.15 -7.22
CA ILE C 238 -26.26 27.37 -7.21
C ILE C 238 -27.34 28.17 -6.49
N LEU C 239 -26.96 28.98 -5.49
CA LEU C 239 -27.95 29.78 -4.77
C LEU C 239 -28.40 31.00 -5.58
N LEU C 240 -27.47 31.76 -6.18
CA LEU C 240 -27.83 32.83 -7.11
C LEU C 240 -28.64 32.33 -8.31
N GLU C 241 -28.53 31.13 -8.86
CA GLU C 241 -29.52 30.71 -9.86
C GLU C 241 -30.81 30.23 -9.22
N GLU C 242 -30.78 29.77 -7.97
CA GLU C 242 -31.97 29.35 -7.26
C GLU C 242 -32.87 30.55 -6.84
N MET C 243 -32.28 31.74 -6.84
CA MET C 243 -32.98 32.99 -6.57
C MET C 243 -33.49 33.64 -7.85
N GLY C 244 -33.11 33.20 -9.03
CA GLY C 244 -33.66 33.60 -10.31
C GLY C 244 -32.69 34.44 -11.12
N LEU C 245 -31.43 34.47 -10.67
CA LEU C 245 -30.38 35.17 -11.37
C LEU C 245 -29.61 34.29 -12.33
N ARG C 246 -29.03 34.92 -13.35
CA ARG C 246 -28.23 34.22 -14.36
C ARG C 246 -26.76 34.64 -14.20
N VAL C 247 -25.94 33.70 -13.75
CA VAL C 247 -24.51 33.98 -13.53
C VAL C 247 -23.84 33.72 -14.86
N VAL C 248 -23.67 34.82 -15.61
CA VAL C 248 -23.04 34.87 -16.90
C VAL C 248 -21.53 34.63 -16.76
N ALA C 249 -20.94 35.04 -15.65
CA ALA C 249 -19.50 34.76 -15.51
C ALA C 249 -19.04 34.65 -14.07
N GLN C 250 -17.98 33.88 -13.82
CA GLN C 250 -17.34 33.70 -12.55
C GLN C 250 -15.84 34.04 -12.71
N TRP C 251 -15.33 34.97 -11.94
CA TRP C 251 -13.96 35.42 -11.93
C TRP C 251 -13.24 34.97 -10.68
N SER C 252 -12.22 34.14 -10.75
CA SER C 252 -11.85 33.36 -11.90
C SER C 252 -11.85 31.85 -11.56
N GLY C 253 -12.44 31.40 -10.46
CA GLY C 253 -12.59 30.01 -10.11
C GLY C 253 -13.56 29.27 -11.07
N ASP C 254 -12.97 28.35 -11.84
CA ASP C 254 -13.65 27.60 -12.92
C ASP C 254 -14.07 28.51 -14.07
N GLY C 255 -13.34 29.62 -14.19
CA GLY C 255 -13.60 30.69 -15.12
C GLY C 255 -12.98 30.45 -16.47
N THR C 256 -13.56 31.16 -17.47
CA THR C 256 -12.98 31.04 -18.82
C THR C 256 -12.65 32.43 -19.34
N LEU C 257 -11.87 32.46 -20.41
CA LEU C 257 -11.61 33.69 -21.15
C LEU C 257 -12.92 34.23 -21.74
N VAL C 258 -13.82 33.36 -22.18
CA VAL C 258 -15.07 33.80 -22.79
C VAL C 258 -15.98 34.52 -21.82
N GLU C 259 -16.08 34.02 -20.59
CA GLU C 259 -16.88 34.60 -19.52
C GLU C 259 -16.39 35.97 -19.14
N MET C 260 -15.08 36.17 -19.06
CA MET C 260 -14.48 37.48 -18.77
C MET C 260 -14.76 38.46 -19.91
N GLU C 261 -14.75 37.95 -21.16
CA GLU C 261 -15.04 38.85 -22.26
C GLU C 261 -16.51 39.23 -22.35
N ASN C 262 -17.41 38.49 -21.76
CA ASN C 262 -18.83 38.70 -21.74
C ASN C 262 -19.24 39.51 -20.52
N THR C 263 -18.28 39.71 -19.60
CA THR C 263 -18.65 40.32 -18.33
C THR C 263 -19.22 41.71 -18.47
N PRO C 264 -18.64 42.58 -19.31
CA PRO C 264 -19.19 43.89 -19.60
C PRO C 264 -20.62 43.88 -20.05
N PHE C 265 -21.30 42.81 -20.39
CA PHE C 265 -22.72 42.82 -20.68
C PHE C 265 -23.64 42.59 -19.50
N VAL C 266 -23.18 42.30 -18.30
CA VAL C 266 -24.13 42.06 -17.20
C VAL C 266 -24.71 43.32 -16.59
N LYS C 267 -25.63 43.10 -15.67
CA LYS C 267 -26.33 44.14 -14.93
C LYS C 267 -25.66 44.42 -13.59
N LEU C 268 -24.78 43.57 -13.08
CA LEU C 268 -24.34 43.81 -11.70
C LEU C 268 -23.10 42.97 -11.40
N ASN C 269 -22.18 43.47 -10.60
CA ASN C 269 -20.97 42.67 -10.34
C ASN C 269 -20.94 42.36 -8.87
N LEU C 270 -20.90 41.07 -8.53
CA LEU C 270 -20.94 40.66 -7.13
C LEU C 270 -19.51 40.33 -6.74
N VAL C 271 -18.97 41.14 -5.85
CA VAL C 271 -17.53 41.03 -5.55
C VAL C 271 -17.39 40.36 -4.19
N HIS C 272 -16.74 39.19 -4.19
CA HIS C 272 -16.53 38.43 -2.97
C HIS C 272 -15.16 38.79 -2.40
N CYS C 273 -14.10 38.61 -3.22
CA CYS C 273 -12.80 39.07 -2.71
C CYS C 273 -12.60 40.53 -3.17
N TYR C 274 -12.84 41.44 -2.25
CA TYR C 274 -12.64 42.88 -2.43
C TYR C 274 -11.18 43.15 -2.77
N ARG C 275 -10.30 42.53 -2.00
CA ARG C 275 -8.88 42.85 -2.05
C ARG C 275 -8.32 42.62 -3.42
N SER C 276 -8.63 41.48 -4.07
CA SER C 276 -7.97 41.18 -5.32
C SER C 276 -8.65 41.75 -6.58
N MET C 277 -9.96 41.93 -6.50
CA MET C 277 -10.75 42.29 -7.68
C MET C 277 -11.62 43.54 -7.54
N ASN C 278 -11.36 44.38 -6.54
CA ASN C 278 -12.06 45.69 -6.49
C ASN C 278 -11.60 46.62 -7.62
N TYR C 279 -10.36 46.51 -8.06
CA TYR C 279 -9.86 47.33 -9.14
C TYR C 279 -10.71 47.15 -10.39
N ILE C 280 -10.92 45.94 -10.89
CA ILE C 280 -11.70 45.84 -12.13
C ILE C 280 -13.18 46.16 -11.99
N ALA C 281 -13.79 45.95 -10.84
CA ALA C 281 -15.16 46.23 -10.52
C ALA C 281 -15.38 47.75 -10.62
N ARG C 282 -14.46 48.48 -10.01
CA ARG C 282 -14.47 49.94 -10.05
C ARG C 282 -14.27 50.37 -11.50
N HIS C 283 -13.34 49.70 -12.21
CA HIS C 283 -13.19 50.02 -13.61
C HIS C 283 -14.47 49.74 -14.36
N MET C 284 -15.23 48.66 -14.12
CA MET C 284 -16.40 48.42 -14.97
C MET C 284 -17.55 49.38 -14.67
N GLU C 285 -17.62 49.87 -13.44
CA GLU C 285 -18.52 50.91 -13.02
C GLU C 285 -18.21 52.27 -13.68
N GLU C 286 -16.96 52.68 -13.74
CA GLU C 286 -16.51 53.86 -14.46
C GLU C 286 -16.80 53.76 -15.95
N LYS C 287 -16.32 52.73 -16.64
CA LYS C 287 -16.41 52.58 -18.06
C LYS C 287 -17.67 51.99 -18.65
N HIS C 288 -18.25 50.95 -18.09
CA HIS C 288 -19.45 50.34 -18.65
C HIS C 288 -20.70 50.66 -17.87
N GLN C 289 -20.56 51.41 -16.77
CA GLN C 289 -21.67 51.74 -15.90
C GLN C 289 -22.31 50.54 -15.19
N ILE C 290 -21.56 49.45 -14.96
CA ILE C 290 -22.11 48.32 -14.24
C ILE C 290 -21.86 48.52 -12.76
N PRO C 291 -22.91 48.52 -11.95
CA PRO C 291 -22.77 48.65 -10.52
C PRO C 291 -22.19 47.36 -9.92
N TRP C 292 -21.63 47.53 -8.74
CA TRP C 292 -21.07 46.41 -8.00
C TRP C 292 -21.33 46.55 -6.51
N MET C 293 -21.25 45.38 -5.88
CA MET C 293 -21.36 45.33 -4.42
C MET C 293 -20.57 44.14 -3.88
N GLU C 294 -20.22 44.25 -2.61
CA GLU C 294 -19.50 43.21 -1.89
C GLU C 294 -20.53 42.29 -1.25
N TYR C 295 -20.31 40.99 -1.14
CA TYR C 295 -21.24 40.15 -0.40
C TYR C 295 -20.34 39.16 0.35
N ASN C 296 -20.98 38.24 1.03
CA ASN C 296 -20.30 37.32 1.91
C ASN C 296 -21.21 36.09 2.06
N PHE C 297 -20.75 34.97 1.51
CA PHE C 297 -21.52 33.73 1.58
C PHE C 297 -21.00 32.76 2.62
N PHE C 298 -20.33 33.20 3.66
CA PHE C 298 -19.85 32.42 4.76
C PHE C 298 -20.81 32.39 5.96
N GLY C 299 -21.54 31.29 6.15
CA GLY C 299 -22.43 31.07 7.28
C GLY C 299 -23.84 31.58 7.07
N PRO C 300 -24.80 31.06 7.83
CA PRO C 300 -26.23 31.41 7.51
C PRO C 300 -26.58 32.86 7.74
N THR C 301 -26.02 33.52 8.75
CA THR C 301 -26.27 34.97 8.89
C THR C 301 -25.79 35.78 7.70
N LYS C 302 -24.49 35.72 7.33
CA LYS C 302 -24.08 36.47 6.16
C LYS C 302 -24.76 36.04 4.87
N ILE C 303 -25.13 34.73 4.77
CA ILE C 303 -25.75 34.33 3.49
C ILE C 303 -27.11 35.07 3.36
N ALA C 304 -27.85 35.12 4.43
CA ALA C 304 -29.21 35.67 4.32
C ALA C 304 -29.14 37.19 4.12
N GLU C 305 -28.19 37.89 4.68
CA GLU C 305 -27.91 39.32 4.43
C GLU C 305 -27.52 39.66 3.01
N SER C 306 -26.57 38.88 2.44
CA SER C 306 -26.17 38.95 1.07
C SER C 306 -27.31 38.68 0.11
N LEU C 307 -28.02 37.54 0.28
CA LEU C 307 -29.08 37.20 -0.66
C LEU C 307 -30.15 38.33 -0.68
N ARG C 308 -30.44 38.90 0.47
CA ARG C 308 -31.51 39.93 0.53
C ARG C 308 -31.00 41.21 -0.10
N LYS C 309 -29.75 41.58 0.19
CA LYS C 309 -29.19 42.82 -0.41
C LYS C 309 -28.90 42.72 -1.90
N ILE C 310 -28.53 41.54 -2.42
CA ILE C 310 -28.41 41.35 -3.86
C ILE C 310 -29.80 41.40 -4.52
N ALA C 311 -30.80 40.77 -3.91
CA ALA C 311 -32.11 40.70 -4.53
C ALA C 311 -32.83 42.05 -4.43
N ASP C 312 -32.38 42.95 -3.57
CA ASP C 312 -32.88 44.31 -3.51
C ASP C 312 -32.29 45.19 -4.61
N GLN C 313 -31.34 44.68 -5.41
CA GLN C 313 -30.87 45.38 -6.60
C GLN C 313 -31.82 45.09 -7.76
N PHE C 314 -32.76 44.14 -7.59
CA PHE C 314 -33.56 43.77 -8.77
C PHE C 314 -35.01 44.20 -8.56
N ASP C 315 -35.98 43.35 -8.34
CA ASP C 315 -37.37 43.77 -8.10
C ASP C 315 -38.01 42.76 -7.16
N ASP C 316 -39.30 42.95 -6.90
CA ASP C 316 -40.04 42.18 -5.92
C ASP C 316 -39.99 40.68 -6.22
N THR C 317 -39.97 40.34 -7.49
CA THR C 317 -39.89 38.96 -7.88
C THR C 317 -38.62 38.29 -7.30
N ILE C 318 -37.49 38.95 -7.54
CA ILE C 318 -36.21 38.45 -7.05
C ILE C 318 -36.14 38.65 -5.55
N ARG C 319 -36.77 39.74 -5.04
CA ARG C 319 -36.81 39.94 -3.62
C ARG C 319 -37.58 38.80 -2.94
N ALA C 320 -38.70 38.43 -3.55
CA ALA C 320 -39.50 37.35 -2.96
C ALA C 320 -38.62 36.09 -2.96
N ASN C 321 -38.09 35.78 -4.16
CA ASN C 321 -37.27 34.63 -4.42
C ASN C 321 -36.17 34.50 -3.35
N ALA C 322 -35.52 35.59 -2.94
CA ALA C 322 -34.48 35.50 -1.91
C ALA C 322 -35.07 34.92 -0.64
N GLU C 323 -36.18 35.56 -0.13
CA GLU C 323 -36.95 34.98 0.93
C GLU C 323 -37.35 33.53 0.80
N ALA C 324 -37.65 33.05 -0.43
CA ALA C 324 -38.02 31.63 -0.50
C ALA C 324 -36.79 30.73 -0.48
N VAL C 325 -35.64 31.25 -0.91
CA VAL C 325 -34.39 30.48 -0.92
C VAL C 325 -34.04 30.34 0.58
N ILE C 326 -33.98 31.48 1.26
CA ILE C 326 -33.62 31.49 2.68
C ILE C 326 -34.56 30.56 3.47
N ALA C 327 -35.90 30.66 3.24
CA ALA C 327 -36.79 29.82 4.05
C ALA C 327 -36.60 28.34 3.78
N ARG C 328 -36.37 27.97 2.54
CA ARG C 328 -36.20 26.56 2.20
C ARG C 328 -34.95 25.92 2.80
N TYR C 329 -33.88 26.64 3.08
CA TYR C 329 -32.71 26.09 3.71
C TYR C 329 -32.68 26.26 5.21
N GLU C 330 -33.76 26.81 5.81
CA GLU C 330 -33.77 27.11 7.19
C GLU C 330 -33.64 25.91 8.11
N GLY C 331 -34.42 24.87 7.81
CA GLY C 331 -34.45 23.64 8.55
C GLY C 331 -33.02 23.03 8.54
N GLN C 332 -32.39 23.03 7.39
CA GLN C 332 -31.01 22.56 7.25
C GLN C 332 -30.15 23.37 8.22
N MET C 333 -30.11 24.69 8.09
CA MET C 333 -29.31 25.53 8.93
C MET C 333 -29.59 25.32 10.42
N ALA C 334 -30.88 25.21 10.79
CA ALA C 334 -31.20 24.95 12.21
C ALA C 334 -30.65 23.64 12.71
N ALA C 335 -30.74 22.53 12.00
CA ALA C 335 -30.19 21.28 12.51
C ALA C 335 -28.64 21.32 12.51
N ILE C 336 -28.02 22.07 11.66
CA ILE C 336 -26.52 22.17 11.73
C ILE C 336 -26.17 22.91 13.02
N ILE C 337 -26.75 24.08 13.29
CA ILE C 337 -26.55 24.84 14.50
C ILE C 337 -26.87 24.05 15.73
N ALA C 338 -27.99 23.30 15.73
CA ALA C 338 -28.30 22.53 16.95
C ALA C 338 -27.19 21.53 17.24
N LYS C 339 -26.77 20.80 16.18
CA LYS C 339 -25.78 19.75 16.38
C LYS C 339 -24.42 20.30 16.79
N TYR C 340 -23.90 21.22 16.01
CA TYR C 340 -22.51 21.62 16.24
C TYR C 340 -22.25 22.80 17.12
N ARG C 341 -23.25 23.65 17.35
CA ARG C 341 -23.09 24.78 18.25
C ARG C 341 -22.72 24.37 19.65
N PRO C 342 -23.43 23.41 20.22
CA PRO C 342 -23.17 22.89 21.55
C PRO C 342 -21.75 22.36 21.73
N ARG C 343 -21.17 21.74 20.72
CA ARG C 343 -19.83 21.21 20.70
C ARG C 343 -18.72 22.24 20.62
N LEU C 344 -19.08 23.41 20.08
CA LEU C 344 -18.15 24.46 19.76
C LEU C 344 -18.28 25.77 20.53
N GLU C 345 -19.47 26.04 21.06
CA GLU C 345 -19.74 27.36 21.65
C GLU C 345 -18.77 27.78 22.73
N GLY C 346 -18.43 29.08 22.71
CA GLY C 346 -17.57 29.60 23.77
C GLY C 346 -16.09 29.41 23.51
N ARG C 347 -15.71 28.66 22.49
CA ARG C 347 -14.28 28.42 22.26
C ARG C 347 -13.76 29.67 21.52
N LYS C 348 -12.50 29.96 21.71
CA LYS C 348 -11.85 31.15 21.20
C LYS C 348 -10.93 30.88 20.02
N VAL C 349 -10.98 31.69 18.98
CA VAL C 349 -10.31 31.52 17.70
C VAL C 349 -9.35 32.63 17.28
N LEU C 350 -8.13 32.28 16.90
CA LEU C 350 -7.17 33.19 16.30
C LEU C 350 -7.07 32.93 14.79
N LEU C 351 -7.24 33.98 13.97
CA LEU C 351 -7.23 33.89 12.53
C LEU C 351 -6.12 34.74 11.92
N TYR C 352 -5.44 34.16 10.94
CA TYR C 352 -4.38 34.87 10.26
C TYR C 352 -4.28 34.33 8.83
N MET C 353 -4.73 35.09 7.86
CA MET C 353 -4.73 34.67 6.46
C MET C 353 -4.34 35.87 5.59
N GLY C 354 -4.69 35.88 4.32
CA GLY C 354 -4.17 36.81 3.36
C GLY C 354 -4.75 38.22 3.42
N GLY C 355 -5.90 38.35 2.75
CA GLY C 355 -6.44 39.68 2.48
C GLY C 355 -7.95 39.73 2.48
N LEU C 356 -8.63 38.63 2.75
CA LEU C 356 -10.10 38.70 2.78
C LEU C 356 -10.68 37.84 3.88
N ARG C 357 -10.16 36.58 4.00
CA ARG C 357 -10.81 35.66 4.91
C ARG C 357 -10.81 35.96 6.38
N PRO C 358 -9.75 36.50 6.97
CA PRO C 358 -9.77 36.85 8.37
C PRO C 358 -10.99 37.62 8.82
N ARG C 359 -11.59 38.52 8.08
CA ARG C 359 -12.85 39.16 8.47
C ARG C 359 -14.06 38.41 7.93
N HIS C 360 -13.93 37.87 6.70
CA HIS C 360 -15.07 37.26 6.05
C HIS C 360 -15.66 36.04 6.75
N VAL C 361 -14.85 35.22 7.42
CA VAL C 361 -15.35 34.03 8.12
C VAL C 361 -15.88 34.25 9.51
N ILE C 362 -15.75 35.47 10.06
CA ILE C 362 -16.18 35.74 11.42
C ILE C 362 -17.64 35.35 11.67
N GLY C 363 -18.56 35.73 10.77
CA GLY C 363 -19.97 35.46 11.07
C GLY C 363 -20.26 33.96 11.16
N ALA C 364 -19.58 33.16 10.31
CA ALA C 364 -19.79 31.69 10.39
C ALA C 364 -19.34 31.17 11.75
N TYR C 365 -18.15 31.57 12.21
CA TYR C 365 -17.73 31.21 13.57
C TYR C 365 -18.74 31.66 14.61
N GLU C 366 -19.29 32.85 14.54
CA GLU C 366 -20.28 33.34 15.49
C GLU C 366 -21.60 32.63 15.31
N ASP C 367 -21.94 32.12 14.11
CA ASP C 367 -23.13 31.28 14.01
C ASP C 367 -22.92 29.98 14.79
N LEU C 368 -21.68 29.54 15.09
CA LEU C 368 -21.49 28.32 15.90
C LEU C 368 -21.11 28.69 17.33
N GLY C 369 -21.28 29.95 17.70
CA GLY C 369 -21.08 30.36 19.09
C GLY C 369 -19.61 30.55 19.45
N MET C 370 -18.69 30.54 18.50
CA MET C 370 -17.28 30.75 18.75
C MET C 370 -16.90 32.21 18.74
N GLU C 371 -15.77 32.54 19.39
CA GLU C 371 -15.41 33.94 19.51
C GLU C 371 -14.04 34.20 18.89
N ILE C 372 -13.87 35.28 18.16
CA ILE C 372 -12.55 35.65 17.63
C ILE C 372 -11.81 36.50 18.64
N ILE C 373 -10.60 36.13 19.00
CA ILE C 373 -9.80 36.88 19.98
C ILE C 373 -8.57 37.53 19.35
N ALA C 374 -8.32 37.27 18.07
CA ALA C 374 -7.20 37.82 17.34
C ALA C 374 -7.42 37.46 15.87
N ALA C 375 -7.17 38.46 15.01
CA ALA C 375 -7.37 38.50 13.63
C ALA C 375 -6.30 39.38 12.97
N GLY C 376 -5.67 38.74 11.97
CA GLY C 376 -4.59 39.36 11.23
C GLY C 376 -4.55 39.02 9.74
N TYR C 377 -3.95 39.93 8.96
CA TYR C 377 -3.81 39.66 7.56
C TYR C 377 -2.31 39.74 7.20
N GLU C 378 -1.99 39.00 6.13
CA GLU C 378 -0.60 39.02 5.66
C GLU C 378 -0.37 40.28 4.84
N PHE C 379 -1.39 40.60 4.00
CA PHE C 379 -1.16 41.68 3.03
C PHE C 379 -2.32 42.62 2.71
N ALA C 380 -3.32 42.62 3.57
CA ALA C 380 -4.46 43.51 3.42
C ALA C 380 -4.00 44.98 3.48
N HIS C 381 -4.86 45.83 2.95
CA HIS C 381 -4.68 47.27 2.99
C HIS C 381 -5.58 47.86 4.06
N ASN C 382 -5.33 49.15 4.34
CA ASN C 382 -6.08 49.86 5.36
C ASN C 382 -7.58 49.80 5.14
N ASP C 383 -8.09 49.76 3.94
CA ASP C 383 -9.52 49.61 3.68
C ASP C 383 -10.06 48.22 4.10
N ASP C 384 -9.22 47.20 4.14
CA ASP C 384 -9.60 45.88 4.64
C ASP C 384 -9.75 45.90 6.13
N TYR C 385 -8.84 46.64 6.81
CA TYR C 385 -8.84 46.77 8.23
C TYR C 385 -10.08 47.66 8.53
N ASP C 386 -10.29 48.65 7.66
CA ASP C 386 -11.58 49.38 7.90
C ASP C 386 -12.79 48.45 7.89
N ARG C 387 -12.83 47.54 6.90
CA ARG C 387 -13.90 46.58 6.67
C ARG C 387 -13.93 45.50 7.72
N THR C 388 -12.94 45.39 8.61
CA THR C 388 -12.90 44.42 9.68
C THR C 388 -13.50 44.90 10.99
N LEU C 389 -13.48 46.24 11.20
CA LEU C 389 -13.88 46.81 12.49
C LEU C 389 -15.25 46.45 13.02
N PRO C 390 -16.29 46.49 12.20
CA PRO C 390 -17.64 46.15 12.62
C PRO C 390 -17.79 44.73 13.16
N ASP C 391 -17.04 43.76 12.62
CA ASP C 391 -17.23 42.38 13.07
C ASP C 391 -16.40 42.01 14.30
N LEU C 392 -15.61 42.89 14.91
CA LEU C 392 -14.80 42.46 16.07
C LEU C 392 -15.36 42.95 17.40
N LYS C 393 -15.14 42.15 18.44
CA LYS C 393 -15.50 42.48 19.82
C LYS C 393 -14.49 43.48 20.36
N GLU C 394 -14.94 44.24 21.37
CA GLU C 394 -14.07 45.28 21.90
C GLU C 394 -12.78 44.71 22.48
N GLY C 395 -11.65 45.31 22.15
CA GLY C 395 -10.38 44.85 22.70
C GLY C 395 -9.69 43.74 21.91
N THR C 396 -10.19 43.34 20.73
CA THR C 396 -9.57 42.29 19.92
C THR C 396 -8.27 42.72 19.28
N LEU C 397 -7.26 41.85 19.31
CA LEU C 397 -5.97 42.18 18.70
C LEU C 397 -6.10 42.06 17.18
N LEU C 398 -5.73 43.12 16.46
CA LEU C 398 -5.87 43.26 15.01
C LEU C 398 -4.52 43.58 14.44
N PHE C 399 -3.95 42.72 13.59
CA PHE C 399 -2.54 42.99 13.24
C PHE C 399 -2.22 42.69 11.79
N ASP C 400 -1.09 43.16 11.33
CA ASP C 400 -0.69 43.06 9.93
C ASP C 400 0.71 42.49 9.74
N ASP C 401 0.87 41.66 8.72
CA ASP C 401 2.12 41.05 8.28
C ASP C 401 2.98 40.59 9.43
N ALA C 402 2.47 39.65 10.21
CA ALA C 402 3.19 39.13 11.35
C ALA C 402 4.30 38.14 10.96
N SER C 403 5.38 38.27 11.74
CA SER C 403 6.48 37.32 11.58
C SER C 403 6.02 36.03 12.25
N SER C 404 6.73 34.92 11.98
CA SER C 404 6.48 33.67 12.70
C SER C 404 6.69 33.88 14.19
N TYR C 405 7.77 34.55 14.59
CA TYR C 405 8.08 34.88 15.96
C TYR C 405 6.83 35.49 16.63
N GLU C 406 6.32 36.55 16.02
CA GLU C 406 5.12 37.23 16.54
C GLU C 406 3.91 36.31 16.64
N LEU C 407 3.60 35.61 15.57
CA LEU C 407 2.48 34.67 15.55
C LEU C 407 2.61 33.62 16.64
N GLU C 408 3.79 33.00 16.83
CA GLU C 408 3.89 32.01 17.92
C GLU C 408 3.70 32.68 19.28
N ALA C 409 4.33 33.84 19.47
CA ALA C 409 4.22 34.56 20.75
C ALA C 409 2.80 35.06 21.05
N PHE C 410 2.02 35.49 20.06
CA PHE C 410 0.57 35.75 20.35
C PHE C 410 -0.16 34.47 20.75
N VAL C 411 0.10 33.37 20.02
CA VAL C 411 -0.61 32.14 20.35
C VAL C 411 -0.30 31.70 21.76
N LYS C 412 0.99 31.61 22.16
CA LYS C 412 1.36 31.13 23.47
C LYS C 412 0.73 31.96 24.60
N ALA C 413 0.59 33.27 24.36
CA ALA C 413 -0.05 34.15 25.32
C ALA C 413 -1.58 34.15 25.28
N LEU C 414 -2.21 34.18 24.11
CA LEU C 414 -3.68 34.22 24.08
C LEU C 414 -4.30 32.86 24.33
N LYS C 415 -3.54 31.80 24.04
CA LYS C 415 -4.02 30.44 24.20
C LYS C 415 -5.39 30.23 23.55
N PRO C 416 -5.48 30.53 22.26
CA PRO C 416 -6.73 30.26 21.56
C PRO C 416 -7.10 28.80 21.68
N ASP C 417 -8.35 28.48 21.41
CA ASP C 417 -8.78 27.11 21.39
C ASP C 417 -8.55 26.56 19.99
N LEU C 418 -8.57 27.43 18.99
CA LEU C 418 -8.44 26.95 17.61
C LEU C 418 -7.76 28.08 16.83
N ILE C 419 -6.92 27.67 15.87
CA ILE C 419 -6.29 28.62 14.98
C ILE C 419 -6.69 28.37 13.53
N GLY C 420 -7.07 29.40 12.79
CA GLY C 420 -7.22 29.24 11.36
C GLY C 420 -6.13 30.05 10.65
N SER C 421 -5.32 29.32 9.86
CA SER C 421 -4.25 29.98 9.13
C SER C 421 -3.81 29.11 7.97
N GLY C 422 -2.57 29.24 7.53
CA GLY C 422 -2.12 28.57 6.31
C GLY C 422 -1.27 27.34 6.55
N ILE C 423 -0.74 26.80 5.44
CA ILE C 423 0.02 25.57 5.54
C ILE C 423 1.36 25.82 6.21
N LYS C 424 1.96 26.98 5.98
CA LYS C 424 3.26 27.28 6.59
C LYS C 424 3.20 27.42 8.10
N GLU C 425 2.04 27.72 8.67
CA GLU C 425 1.83 27.79 10.11
C GLU C 425 1.34 26.49 10.75
N LYS C 426 0.60 25.68 10.01
CA LYS C 426 -0.11 24.52 10.52
C LYS C 426 0.72 23.64 11.41
N TYR C 427 1.94 23.22 11.01
CA TYR C 427 2.60 22.10 11.69
C TYR C 427 3.37 22.64 12.90
N ILE C 428 3.47 23.95 12.99
CA ILE C 428 4.03 24.62 14.19
C ILE C 428 3.04 24.55 15.33
N PHE C 429 1.81 25.04 15.05
CA PHE C 429 0.77 25.09 16.08
C PHE C 429 0.28 23.74 16.55
N GLN C 430 0.24 22.79 15.62
CA GLN C 430 -0.12 21.42 15.98
C GLN C 430 0.89 20.87 16.99
N LYS C 431 2.18 21.18 16.89
CA LYS C 431 3.14 20.70 17.89
C LYS C 431 3.03 21.44 19.23
N MET C 432 2.52 22.65 19.18
CA MET C 432 2.19 23.40 20.41
C MET C 432 0.90 22.95 21.08
N GLY C 433 0.17 22.02 20.45
CA GLY C 433 -1.03 21.44 20.97
C GLY C 433 -2.24 22.31 20.71
N VAL C 434 -2.26 23.17 19.71
CA VAL C 434 -3.43 23.99 19.43
C VAL C 434 -4.11 23.47 18.16
N PRO C 435 -5.34 22.98 18.32
CA PRO C 435 -6.12 22.60 17.17
C PRO C 435 -6.02 23.65 16.08
N PHE C 436 -5.76 23.21 14.86
CA PHE C 436 -5.51 24.08 13.74
C PHE C 436 -6.32 23.68 12.51
N ARG C 437 -6.91 24.64 11.83
CA ARG C 437 -7.57 24.41 10.55
C ARG C 437 -6.97 25.30 9.49
N GLN C 438 -6.61 24.63 8.38
CA GLN C 438 -6.09 25.32 7.21
C GLN C 438 -7.22 26.12 6.57
N MET C 439 -7.15 27.44 6.69
CA MET C 439 -8.24 28.27 6.19
C MET C 439 -7.94 28.96 4.87
N HIS C 440 -6.90 28.55 4.16
CA HIS C 440 -6.74 28.88 2.78
C HIS C 440 -7.24 27.66 1.97
N SER C 441 -6.75 26.46 2.26
CA SER C 441 -7.11 25.33 1.38
C SER C 441 -8.26 24.52 1.92
N TRP C 442 -8.81 24.96 3.05
CA TRP C 442 -9.84 24.33 3.81
C TRP C 442 -9.35 22.95 4.31
N ASP C 443 -8.05 22.71 4.46
CA ASP C 443 -7.54 21.39 4.90
C ASP C 443 -8.14 20.31 4.03
N TYR C 444 -8.07 20.48 2.69
CA TYR C 444 -8.45 19.51 1.66
C TYR C 444 -9.94 19.19 1.70
N SER C 445 -10.74 20.00 2.37
CA SER C 445 -12.18 19.83 2.54
C SER C 445 -12.96 20.92 1.79
N GLY C 446 -14.05 21.40 2.36
CA GLY C 446 -14.88 22.40 1.67
C GLY C 446 -15.83 21.73 0.69
N PRO C 447 -16.65 22.52 -0.01
CA PRO C 447 -16.57 23.99 0.09
C PRO C 447 -17.08 24.54 1.40
N TYR C 448 -16.80 25.82 1.69
CA TYR C 448 -17.33 26.37 2.95
C TYR C 448 -18.34 27.49 2.56
N HIS C 449 -18.30 28.03 1.36
CA HIS C 449 -19.29 29.06 1.02
C HIS C 449 -20.69 28.47 0.87
N GLY C 450 -21.74 29.28 1.06
CA GLY C 450 -23.10 28.87 0.82
C GLY C 450 -23.68 27.89 1.82
N TYR C 451 -24.95 27.51 1.59
CA TYR C 451 -25.62 26.63 2.53
C TYR C 451 -24.98 25.25 2.58
N ASP C 452 -24.62 24.70 1.42
CA ASP C 452 -23.92 23.41 1.44
C ASP C 452 -22.55 23.49 2.11
N GLY C 453 -21.83 24.60 1.96
CA GLY C 453 -20.59 24.77 2.70
C GLY C 453 -20.68 24.88 4.20
N PHE C 454 -21.74 25.47 4.78
CA PHE C 454 -21.80 25.70 6.22
C PHE C 454 -21.83 24.39 6.99
N ALA C 455 -22.49 23.39 6.39
CA ALA C 455 -22.54 22.08 7.05
C ALA C 455 -21.13 21.49 7.07
N ILE C 456 -20.35 21.69 6.02
CA ILE C 456 -19.00 21.10 5.90
C ILE C 456 -18.09 21.83 6.88
N PHE C 457 -18.25 23.16 6.95
CA PHE C 457 -17.46 24.01 7.86
C PHE C 457 -17.66 23.58 9.30
N ALA C 458 -18.92 23.47 9.71
CA ALA C 458 -19.33 23.08 11.07
C ALA C 458 -18.78 21.69 11.45
N ARG C 459 -18.97 20.73 10.54
CA ARG C 459 -18.42 19.39 10.74
C ARG C 459 -16.88 19.45 10.88
N ASP C 460 -16.25 20.22 9.99
CA ASP C 460 -14.79 20.28 10.08
C ASP C 460 -14.28 20.92 11.35
N MET C 461 -14.92 22.01 11.80
CA MET C 461 -14.39 22.73 12.96
C MET C 461 -14.49 21.84 14.18
N ASP C 462 -15.62 21.15 14.30
CA ASP C 462 -15.85 20.18 15.38
C ASP C 462 -14.85 19.01 15.35
N MET C 463 -14.60 18.49 14.15
CA MET C 463 -13.73 17.34 13.99
C MET C 463 -12.35 17.67 14.54
N THR C 464 -11.90 18.90 14.28
CA THR C 464 -10.52 19.23 14.69
C THR C 464 -10.48 19.70 16.13
N LEU C 465 -11.36 20.60 16.52
CA LEU C 465 -11.34 21.10 17.91
C LEU C 465 -11.56 19.96 18.90
N ASN C 466 -12.47 19.04 18.63
CA ASN C 466 -12.76 18.01 19.63
C ASN C 466 -12.14 16.65 19.39
N ASN C 467 -11.20 16.55 18.46
CA ASN C 467 -10.47 15.30 18.25
C ASN C 467 -9.88 14.78 19.56
N PRO C 468 -9.91 13.47 19.76
CA PRO C 468 -9.32 12.82 20.92
C PRO C 468 -7.82 12.93 21.04
N ALA C 469 -7.13 13.13 19.90
CA ALA C 469 -5.66 13.25 19.93
C ALA C 469 -5.14 14.47 20.67
N TRP C 470 -5.91 15.57 20.75
CA TRP C 470 -5.43 16.74 21.46
C TRP C 470 -5.28 16.48 22.96
N ASN C 471 -5.86 15.46 23.55
CA ASN C 471 -5.67 15.11 24.92
C ASN C 471 -4.43 14.26 25.20
N GLU C 472 -3.56 14.05 24.21
CA GLU C 472 -2.52 13.02 24.27
C GLU C 472 -1.15 13.60 24.11
N LEU C 473 -1.11 14.94 24.06
CA LEU C 473 0.19 15.55 23.82
C LEU C 473 1.11 15.22 24.99
N THR C 474 0.52 15.18 26.21
CA THR C 474 1.42 14.93 27.33
C THR C 474 1.38 13.45 27.70
N ALA C 475 2.56 12.85 27.83
CA ALA C 475 2.61 11.42 28.21
C ALA C 475 1.94 11.31 29.57
N PRO C 476 1.17 10.27 29.79
CA PRO C 476 0.43 10.08 31.03
C PRO C 476 1.25 10.05 32.29
N TRP C 477 2.47 9.58 32.20
CA TRP C 477 3.37 9.55 33.34
C TRP C 477 3.95 10.92 33.66
N LEU C 478 3.63 11.99 32.96
CA LEU C 478 4.16 13.31 33.29
C LEU C 478 3.04 14.16 33.88
N SER D 1 -27.56 20.73 -1.92
CA SER D 1 -28.22 20.20 -0.69
C SER D 1 -27.38 19.20 0.10
N GLN D 2 -27.51 19.22 1.42
CA GLN D 2 -26.91 18.38 2.42
C GLN D 2 -27.98 17.85 3.39
N THR D 3 -27.77 16.70 4.00
CA THR D 3 -28.66 16.18 5.03
C THR D 3 -27.90 16.36 6.34
N ILE D 4 -28.57 16.47 7.49
CA ILE D 4 -27.73 16.59 8.69
C ILE D 4 -26.92 15.35 9.02
N ASP D 5 -27.37 14.16 8.64
CA ASP D 5 -26.74 12.92 9.03
C ASP D 5 -25.81 12.34 7.98
N LYS D 6 -25.59 13.08 6.90
CA LYS D 6 -24.76 12.62 5.79
C LYS D 6 -24.21 13.84 5.03
N ILE D 7 -23.27 14.50 5.66
CA ILE D 7 -22.60 15.66 5.10
C ILE D 7 -21.58 15.20 4.06
N ASN D 8 -21.69 15.70 2.84
CA ASN D 8 -20.72 15.40 1.81
C ASN D 8 -19.75 16.54 1.59
N SER D 9 -18.45 16.22 1.48
CA SER D 9 -17.50 17.26 1.09
C SER D 9 -17.59 17.40 -0.44
N CYS D 10 -16.83 18.28 -1.03
CA CYS D 10 -16.75 18.58 -2.46
C CYS D 10 -16.96 17.36 -3.34
N TYR D 11 -16.10 16.34 -3.21
CA TYR D 11 -16.40 14.99 -3.68
C TYR D 11 -16.88 14.16 -2.51
N PRO D 12 -18.11 13.66 -2.55
CA PRO D 12 -18.95 13.63 -3.74
C PRO D 12 -20.14 14.55 -3.86
N LEU D 13 -20.17 15.68 -3.19
CA LEU D 13 -21.23 16.69 -3.25
C LEU D 13 -21.56 17.12 -4.67
N PHE D 14 -20.52 17.36 -5.47
CA PHE D 14 -20.73 17.90 -6.81
C PHE D 14 -21.19 16.84 -7.80
N GLU D 15 -21.22 15.58 -7.36
CA GLU D 15 -21.80 14.50 -8.17
C GLU D 15 -23.35 14.56 -8.13
N GLN D 16 -23.90 15.25 -7.15
CA GLN D 16 -25.36 15.34 -6.99
C GLN D 16 -26.04 15.96 -8.20
N ASP D 17 -27.33 15.64 -8.37
CA ASP D 17 -28.06 16.03 -9.57
C ASP D 17 -28.11 17.55 -9.81
N GLU D 18 -28.30 18.32 -8.78
CA GLU D 18 -28.38 19.77 -8.88
C GLU D 18 -27.09 20.40 -9.38
N TYR D 19 -25.94 19.89 -8.90
CA TYR D 19 -24.68 20.45 -9.40
C TYR D 19 -24.41 19.90 -10.79
N GLN D 20 -24.80 18.66 -11.11
CA GLN D 20 -24.55 18.22 -12.48
C GLN D 20 -25.32 19.11 -13.46
N GLU D 21 -26.55 19.50 -13.17
CA GLU D 21 -27.27 20.48 -13.94
C GLU D 21 -26.61 21.85 -13.88
N LEU D 22 -26.13 22.32 -12.72
CA LEU D 22 -25.38 23.60 -12.73
C LEU D 22 -24.29 23.51 -13.78
N PHE D 23 -23.46 22.47 -13.75
CA PHE D 23 -22.38 22.36 -14.72
C PHE D 23 -22.90 22.35 -16.15
N ARG D 24 -23.88 21.51 -16.43
CA ARG D 24 -24.48 21.48 -17.77
C ARG D 24 -24.85 22.93 -18.10
N ASN D 25 -25.56 23.67 -17.28
CA ASN D 25 -25.92 25.03 -17.63
C ASN D 25 -24.76 26.01 -17.68
N LYS D 26 -23.58 25.73 -17.14
CA LYS D 26 -22.55 26.78 -17.09
C LYS D 26 -21.79 26.71 -18.39
N ARG D 27 -21.82 25.46 -18.87
CA ARG D 27 -21.18 25.04 -20.08
C ARG D 27 -21.70 25.83 -21.25
N GLN D 28 -23.00 26.15 -21.29
CA GLN D 28 -23.49 26.95 -22.42
C GLN D 28 -22.86 28.33 -22.43
N LEU D 29 -22.29 28.88 -21.39
CA LEU D 29 -21.70 30.21 -21.36
C LEU D 29 -20.19 30.30 -21.47
N GLU D 30 -19.53 29.15 -21.62
CA GLU D 30 -18.06 29.15 -21.74
C GLU D 30 -17.65 29.02 -23.20
N GLU D 31 -18.65 28.91 -24.08
CA GLU D 31 -18.42 28.60 -25.51
C GLU D 31 -17.50 27.40 -25.69
N ALA D 32 -17.79 26.35 -24.96
CA ALA D 32 -16.99 25.13 -24.90
C ALA D 32 -16.86 24.48 -26.27
N HIS D 33 -15.70 23.88 -26.55
CA HIS D 33 -15.55 23.09 -27.77
C HIS D 33 -16.52 21.93 -27.68
N ASP D 34 -17.06 21.37 -28.77
CA ASP D 34 -17.96 20.25 -28.45
C ASP D 34 -17.15 19.00 -28.10
N ALA D 35 -17.85 18.19 -27.33
CA ALA D 35 -17.39 16.96 -26.74
C ALA D 35 -16.62 16.09 -27.69
N GLN D 36 -17.23 15.83 -28.86
CA GLN D 36 -16.60 15.14 -29.92
C GLN D 36 -15.26 15.79 -30.23
N ARG D 37 -15.14 17.10 -30.30
CA ARG D 37 -13.81 17.64 -30.68
C ARG D 37 -12.79 17.39 -29.56
N VAL D 38 -13.28 17.53 -28.32
CA VAL D 38 -12.35 17.35 -27.19
C VAL D 38 -11.93 15.92 -27.13
N GLN D 39 -12.86 14.92 -27.33
CA GLN D 39 -12.42 13.55 -27.46
C GLN D 39 -11.45 13.29 -28.58
N GLU D 40 -11.59 13.92 -29.76
CA GLU D 40 -10.66 13.68 -30.85
C GLU D 40 -9.25 14.13 -30.53
N VAL D 41 -9.18 15.31 -29.91
CA VAL D 41 -7.91 15.86 -29.47
C VAL D 41 -7.29 15.03 -28.33
N PHE D 42 -8.08 14.54 -27.40
CA PHE D 42 -7.53 13.69 -26.34
C PHE D 42 -6.91 12.42 -26.91
N ALA D 43 -7.65 11.77 -27.82
CA ALA D 43 -7.13 10.55 -28.46
C ALA D 43 -5.84 10.81 -29.24
N TRP D 44 -5.80 11.97 -29.88
CA TRP D 44 -4.64 12.41 -30.65
C TRP D 44 -3.45 12.55 -29.72
N THR D 45 -3.67 13.08 -28.51
CA THR D 45 -2.49 13.18 -27.61
C THR D 45 -1.97 11.83 -27.11
N THR D 46 -2.63 10.71 -27.34
CA THR D 46 -2.20 9.41 -26.91
C THR D 46 -1.43 8.66 -27.98
N THR D 47 -1.20 9.21 -29.17
CA THR D 47 -0.68 8.55 -30.32
C THR D 47 0.80 8.86 -30.56
N ALA D 48 1.36 7.97 -31.38
CA ALA D 48 2.75 8.11 -31.78
C ALA D 48 2.97 9.33 -32.65
N GLU D 49 1.98 9.85 -33.40
CA GLU D 49 2.24 11.06 -34.21
C GLU D 49 2.40 12.26 -33.28
N TYR D 50 1.62 12.25 -32.20
CA TYR D 50 1.71 13.31 -31.20
C TYR D 50 3.03 13.22 -30.44
N GLU D 51 3.41 12.00 -30.07
CA GLU D 51 4.70 11.81 -29.40
C GLU D 51 5.86 12.38 -30.22
N ALA D 52 5.81 12.13 -31.52
CA ALA D 52 6.82 12.67 -32.44
C ALA D 52 6.89 14.20 -32.35
N LEU D 53 5.74 14.87 -32.40
CA LEU D 53 5.70 16.33 -32.28
C LEU D 53 6.18 16.82 -30.90
N ASN D 54 5.78 16.06 -29.89
CA ASN D 54 6.14 16.33 -28.50
C ASN D 54 7.66 16.24 -28.33
N PHE D 55 8.35 15.31 -28.96
CA PHE D 55 9.81 15.24 -28.87
C PHE D 55 10.49 16.27 -29.79
N ARG D 56 9.77 17.02 -30.60
CA ARG D 56 10.41 18.12 -31.35
C ARG D 56 10.52 19.39 -30.52
N ARG D 57 10.04 19.44 -29.28
CA ARG D 57 10.09 20.68 -28.49
C ARG D 57 11.54 21.12 -28.24
N GLU D 58 11.75 22.43 -28.37
CA GLU D 58 13.12 22.86 -28.02
C GLU D 58 13.04 24.11 -27.14
N ALA D 59 11.81 24.58 -26.95
CA ALA D 59 11.65 25.83 -26.16
C ALA D 59 10.70 25.67 -25.00
N LEU D 60 9.56 25.04 -25.29
CA LEU D 60 8.52 24.81 -24.32
C LEU D 60 8.92 23.66 -23.37
N THR D 61 8.73 23.89 -22.08
CA THR D 61 8.81 22.90 -21.01
C THR D 61 7.43 22.76 -20.39
N VAL D 62 6.93 21.52 -20.26
CA VAL D 62 5.58 21.25 -19.71
C VAL D 62 5.75 20.18 -18.62
N ASP D 63 5.33 20.45 -17.42
CA ASP D 63 5.35 19.57 -16.25
C ASP D 63 6.75 19.10 -15.91
N PRO D 64 7.66 20.02 -15.61
CA PRO D 64 9.02 19.65 -15.25
C PRO D 64 9.16 18.68 -14.08
N ALA D 65 10.27 17.91 -14.11
CA ALA D 65 10.53 16.97 -12.99
C ALA D 65 11.84 17.42 -12.33
N LYS D 66 11.86 18.62 -11.81
CA LYS D 66 13.02 19.19 -11.12
C LYS D 66 12.62 20.54 -10.54
N ALA D 67 13.36 21.04 -9.56
CA ALA D 67 13.05 22.28 -8.90
C ALA D 67 14.35 23.17 -8.98
N CYS D 68 14.33 24.31 -8.36
CA CYS D 68 15.49 25.23 -8.50
C CYS D 68 16.48 25.16 -7.37
N GLN D 69 17.74 25.58 -7.66
CA GLN D 69 18.82 25.40 -6.70
C GLN D 69 18.54 25.65 -5.23
N PRO D 70 18.01 26.84 -4.91
CA PRO D 70 17.86 27.28 -3.53
C PRO D 70 17.07 26.31 -2.67
N LEU D 71 16.03 25.63 -3.23
CA LEU D 71 15.36 24.58 -2.48
C LEU D 71 16.34 23.59 -1.90
N GLY D 72 17.29 23.04 -2.70
CA GLY D 72 18.33 22.17 -2.28
C GLY D 72 19.24 22.80 -1.23
N ALA D 73 19.64 24.08 -1.36
CA ALA D 73 20.46 24.73 -0.36
C ALA D 73 19.78 24.85 1.01
N VAL D 74 18.47 25.13 1.03
CA VAL D 74 17.67 25.15 2.24
C VAL D 74 17.72 23.78 2.90
N LEU D 75 17.48 22.70 2.14
CA LEU D 75 17.52 21.38 2.73
C LEU D 75 18.90 21.02 3.27
N CYS D 76 19.96 21.39 2.56
CA CYS D 76 21.28 21.09 3.11
C CYS D 76 21.50 21.84 4.44
N SER D 77 21.11 23.12 4.48
CA SER D 77 21.27 23.96 5.63
C SER D 77 20.50 23.47 6.85
N LEU D 78 19.30 22.94 6.63
CA LEU D 78 18.47 22.38 7.69
C LEU D 78 19.15 21.20 8.36
N GLY D 79 20.13 20.56 7.75
CA GLY D 79 20.78 19.38 8.28
C GLY D 79 21.92 19.70 9.26
N PHE D 80 22.18 20.99 9.50
CA PHE D 80 23.22 21.33 10.49
C PHE D 80 22.60 21.90 11.76
N ALA D 81 23.23 21.67 12.91
CA ALA D 81 22.73 22.09 14.20
C ALA D 81 22.53 23.60 14.37
N ASN D 82 21.41 23.96 14.95
CA ASN D 82 21.09 25.36 15.31
C ASN D 82 21.29 26.32 14.15
N THR D 83 20.89 25.86 12.95
CA THR D 83 21.09 26.56 11.72
C THR D 83 19.75 27.10 11.22
N LEU D 84 19.79 28.34 10.79
CA LEU D 84 18.66 28.95 10.11
C LEU D 84 18.97 29.22 8.67
N PRO D 85 18.27 28.60 7.73
CA PRO D 85 18.41 28.88 6.32
C PRO D 85 17.95 30.31 6.05
N TYR D 86 18.70 30.99 5.20
CA TYR D 86 18.40 32.41 4.91
C TYR D 86 18.60 32.63 3.43
N VAL D 87 17.53 32.98 2.72
CA VAL D 87 17.67 33.07 1.28
C VAL D 87 17.73 34.56 0.92
N HIS D 88 18.93 34.99 0.57
CA HIS D 88 19.13 36.36 0.11
C HIS D 88 18.41 36.53 -1.22
N GLY D 89 17.43 37.45 -1.21
CA GLY D 89 16.70 37.74 -2.43
C GLY D 89 15.23 38.01 -2.16
N SER D 90 14.43 37.72 -3.20
CA SER D 90 12.98 37.95 -3.12
C SER D 90 12.19 36.99 -2.27
N GLN D 91 11.20 37.44 -1.45
CA GLN D 91 10.51 36.71 -0.45
C GLN D 91 9.49 35.68 -0.95
N GLY D 92 8.93 35.82 -2.15
CA GLY D 92 8.06 34.80 -2.71
C GLY D 92 8.74 33.42 -2.81
N CYS D 93 10.05 33.39 -3.07
CA CYS D 93 10.84 32.19 -3.20
C CYS D 93 10.74 31.38 -1.89
N VAL D 94 11.02 32.04 -0.78
CA VAL D 94 11.00 31.45 0.54
C VAL D 94 9.62 30.92 0.96
N ALA D 95 8.57 31.68 0.67
CA ALA D 95 7.22 31.23 0.96
C ALA D 95 7.00 29.89 0.22
N TYR D 96 7.40 29.83 -1.05
CA TYR D 96 7.28 28.59 -1.82
C TYR D 96 8.17 27.47 -1.30
N PHE D 97 9.46 27.73 -1.00
CA PHE D 97 10.30 26.65 -0.51
C PHE D 97 9.71 26.05 0.78
N ARG D 98 9.30 26.90 1.72
CA ARG D 98 8.70 26.42 2.96
C ARG D 98 7.44 25.57 2.65
N THR D 99 6.55 26.06 1.83
CA THR D 99 5.35 25.29 1.51
C THR D 99 5.69 23.93 0.86
N TYR D 100 6.58 23.90 -0.08
CA TYR D 100 6.93 22.67 -0.79
C TYR D 100 7.42 21.64 0.22
N PHE D 101 8.32 22.00 1.16
CA PHE D 101 8.74 21.01 2.14
C PHE D 101 7.66 20.76 3.19
N ASN D 102 6.83 21.73 3.55
CA ASN D 102 5.75 21.54 4.49
C ASN D 102 4.82 20.40 4.00
N ARG D 103 4.49 20.44 2.73
CA ARG D 103 3.55 19.45 2.17
C ARG D 103 4.15 18.08 2.02
N HIS D 104 5.49 17.99 1.82
CA HIS D 104 6.06 16.63 1.71
C HIS D 104 6.31 16.00 3.07
N PHE D 105 6.95 16.78 3.99
CA PHE D 105 7.29 16.21 5.28
C PHE D 105 6.19 16.34 6.30
N LYS D 106 5.17 17.17 6.07
CA LYS D 106 4.12 17.46 7.03
C LYS D 106 4.77 17.93 8.35
N GLU D 107 5.66 18.88 8.22
CA GLU D 107 6.42 19.45 9.32
C GLU D 107 6.66 20.94 9.06
N PRO D 108 6.97 21.68 10.10
CA PRO D 108 7.26 23.10 9.98
C PRO D 108 8.68 23.23 9.42
N ILE D 109 8.88 24.20 8.57
CA ILE D 109 10.17 24.43 7.89
C ILE D 109 10.58 25.90 8.12
N ALA D 110 11.69 26.06 8.83
CA ALA D 110 12.20 27.39 9.15
C ALA D 110 13.13 27.88 8.06
N CYS D 111 12.83 29.05 7.51
CA CYS D 111 13.69 29.65 6.47
C CYS D 111 13.31 31.11 6.39
N VAL D 112 14.27 32.04 6.31
CA VAL D 112 13.81 33.43 6.18
C VAL D 112 14.33 33.96 4.84
N SER D 113 13.74 35.09 4.47
CA SER D 113 14.13 35.89 3.32
C SER D 113 14.66 37.25 3.76
N ASP D 114 15.33 38.03 2.90
CA ASP D 114 15.65 39.40 3.37
C ASP D 114 14.84 40.37 2.55
N SER D 115 13.79 39.78 1.92
CA SER D 115 12.77 40.61 1.22
C SER D 115 13.28 41.70 0.30
N MET D 116 14.11 41.37 -0.69
CA MET D 116 14.49 42.34 -1.73
C MET D 116 13.37 42.67 -2.67
N THR D 117 13.11 43.97 -2.84
CA THR D 117 12.10 44.52 -3.73
C THR D 117 12.70 45.40 -4.82
N GLU D 118 11.88 46.21 -5.49
CA GLU D 118 12.32 47.10 -6.56
C GLU D 118 13.42 48.04 -6.09
N ASP D 119 13.40 48.56 -4.88
CA ASP D 119 14.45 49.40 -4.35
C ASP D 119 15.79 48.67 -4.33
N ALA D 120 15.80 47.39 -3.96
CA ALA D 120 17.05 46.62 -3.96
C ALA D 120 17.52 46.30 -5.37
N ALA D 121 16.59 46.31 -6.32
CA ALA D 121 16.96 46.04 -7.71
C ALA D 121 17.92 47.06 -8.29
N VAL D 122 17.96 48.30 -7.77
CA VAL D 122 18.88 49.32 -8.31
C VAL D 122 20.07 49.56 -7.38
N PHE D 123 19.84 49.42 -6.06
CA PHE D 123 20.95 49.69 -5.14
C PHE D 123 21.74 48.42 -4.79
N GLY D 124 21.12 47.27 -5.07
CA GLY D 124 21.78 46.01 -4.68
C GLY D 124 21.18 45.68 -3.32
N GLY D 125 21.32 44.44 -2.85
CA GLY D 125 20.64 44.06 -1.63
C GLY D 125 21.47 44.23 -0.38
N ASN D 126 22.53 45.03 -0.37
CA ASN D 126 23.36 45.13 0.84
C ASN D 126 22.55 45.60 2.05
N ASN D 127 21.67 46.62 1.93
CA ASN D 127 20.93 46.98 3.13
C ASN D 127 20.03 45.82 3.57
N ASN D 128 19.35 45.16 2.62
CA ASN D 128 18.56 44.00 3.01
C ASN D 128 19.40 42.99 3.78
N MET D 129 20.59 42.59 3.32
CA MET D 129 21.43 41.64 3.99
C MET D 129 21.79 42.07 5.40
N ASN D 130 22.21 43.32 5.60
CA ASN D 130 22.56 43.79 6.95
C ASN D 130 21.39 43.67 7.92
N LEU D 131 20.26 44.26 7.54
CA LEU D 131 19.09 44.33 8.40
C LEU D 131 18.49 42.94 8.58
N GLY D 132 18.56 42.14 7.52
CA GLY D 132 18.03 40.78 7.54
C GLY D 132 18.82 39.88 8.49
N LEU D 133 20.16 39.98 8.50
CA LEU D 133 20.95 39.21 9.46
C LEU D 133 20.72 39.67 10.88
N GLN D 134 20.65 41.01 11.04
CA GLN D 134 20.31 41.53 12.36
C GLN D 134 18.96 41.03 12.86
N ASN D 135 17.88 41.16 12.09
CA ASN D 135 16.56 40.76 12.59
C ASN D 135 16.46 39.25 12.85
N ALA D 136 16.96 38.48 11.87
CA ALA D 136 16.95 37.03 12.04
C ALA D 136 17.69 36.66 13.32
N SER D 137 18.87 37.22 13.60
CA SER D 137 19.60 36.83 14.80
C SER D 137 18.78 37.06 16.07
N ALA D 138 18.22 38.28 16.11
CA ALA D 138 17.40 38.66 17.26
C ALA D 138 16.24 37.74 17.52
N LEU D 139 15.40 37.54 16.48
CA LEU D 139 14.18 36.76 16.68
C LEU D 139 14.39 35.28 16.96
N TYR D 140 15.24 34.66 16.15
CA TYR D 140 15.40 33.20 16.08
C TYR D 140 16.64 32.66 16.71
N LYS D 141 17.61 33.53 17.07
CA LYS D 141 18.82 33.08 17.74
C LYS D 141 19.51 31.78 17.29
N PRO D 142 19.88 31.73 16.04
CA PRO D 142 20.62 30.60 15.50
C PRO D 142 22.10 30.76 15.90
N GLU D 143 22.81 29.66 15.90
CA GLU D 143 24.28 29.70 15.93
C GLU D 143 24.84 29.91 14.54
N ILE D 144 24.13 29.40 13.51
CA ILE D 144 24.57 29.49 12.12
C ILE D 144 23.45 30.09 11.28
N ILE D 145 23.81 31.02 10.40
CA ILE D 145 22.87 31.57 9.42
C ILE D 145 23.42 31.15 8.06
N ALA D 146 22.74 30.20 7.40
CA ALA D 146 23.22 29.65 6.14
C ALA D 146 22.61 30.33 4.92
N VAL D 147 23.46 31.09 4.24
CA VAL D 147 22.98 32.01 3.21
C VAL D 147 23.06 31.43 1.81
N SER D 148 21.90 31.49 1.12
CA SER D 148 21.84 31.16 -0.30
C SER D 148 21.12 32.30 -1.01
N THR D 149 20.90 32.18 -2.32
CA THR D 149 20.35 33.24 -3.11
C THR D 149 19.13 32.86 -3.96
N THR D 150 18.38 33.88 -4.34
CA THR D 150 17.29 33.73 -5.29
C THR D 150 17.76 34.33 -6.64
N CYS D 151 17.00 34.13 -7.69
CA CYS D 151 17.47 34.42 -9.03
C CYS D 151 17.63 35.92 -9.24
N MET D 152 16.88 36.74 -8.58
CA MET D 152 16.92 38.17 -8.61
C MET D 152 18.29 38.65 -8.09
N ALA D 153 18.76 38.06 -6.99
CA ALA D 153 20.06 38.52 -6.46
C ALA D 153 21.22 38.08 -7.33
N GLU D 154 21.04 36.98 -8.07
CA GLU D 154 22.02 36.48 -9.00
C GLU D 154 22.07 37.36 -10.26
N VAL D 155 20.92 37.75 -10.79
CA VAL D 155 20.84 38.53 -12.00
C VAL D 155 21.40 39.93 -11.76
N ILE D 156 21.11 40.50 -10.60
CA ILE D 156 21.63 41.83 -10.28
C ILE D 156 23.09 41.66 -9.89
N GLY D 157 23.64 40.54 -9.48
CA GLY D 157 25.08 40.38 -9.27
C GLY D 157 25.46 40.77 -7.85
N ASP D 158 24.48 40.75 -6.94
CA ASP D 158 24.84 40.94 -5.53
C ASP D 158 26.08 40.15 -5.14
N ASP D 159 26.99 40.91 -4.52
CA ASP D 159 28.26 40.34 -4.07
C ASP D 159 28.12 39.91 -2.61
N LEU D 160 27.47 38.77 -2.49
CA LEU D 160 27.19 38.10 -1.23
C LEU D 160 28.33 38.12 -0.22
N GLN D 161 29.50 37.62 -0.62
CA GLN D 161 30.68 37.56 0.25
C GLN D 161 31.00 38.94 0.82
N ALA D 162 30.93 39.99 -0.01
CA ALA D 162 31.19 41.35 0.45
C ALA D 162 30.08 41.85 1.34
N PHE D 163 28.83 41.46 1.00
CA PHE D 163 27.75 41.90 1.89
C PHE D 163 27.87 41.37 3.31
N ILE D 164 28.23 40.10 3.47
CA ILE D 164 28.29 39.50 4.81
C ILE D 164 29.52 40.04 5.54
N ALA D 165 30.56 40.34 4.80
CA ALA D 165 31.77 40.98 5.34
C ALA D 165 31.44 42.35 5.94
N ASN D 166 30.62 43.14 5.24
CA ASN D 166 30.11 44.40 5.78
C ASN D 166 29.21 44.19 6.99
N ALA D 167 28.22 43.28 6.86
CA ALA D 167 27.39 43.01 8.03
C ALA D 167 28.23 42.69 9.26
N LYS D 168 29.25 41.85 9.16
CA LYS D 168 30.11 41.54 10.29
C LYS D 168 31.01 42.73 10.66
N LYS D 169 31.47 43.56 9.73
CA LYS D 169 32.35 44.66 10.15
C LYS D 169 31.55 45.71 10.91
N ASP D 170 30.32 45.90 10.44
CA ASP D 170 29.45 46.97 10.88
C ASP D 170 28.52 46.56 12.00
N GLY D 171 28.69 45.43 12.64
CA GLY D 171 27.90 44.98 13.77
C GLY D 171 26.45 44.55 13.48
N PHE D 172 26.02 44.34 12.25
CA PHE D 172 24.68 43.76 12.04
C PHE D 172 24.61 42.31 12.51
N VAL D 173 25.66 41.52 12.42
CA VAL D 173 25.65 40.13 12.90
C VAL D 173 26.82 39.85 13.84
N ASP D 174 26.57 39.27 15.01
CA ASP D 174 27.60 39.05 16.01
C ASP D 174 28.69 38.10 15.58
N SER D 175 29.89 38.14 16.18
CA SER D 175 31.01 37.29 15.79
C SER D 175 30.92 35.80 16.17
N SER D 176 29.90 35.60 17.04
CA SER D 176 29.50 34.34 17.61
C SER D 176 28.77 33.47 16.56
N ILE D 177 28.19 34.12 15.58
CA ILE D 177 27.36 33.44 14.61
C ILE D 177 28.13 33.16 13.33
N ALA D 178 28.12 31.89 12.88
CA ALA D 178 28.80 31.60 11.60
C ALA D 178 27.86 31.82 10.43
N VAL D 179 28.42 32.34 9.31
CA VAL D 179 27.58 32.69 8.20
C VAL D 179 28.08 32.12 6.88
N PRO D 180 27.91 30.81 6.69
CA PRO D 180 28.31 30.18 5.43
C PRO D 180 27.38 30.67 4.34
N HIS D 181 27.90 30.72 3.11
CA HIS D 181 27.10 31.20 2.01
C HIS D 181 27.44 30.50 0.70
N ALA D 182 26.42 30.47 -0.17
CA ALA D 182 26.67 29.92 -1.51
C ALA D 182 25.86 30.67 -2.52
N HIS D 183 26.36 30.83 -3.72
CA HIS D 183 25.55 31.31 -4.84
C HIS D 183 24.68 30.14 -5.29
N THR D 184 23.37 30.31 -5.46
CA THR D 184 22.52 29.21 -5.90
C THR D 184 21.57 29.67 -7.01
N PRO D 185 22.08 29.88 -8.21
CA PRO D 185 21.33 30.48 -9.30
C PRO D 185 20.32 29.47 -9.82
N SER D 186 19.05 29.87 -9.83
CA SER D 186 18.00 28.98 -10.32
C SER D 186 18.08 28.59 -11.78
N PHE D 187 18.75 29.36 -12.63
CA PHE D 187 18.86 29.12 -14.04
C PHE D 187 20.07 28.30 -14.38
N ILE D 188 20.74 27.67 -13.36
CA ILE D 188 21.71 26.65 -13.58
C ILE D 188 21.37 25.37 -12.82
N GLY D 189 21.43 24.22 -13.48
CA GLY D 189 21.32 22.97 -12.70
C GLY D 189 19.91 22.83 -12.10
N SER D 190 19.85 22.28 -10.89
CA SER D 190 18.51 22.15 -10.28
C SER D 190 18.65 22.18 -8.77
N HIS D 191 17.64 21.76 -7.99
CA HIS D 191 17.74 21.65 -6.55
C HIS D 191 18.85 20.80 -5.99
N VAL D 192 19.34 19.79 -6.78
CA VAL D 192 20.42 18.93 -6.30
C VAL D 192 21.73 19.74 -6.37
N THR D 193 21.85 20.60 -7.35
CA THR D 193 23.05 21.46 -7.50
C THR D 193 23.14 22.44 -6.33
N GLY D 194 22.03 23.06 -5.92
CA GLY D 194 21.97 23.97 -4.78
C GLY D 194 22.40 23.30 -3.48
N TRP D 195 22.01 22.01 -3.35
CA TRP D 195 22.44 21.31 -2.10
C TRP D 195 23.97 21.22 -2.05
N ASP D 196 24.56 20.81 -3.19
CA ASP D 196 26.01 20.63 -3.29
C ASP D 196 26.70 22.00 -3.09
N ASN D 197 26.25 23.01 -3.80
CA ASN D 197 26.78 24.36 -3.63
C ASN D 197 26.73 24.79 -2.17
N MET D 198 25.60 24.59 -1.49
CA MET D 198 25.51 24.90 -0.06
C MET D 198 26.46 24.12 0.83
N PHE D 199 26.69 22.84 0.48
CA PHE D 199 27.57 21.98 1.21
C PHE D 199 29.00 22.60 1.13
N GLU D 200 29.40 22.88 -0.08
CA GLU D 200 30.70 23.55 -0.33
C GLU D 200 30.86 24.78 0.59
N GLY D 201 29.87 25.67 0.59
CA GLY D 201 29.88 26.82 1.51
C GLY D 201 30.14 26.40 2.94
N PHE D 202 29.42 25.42 3.49
CA PHE D 202 29.72 24.95 4.84
C PHE D 202 31.15 24.42 5.02
N ALA D 203 31.59 23.60 4.08
CA ALA D 203 33.00 23.17 4.17
C ALA D 203 33.98 24.35 4.22
N LYS D 204 33.87 25.36 3.41
CA LYS D 204 34.82 26.48 3.40
C LYS D 204 34.81 27.23 4.73
N THR D 205 33.56 27.52 5.16
CA THR D 205 33.35 28.23 6.41
C THR D 205 33.93 27.48 7.59
N PHE D 206 33.74 26.16 7.64
CA PHE D 206 34.13 25.44 8.84
C PHE D 206 35.48 24.75 8.82
N THR D 207 36.09 24.53 7.68
CA THR D 207 37.37 23.84 7.63
C THR D 207 38.39 24.51 6.73
N ALA D 208 38.16 25.69 6.15
CA ALA D 208 39.17 26.11 5.15
C ALA D 208 40.48 26.49 5.87
N ASP D 209 40.45 26.76 7.19
CA ASP D 209 41.75 27.11 7.77
C ASP D 209 42.29 26.01 8.66
N TYR D 210 41.77 24.81 8.55
CA TYR D 210 42.18 23.74 9.42
C TYR D 210 43.37 23.03 8.80
N GLN D 211 44.32 22.57 9.59
CA GLN D 211 45.36 21.71 9.00
C GLN D 211 45.01 20.28 9.42
N GLY D 212 44.34 19.57 8.49
CA GLY D 212 43.86 18.26 8.82
C GLY D 212 44.80 17.12 8.48
N GLN D 213 44.51 15.97 9.07
CA GLN D 213 45.30 14.77 8.81
C GLN D 213 44.35 13.57 8.70
N PRO D 214 44.12 13.13 7.49
CA PRO D 214 43.22 12.00 7.28
C PRO D 214 43.70 10.86 8.15
N GLY D 215 42.74 10.38 8.90
CA GLY D 215 42.89 9.21 9.71
C GLY D 215 43.38 9.61 11.11
N LYS D 216 43.47 10.89 11.47
CA LYS D 216 43.70 11.21 12.90
C LYS D 216 42.56 10.64 13.72
N LEU D 217 41.32 10.80 13.18
CA LEU D 217 40.17 10.17 13.80
C LEU D 217 39.83 8.93 13.00
N PRO D 218 39.54 7.83 13.67
CA PRO D 218 39.23 6.57 12.98
C PRO D 218 37.76 6.54 12.59
N LYS D 219 37.29 7.57 11.89
CA LYS D 219 35.87 7.60 11.54
C LYS D 219 35.74 7.79 10.04
N LEU D 220 34.51 7.63 9.58
CA LEU D 220 34.16 8.01 8.22
C LEU D 220 33.16 9.16 8.30
N ASN D 221 33.25 10.07 7.36
CA ASN D 221 32.18 11.06 7.20
C ASN D 221 31.28 10.48 6.07
N LEU D 222 29.98 10.67 6.14
CA LEU D 222 29.04 10.34 5.10
C LEU D 222 28.29 11.58 4.63
N VAL D 223 28.20 11.76 3.31
CA VAL D 223 27.46 12.86 2.72
C VAL D 223 26.34 12.30 1.84
N THR D 224 25.12 12.64 2.20
CA THR D 224 23.96 12.07 1.48
C THR D 224 23.64 12.71 0.14
N GLY D 225 23.78 14.04 0.15
CA GLY D 225 23.20 14.95 -0.78
C GLY D 225 21.66 14.98 -0.59
N PHE D 226 20.95 15.52 -1.53
CA PHE D 226 19.52 15.92 -1.41
C PHE D 226 18.72 14.62 -1.22
N GLU D 227 18.20 14.42 -0.05
CA GLU D 227 17.55 13.19 0.34
C GLU D 227 16.43 13.48 1.29
N THR D 228 15.28 12.97 0.86
CA THR D 228 14.01 13.32 1.49
C THR D 228 13.27 12.19 2.14
N TYR D 229 13.92 11.01 2.31
CA TYR D 229 13.42 9.94 3.14
C TYR D 229 14.13 10.01 4.49
N LEU D 230 13.40 10.25 5.56
CA LEU D 230 14.07 10.27 6.88
C LEU D 230 14.77 8.95 7.15
N GLY D 231 14.12 7.83 6.78
CA GLY D 231 14.73 6.52 7.01
C GLY D 231 16.15 6.35 6.49
N ASN D 232 16.56 7.05 5.42
CA ASN D 232 17.89 6.82 4.88
C ASN D 232 19.01 7.40 5.75
N PHE D 233 18.72 8.48 6.47
CA PHE D 233 19.72 9.03 7.39
C PHE D 233 19.83 8.06 8.57
N ARG D 234 18.66 7.59 9.04
CA ARG D 234 18.67 6.71 10.20
C ARG D 234 19.31 5.35 9.91
N VAL D 235 19.00 4.70 8.80
CA VAL D 235 19.65 3.46 8.36
C VAL D 235 21.17 3.51 8.30
N LEU D 236 21.73 4.57 7.75
CA LEU D 236 23.18 4.75 7.64
C LEU D 236 23.84 4.83 9.03
N LYS D 237 23.21 5.52 9.97
CA LYS D 237 23.75 5.65 11.32
C LYS D 237 23.63 4.28 11.99
N ARG D 238 22.52 3.58 11.75
CA ARG D 238 22.35 2.25 12.32
C ARG D 238 23.36 1.24 11.79
N MET D 239 23.61 1.22 10.48
CA MET D 239 24.52 0.25 9.90
C MET D 239 25.96 0.50 10.39
N MET D 240 26.32 1.77 10.49
CA MET D 240 27.68 2.11 10.93
C MET D 240 27.89 1.67 12.38
N GLU D 241 26.92 1.94 13.24
CA GLU D 241 26.89 1.44 14.60
C GLU D 241 27.00 -0.06 14.74
N GLN D 242 26.36 -0.81 13.84
CA GLN D 242 26.56 -2.26 13.83
C GLN D 242 27.94 -2.66 13.33
N MET D 243 28.53 -1.93 12.38
CA MET D 243 29.91 -2.11 11.98
C MET D 243 30.88 -1.64 13.08
N ALA D 244 30.51 -0.92 14.11
CA ALA D 244 31.36 -0.38 15.16
C ALA D 244 32.38 0.61 14.62
N VAL D 245 31.95 1.37 13.61
CA VAL D 245 32.85 2.31 12.91
C VAL D 245 32.31 3.71 13.13
N PRO D 246 32.95 4.50 14.01
CA PRO D 246 32.56 5.90 14.18
C PRO D 246 32.21 6.49 12.82
N CYS D 247 31.27 7.43 12.83
CA CYS D 247 30.81 8.10 11.61
C CYS D 247 30.05 9.37 11.83
N SER D 248 30.16 10.40 10.99
CA SER D 248 29.32 11.60 11.15
C SER D 248 28.57 11.78 9.84
N LEU D 249 27.27 11.97 9.86
CA LEU D 249 26.64 12.42 8.61
C LEU D 249 26.86 13.93 8.56
N LEU D 250 27.35 14.44 7.47
CA LEU D 250 27.52 15.87 7.26
C LEU D 250 26.31 16.37 6.47
N SER D 251 25.40 16.96 7.21
CA SER D 251 24.09 17.44 6.84
C SER D 251 23.08 16.31 7.14
N ASP D 252 22.39 16.45 8.25
CA ASP D 252 21.43 15.41 8.63
C ASP D 252 20.16 16.05 9.18
N PRO D 253 19.13 16.23 8.37
CA PRO D 253 17.95 16.92 8.84
C PRO D 253 16.94 15.99 9.46
N SER D 254 17.28 14.75 9.81
CA SER D 254 16.24 13.80 10.21
C SER D 254 15.67 14.07 11.59
N GLU D 255 16.37 14.76 12.49
CA GLU D 255 15.75 15.16 13.76
C GLU D 255 14.91 16.41 13.71
N VAL D 256 15.34 17.44 12.98
CA VAL D 256 14.56 18.64 12.84
C VAL D 256 13.35 18.41 11.92
N LEU D 257 13.39 17.41 11.07
CA LEU D 257 12.16 17.12 10.28
C LEU D 257 11.28 16.07 10.96
N ASP D 258 11.56 15.70 12.18
CA ASP D 258 10.69 14.71 12.88
C ASP D 258 10.64 15.00 14.38
N THR D 259 10.34 16.26 14.73
CA THR D 259 10.29 16.58 16.17
C THR D 259 8.95 16.04 16.71
N PRO D 260 8.86 15.77 17.98
CA PRO D 260 7.66 15.19 18.61
C PRO D 260 6.57 16.24 18.83
N ALA D 261 5.30 15.90 18.72
CA ALA D 261 4.18 16.79 18.99
C ALA D 261 3.86 16.63 20.48
N ASP D 262 4.58 17.39 21.31
CA ASP D 262 4.48 17.25 22.75
C ASP D 262 4.12 18.57 23.43
N GLY D 263 3.56 19.58 22.77
CA GLY D 263 3.19 20.82 23.41
C GLY D 263 4.20 21.94 23.17
N HIS D 264 5.38 21.58 22.67
CA HIS D 264 6.44 22.56 22.41
C HIS D 264 6.89 22.58 20.98
N TYR D 265 7.02 23.76 20.39
CA TYR D 265 7.61 23.88 19.07
C TYR D 265 9.13 24.01 19.25
N ARG D 266 9.87 23.11 18.61
CA ARG D 266 11.33 23.18 18.67
C ARG D 266 11.84 23.56 17.28
N MET D 267 12.32 24.78 17.13
CA MET D 267 12.80 25.19 15.80
C MET D 267 14.00 24.35 15.38
N TYR D 268 14.95 24.17 16.31
CA TYR D 268 16.20 23.49 16.07
C TYR D 268 16.21 22.14 16.77
N SER D 269 16.72 21.09 16.15
CA SER D 269 16.82 19.81 16.86
C SER D 269 17.82 18.88 16.12
N GLY D 270 18.88 18.46 16.80
CA GLY D 270 19.80 17.51 16.17
C GLY D 270 20.60 18.21 15.09
N GLY D 271 20.96 17.47 14.04
CA GLY D 271 21.75 17.94 12.96
C GLY D 271 23.25 17.83 13.24
N THR D 272 24.05 17.95 12.20
CA THR D 272 25.50 17.83 12.29
C THR D 272 26.06 18.98 13.16
N THR D 273 26.82 18.65 14.18
CA THR D 273 27.38 19.75 14.99
C THR D 273 28.56 20.42 14.29
N GLN D 274 28.88 21.60 14.81
CA GLN D 274 30.00 22.40 14.29
C GLN D 274 31.28 21.59 14.53
N GLN D 275 31.39 20.96 15.71
CA GLN D 275 32.45 20.01 16.03
C GLN D 275 32.56 18.88 15.02
N GLU D 276 31.43 18.29 14.61
CA GLU D 276 31.52 17.26 13.53
C GLU D 276 31.99 17.87 12.24
N MET D 277 31.62 19.08 11.84
CA MET D 277 31.99 19.57 10.51
C MET D 277 33.47 20.01 10.57
N LYS D 278 33.86 20.65 11.70
CA LYS D 278 35.24 21.11 11.86
C LYS D 278 36.24 19.98 11.96
N GLU D 279 35.89 18.85 12.60
CA GLU D 279 36.85 17.75 12.64
C GLU D 279 36.76 16.85 11.41
N ALA D 280 35.91 17.16 10.42
CA ALA D 280 35.83 16.36 9.18
C ALA D 280 37.11 15.95 8.47
N PRO D 281 38.03 16.89 8.23
CA PRO D 281 39.30 16.68 7.59
C PRO D 281 40.15 15.66 8.34
N ASP D 282 39.92 15.39 9.62
CA ASP D 282 40.69 14.32 10.26
C ASP D 282 40.14 12.90 10.08
N ALA D 283 38.93 12.77 9.52
CA ALA D 283 38.43 11.42 9.27
C ALA D 283 39.34 10.67 8.32
N ILE D 284 39.15 9.35 8.34
CA ILE D 284 39.82 8.53 7.32
C ILE D 284 39.40 9.08 5.97
N ASP D 285 38.10 9.07 5.70
CA ASP D 285 37.63 9.43 4.38
C ASP D 285 36.19 9.87 4.50
N THR D 286 35.72 10.50 3.43
CA THR D 286 34.29 10.90 3.38
C THR D 286 33.64 10.22 2.15
N LEU D 287 32.53 9.58 2.37
CA LEU D 287 31.92 8.87 1.22
C LEU D 287 30.75 9.69 0.76
N LEU D 288 30.76 9.93 -0.55
CA LEU D 288 29.81 10.78 -1.19
C LEU D 288 28.73 9.81 -1.77
N LEU D 289 27.64 9.70 -1.04
CA LEU D 289 26.63 8.69 -1.39
C LEU D 289 25.71 9.02 -2.53
N GLN D 290 25.62 10.23 -3.08
CA GLN D 290 24.92 10.42 -4.36
C GLN D 290 26.01 11.10 -5.21
N PRO D 291 26.80 10.29 -5.90
CA PRO D 291 27.95 10.79 -6.61
C PRO D 291 27.71 11.76 -7.72
N TRP D 292 26.67 11.53 -8.52
CA TRP D 292 26.38 12.43 -9.60
C TRP D 292 26.03 13.84 -9.17
N GLN D 293 25.43 14.09 -8.02
CA GLN D 293 25.21 15.47 -7.64
C GLN D 293 26.31 16.00 -6.68
N LEU D 294 27.14 15.19 -6.07
CA LEU D 294 28.13 15.76 -5.12
C LEU D 294 29.46 16.08 -5.80
N LEU D 295 29.41 16.92 -6.80
CA LEU D 295 30.57 17.30 -7.61
C LEU D 295 31.52 18.23 -6.88
N LYS D 296 31.02 19.37 -6.40
CA LYS D 296 31.84 20.32 -5.63
C LYS D 296 32.22 19.70 -4.29
N SER D 297 31.33 18.89 -3.69
CA SER D 297 31.65 18.14 -2.53
C SER D 297 32.88 17.28 -2.80
N LYS D 298 32.94 16.52 -3.91
CA LYS D 298 34.11 15.67 -4.17
C LYS D 298 35.43 16.48 -4.19
N LYS D 299 35.40 17.69 -4.75
CA LYS D 299 36.57 18.55 -4.71
C LYS D 299 36.93 19.00 -3.31
N VAL D 300 35.99 19.35 -2.43
CA VAL D 300 36.35 19.62 -1.02
C VAL D 300 37.11 18.46 -0.44
N VAL D 301 36.50 17.26 -0.64
CA VAL D 301 37.10 16.09 0.01
C VAL D 301 38.53 15.82 -0.46
N GLN D 302 38.70 15.85 -1.78
CA GLN D 302 40.04 15.53 -2.28
C GLN D 302 40.98 16.72 -2.18
N GLU D 303 40.52 17.91 -2.59
CA GLU D 303 41.43 19.03 -2.73
C GLU D 303 41.61 19.78 -1.41
N MET D 304 40.60 19.88 -0.57
CA MET D 304 40.71 20.60 0.71
C MET D 304 41.14 19.64 1.82
N TRP D 305 40.55 18.45 1.79
CA TRP D 305 40.73 17.54 2.93
C TRP D 305 41.83 16.54 2.58
N ASN D 306 42.22 16.36 1.34
CA ASN D 306 43.30 15.46 0.98
C ASN D 306 42.96 14.02 1.32
N GLN D 307 41.65 13.70 1.34
CA GLN D 307 41.19 12.33 1.60
C GLN D 307 40.99 11.63 0.26
N PRO D 308 40.81 10.32 0.31
CA PRO D 308 40.64 9.54 -0.92
C PRO D 308 39.38 9.87 -1.68
N ALA D 309 38.24 10.15 -1.04
CA ALA D 309 36.95 10.20 -1.74
C ALA D 309 36.67 8.90 -2.52
N THR D 310 36.80 7.79 -1.82
CA THR D 310 36.60 6.45 -2.36
C THR D 310 35.24 6.39 -3.08
N GLU D 311 35.28 6.06 -4.37
CA GLU D 311 33.98 6.06 -5.05
C GLU D 311 33.05 5.00 -4.46
N VAL D 312 31.78 5.42 -4.26
CA VAL D 312 30.77 4.44 -3.88
C VAL D 312 29.52 4.75 -4.72
N ALA D 313 28.66 3.76 -4.88
CA ALA D 313 27.43 4.01 -5.65
C ALA D 313 26.35 4.37 -4.64
N ILE D 314 25.26 4.96 -5.13
CA ILE D 314 24.15 5.16 -4.13
C ILE D 314 23.82 3.80 -3.56
N PRO D 315 23.63 3.61 -2.26
CA PRO D 315 23.51 2.29 -1.63
C PRO D 315 22.05 1.80 -1.71
N LEU D 316 21.58 1.71 -2.97
CA LEU D 316 20.15 1.28 -3.14
C LEU D 316 20.17 -0.13 -3.70
N GLY D 317 19.52 -1.05 -3.01
CA GLY D 317 19.48 -2.42 -3.54
C GLY D 317 20.59 -3.27 -2.94
N LEU D 318 20.59 -4.54 -3.31
CA LEU D 318 21.44 -5.54 -2.71
C LEU D 318 22.90 -5.40 -3.07
N ALA D 319 23.26 -5.21 -4.34
CA ALA D 319 24.70 -5.14 -4.66
C ALA D 319 25.32 -3.82 -4.27
N ALA D 320 24.55 -2.72 -4.37
CA ALA D 320 25.10 -1.40 -3.96
C ALA D 320 25.31 -1.33 -2.46
N THR D 321 24.46 -2.00 -1.67
CA THR D 321 24.65 -2.04 -0.22
C THR D 321 25.81 -2.95 0.15
N ASP D 322 25.98 -4.08 -0.52
CA ASP D 322 27.21 -4.89 -0.30
C ASP D 322 28.47 -4.09 -0.59
N GLU D 323 28.46 -3.29 -1.65
CA GLU D 323 29.62 -2.49 -2.01
C GLU D 323 29.87 -1.38 -0.96
N LEU D 324 28.83 -0.71 -0.51
CA LEU D 324 29.06 0.23 0.60
C LEU D 324 29.67 -0.46 1.83
N LEU D 325 29.17 -1.63 2.27
CA LEU D 325 29.70 -2.28 3.45
C LEU D 325 31.15 -2.78 3.27
N MET D 326 31.43 -3.27 2.08
CA MET D 326 32.84 -3.66 1.80
C MET D 326 33.77 -2.46 1.79
N THR D 327 33.33 -1.34 1.25
CA THR D 327 34.10 -0.11 1.31
C THR D 327 34.34 0.38 2.72
N VAL D 328 33.30 0.42 3.53
CA VAL D 328 33.45 0.74 4.95
C VAL D 328 34.40 -0.25 5.65
N SER D 329 34.31 -1.53 5.34
CA SER D 329 35.18 -2.51 6.01
C SER D 329 36.68 -2.42 5.66
N GLN D 330 36.96 -2.06 4.44
CA GLN D 330 38.34 -2.03 3.94
C GLN D 330 39.00 -0.72 4.29
N LEU D 331 38.18 0.35 4.41
CA LEU D 331 38.69 1.65 4.83
C LEU D 331 38.93 1.65 6.35
N SER D 332 38.04 0.99 7.07
CA SER D 332 38.08 0.96 8.50
C SER D 332 38.97 -0.17 9.08
N GLY D 333 39.17 -1.23 8.34
CA GLY D 333 39.87 -2.39 8.86
C GLY D 333 38.93 -3.24 9.71
N LYS D 334 37.63 -2.93 9.83
CA LYS D 334 36.71 -3.73 10.62
C LYS D 334 35.78 -4.63 9.80
N PRO D 335 35.48 -5.81 10.33
CA PRO D 335 34.67 -6.81 9.67
C PRO D 335 33.20 -6.43 9.60
N ILE D 336 32.55 -6.87 8.55
CA ILE D 336 31.11 -6.65 8.35
C ILE D 336 30.37 -7.36 9.48
N ALA D 337 29.49 -6.69 10.24
CA ALA D 337 28.81 -7.33 11.35
C ALA D 337 27.94 -8.55 11.04
N ASP D 338 27.92 -9.64 11.82
CA ASP D 338 26.99 -10.73 11.52
C ASP D 338 25.54 -10.23 11.43
N ALA D 339 25.16 -9.23 12.27
CA ALA D 339 23.77 -8.73 12.11
C ALA D 339 23.52 -8.19 10.71
N LEU D 340 24.50 -7.64 10.01
CA LEU D 340 24.31 -7.17 8.63
C LEU D 340 24.28 -8.28 7.61
N THR D 341 25.10 -9.31 7.82
CA THR D 341 25.02 -10.53 7.00
C THR D 341 23.66 -11.20 7.13
N LEU D 342 23.12 -11.27 8.30
CA LEU D 342 21.80 -11.88 8.60
C LEU D 342 20.70 -11.09 7.81
N GLU D 343 20.73 -9.77 8.04
CA GLU D 343 19.82 -8.89 7.31
C GLU D 343 19.96 -9.11 5.82
N ARG D 344 21.15 -9.12 5.22
CA ARG D 344 21.32 -9.38 3.80
C ARG D 344 20.55 -10.63 3.33
N GLY D 345 20.77 -11.68 4.08
CA GLY D 345 20.21 -13.01 3.75
C GLY D 345 18.69 -12.95 3.86
N ARG D 346 18.10 -12.13 4.73
CA ARG D 346 16.64 -12.02 4.79
C ARG D 346 16.08 -11.34 3.56
N LEU D 347 16.85 -10.37 3.06
CA LEU D 347 16.49 -9.63 1.85
C LEU D 347 16.60 -10.58 0.66
N VAL D 348 17.69 -11.37 0.66
CA VAL D 348 17.78 -12.36 -0.45
C VAL D 348 16.58 -13.26 -0.46
N ASP D 349 16.22 -13.75 0.74
CA ASP D 349 15.06 -14.63 0.85
C ASP D 349 13.78 -13.98 0.32
N MET D 350 13.59 -12.69 0.63
CA MET D 350 12.40 -11.98 0.13
C MET D 350 12.43 -11.90 -1.38
N MET D 351 13.60 -11.64 -1.98
CA MET D 351 13.77 -11.57 -3.43
C MET D 351 13.41 -12.91 -4.06
N LEU D 352 13.90 -14.01 -3.46
CA LEU D 352 13.55 -15.33 -4.01
C LEU D 352 12.07 -15.71 -3.83
N ASP D 353 11.47 -15.40 -2.70
CA ASP D 353 10.04 -15.65 -2.48
C ASP D 353 9.16 -14.92 -3.50
N SER D 354 9.52 -13.67 -3.83
CA SER D 354 8.75 -12.82 -4.70
C SER D 354 9.19 -12.72 -6.16
N HIS D 355 10.22 -13.47 -6.57
CA HIS D 355 10.78 -13.29 -7.90
C HIS D 355 9.82 -13.63 -9.04
N THR D 356 8.85 -14.50 -8.88
CA THR D 356 7.98 -14.88 -9.99
C THR D 356 6.90 -13.85 -10.32
N TRP D 357 6.70 -12.89 -9.39
CA TRP D 357 5.74 -11.85 -9.67
C TRP D 357 6.47 -10.66 -10.28
N LEU D 358 7.77 -10.45 -9.99
CA LEU D 358 8.49 -9.32 -10.58
C LEU D 358 9.14 -9.59 -11.91
N HIS D 359 9.50 -10.85 -12.14
CA HIS D 359 10.36 -11.16 -13.30
C HIS D 359 9.73 -10.73 -14.60
N GLY D 360 10.46 -9.93 -15.38
CA GLY D 360 9.94 -9.50 -16.66
C GLY D 360 8.93 -8.34 -16.56
N LYS D 361 8.63 -7.81 -15.38
CA LYS D 361 7.74 -6.62 -15.35
C LYS D 361 8.53 -5.43 -15.93
N LYS D 362 7.81 -4.61 -16.63
CA LYS D 362 8.34 -3.44 -17.33
C LYS D 362 7.96 -2.18 -16.55
N PHE D 363 8.98 -1.36 -16.25
CA PHE D 363 8.71 -0.14 -15.46
C PHE D 363 9.19 1.10 -16.19
N GLY D 364 8.52 2.19 -16.05
CA GLY D 364 8.98 3.53 -16.46
C GLY D 364 9.32 4.22 -15.09
N LEU D 365 10.37 5.03 -15.10
CA LEU D 365 10.80 5.65 -13.85
C LEU D 365 11.37 7.03 -14.18
N TYR D 366 11.15 7.92 -13.24
CA TYR D 366 11.77 9.25 -13.38
C TYR D 366 12.16 9.76 -11.99
N GLY D 367 13.04 10.77 -11.97
CA GLY D 367 13.43 11.30 -10.64
C GLY D 367 14.79 11.98 -10.82
N ASP D 368 15.47 12.17 -9.68
CA ASP D 368 16.79 12.77 -9.78
C ASP D 368 17.79 11.72 -10.25
N PRO D 369 18.94 12.20 -10.80
CA PRO D 369 19.86 11.31 -11.49
C PRO D 369 20.46 10.22 -10.63
N ASP D 370 20.79 10.48 -9.35
CA ASP D 370 21.41 9.43 -8.55
C ASP D 370 20.37 8.36 -8.21
N PHE D 371 19.20 8.84 -7.81
CA PHE D 371 18.10 7.96 -7.50
C PHE D 371 17.70 7.09 -8.68
N VAL D 372 17.53 7.71 -9.84
CA VAL D 372 17.16 6.90 -11.04
C VAL D 372 18.23 5.88 -11.36
N MET D 373 19.51 6.29 -11.30
CA MET D 373 20.58 5.35 -11.55
C MET D 373 20.49 4.17 -10.56
N GLY D 374 20.35 4.42 -9.27
CA GLY D 374 20.38 3.35 -8.28
C GLY D 374 19.14 2.45 -8.42
N LEU D 375 17.99 3.08 -8.56
CA LEU D 375 16.74 2.27 -8.75
C LEU D 375 16.84 1.42 -10.02
N THR D 376 17.28 2.00 -11.12
CA THR D 376 17.41 1.24 -12.37
C THR D 376 18.32 0.03 -12.14
N ARG D 377 19.47 0.23 -11.50
CA ARG D 377 20.38 -0.87 -11.22
C ARG D 377 19.73 -1.95 -10.39
N PHE D 378 18.93 -1.59 -9.37
CA PHE D 378 18.26 -2.59 -8.55
C PHE D 378 17.17 -3.30 -9.37
N LEU D 379 16.40 -2.62 -10.19
CA LEU D 379 15.39 -3.33 -11.01
C LEU D 379 16.04 -4.39 -11.90
N LEU D 380 17.19 -4.05 -12.46
CA LEU D 380 17.95 -5.03 -13.25
C LEU D 380 18.32 -6.26 -12.44
N GLU D 381 18.74 -6.10 -11.19
CA GLU D 381 19.09 -7.16 -10.24
C GLU D 381 17.91 -8.01 -9.86
N LEU D 382 16.69 -7.49 -9.98
CA LEU D 382 15.46 -8.18 -9.66
C LEU D 382 14.93 -8.95 -10.88
N GLY D 383 15.48 -8.73 -12.07
CA GLY D 383 14.96 -9.42 -13.25
C GLY D 383 13.78 -8.66 -13.86
N CYS D 384 13.71 -7.37 -13.50
CA CYS D 384 12.72 -6.49 -14.09
C CYS D 384 13.33 -5.68 -15.22
N GLU D 385 12.47 -5.15 -16.08
CA GLU D 385 12.89 -4.30 -17.17
C GLU D 385 12.49 -2.85 -17.00
N PRO D 386 13.46 -1.95 -16.75
CA PRO D 386 13.28 -0.52 -16.73
C PRO D 386 13.27 0.01 -18.14
N THR D 387 12.09 -0.02 -18.78
CA THR D 387 12.00 0.25 -20.20
C THR D 387 12.05 1.72 -20.58
N VAL D 388 11.58 2.60 -19.68
CA VAL D 388 11.56 4.02 -19.90
C VAL D 388 12.16 4.70 -18.65
N ILE D 389 13.32 5.28 -18.84
CA ILE D 389 14.09 5.83 -17.71
C ILE D 389 14.26 7.32 -17.99
N LEU D 390 13.71 8.20 -17.15
CA LEU D 390 13.80 9.63 -17.44
C LEU D 390 14.33 10.43 -16.26
N SER D 391 15.24 11.39 -16.51
CA SER D 391 15.80 12.25 -15.48
C SER D 391 15.96 13.60 -16.14
N HIS D 392 15.01 14.47 -15.82
CA HIS D 392 14.95 15.83 -16.38
C HIS D 392 16.24 16.59 -16.03
N ASN D 393 16.84 16.36 -14.87
CA ASN D 393 18.03 17.18 -14.54
C ASN D 393 19.32 16.40 -14.65
N ALA D 394 19.35 15.27 -15.33
CA ALA D 394 20.60 14.54 -15.57
C ALA D 394 21.33 15.17 -16.76
N ASN D 395 22.62 14.89 -16.94
CA ASN D 395 23.36 15.39 -18.08
C ASN D 395 23.81 14.19 -18.91
N LYS D 396 24.50 14.54 -19.99
CA LYS D 396 24.99 13.57 -20.95
C LYS D 396 25.97 12.60 -20.36
N ARG D 397 26.93 12.97 -19.51
CA ARG D 397 27.83 11.98 -18.94
C ARG D 397 27.09 10.91 -18.13
N TRP D 398 26.06 11.31 -17.40
CA TRP D 398 25.20 10.39 -16.67
C TRP D 398 24.50 9.46 -17.67
N GLN D 399 24.02 10.01 -18.77
CA GLN D 399 23.33 9.20 -19.76
C GLN D 399 24.24 8.16 -20.38
N LYS D 400 25.52 8.55 -20.57
CA LYS D 400 26.45 7.54 -21.12
C LYS D 400 26.62 6.41 -20.13
N ALA D 401 26.76 6.72 -18.83
CA ALA D 401 26.94 5.73 -17.78
C ALA D 401 25.69 4.86 -17.62
N MET D 402 24.49 5.43 -17.71
CA MET D 402 23.27 4.62 -17.70
C MET D 402 23.27 3.58 -18.82
N ASN D 403 23.53 4.03 -20.05
CA ASN D 403 23.56 3.17 -21.24
C ASN D 403 24.62 2.08 -21.17
N LYS D 404 25.77 2.36 -20.54
CA LYS D 404 26.76 1.32 -20.31
C LYS D 404 26.18 0.27 -19.38
N MET D 405 25.49 0.66 -18.33
CA MET D 405 24.99 -0.28 -17.33
C MET D 405 23.81 -1.06 -17.92
N LEU D 406 23.00 -0.42 -18.74
CA LEU D 406 21.89 -1.15 -19.36
C LEU D 406 22.41 -2.13 -20.41
N ASP D 407 23.40 -1.67 -21.17
CA ASP D 407 24.03 -2.51 -22.20
C ASP D 407 24.62 -3.79 -21.65
N ALA D 408 25.12 -3.80 -20.42
CA ALA D 408 25.74 -4.96 -19.81
C ALA D 408 24.74 -5.92 -19.17
N SER D 409 23.43 -5.61 -19.22
CA SER D 409 22.44 -6.48 -18.63
C SER D 409 21.49 -7.01 -19.72
N PRO D 410 21.08 -8.26 -19.55
CA PRO D 410 20.04 -8.89 -20.34
C PRO D 410 18.74 -8.12 -20.19
N TYR D 411 18.45 -7.65 -18.96
CA TYR D 411 17.20 -6.96 -18.73
C TYR D 411 17.21 -5.53 -19.22
N GLY D 412 18.33 -4.99 -19.69
CA GLY D 412 18.33 -3.61 -20.17
C GLY D 412 18.23 -3.51 -21.68
N ARG D 413 17.93 -4.61 -22.38
CA ARG D 413 17.94 -4.60 -23.84
C ARG D 413 16.90 -3.68 -24.46
N ASP D 414 15.71 -3.62 -23.92
CA ASP D 414 14.69 -2.73 -24.48
C ASP D 414 14.63 -1.36 -23.81
N SER D 415 15.66 -0.98 -23.06
CA SER D 415 15.51 0.21 -22.19
C SER D 415 15.93 1.45 -22.95
N GLU D 416 15.26 2.57 -22.73
CA GLU D 416 15.54 3.85 -23.37
C GLU D 416 15.72 4.91 -22.29
N VAL D 417 16.82 5.64 -22.29
CA VAL D 417 17.08 6.65 -21.27
C VAL D 417 16.92 8.07 -21.84
N PHE D 418 16.22 8.96 -21.16
CA PHE D 418 15.89 10.29 -21.64
C PHE D 418 16.35 11.35 -20.62
N ILE D 419 17.14 12.35 -21.03
CA ILE D 419 17.54 13.42 -20.12
C ILE D 419 17.00 14.71 -20.74
N ASN D 420 16.93 15.80 -19.97
CA ASN D 420 16.42 17.06 -20.46
C ASN D 420 15.00 16.91 -21.01
N CYS D 421 14.20 15.96 -20.54
CA CYS D 421 12.83 15.72 -20.98
C CYS D 421 11.97 15.78 -19.72
N ASP D 422 10.70 16.15 -19.85
CA ASP D 422 9.84 16.41 -18.72
C ASP D 422 8.70 15.39 -18.64
N LEU D 423 7.75 15.63 -17.75
CA LEU D 423 6.63 14.68 -17.56
C LEU D 423 5.60 14.69 -18.66
N TRP D 424 5.55 15.73 -19.48
CA TRP D 424 4.66 15.67 -20.66
C TRP D 424 5.28 14.74 -21.72
N HIS D 425 6.62 14.66 -21.77
CA HIS D 425 7.36 13.73 -22.60
C HIS D 425 7.14 12.30 -22.03
N PHE D 426 7.23 12.18 -20.71
CA PHE D 426 7.00 10.93 -20.01
C PHE D 426 5.57 10.44 -20.23
N ARG D 427 4.60 11.35 -20.26
CA ARG D 427 3.22 10.94 -20.57
C ARG D 427 3.13 10.30 -21.95
N SER D 428 3.70 10.88 -22.98
CA SER D 428 3.65 10.24 -24.30
C SER D 428 4.28 8.86 -24.25
N LEU D 429 5.44 8.75 -23.58
CA LEU D 429 6.10 7.44 -23.49
C LEU D 429 5.25 6.38 -22.82
N MET D 430 4.47 6.74 -21.82
CA MET D 430 3.59 5.79 -21.12
C MET D 430 2.50 5.30 -22.07
N PHE D 431 2.04 6.19 -22.96
CA PHE D 431 1.06 5.68 -23.91
C PHE D 431 1.70 4.89 -25.04
N THR D 432 2.93 5.19 -25.43
CA THR D 432 3.53 4.52 -26.58
C THR D 432 4.24 3.22 -26.19
N ARG D 433 4.99 3.26 -25.09
CA ARG D 433 5.77 2.10 -24.64
C ARG D 433 5.01 1.24 -23.63
N GLN D 434 4.01 1.82 -22.96
CA GLN D 434 3.15 1.05 -22.04
C GLN D 434 3.86 0.06 -21.17
N PRO D 435 4.72 0.54 -20.26
CA PRO D 435 5.28 -0.32 -19.23
C PRO D 435 4.15 -0.86 -18.37
N ASP D 436 4.41 -1.79 -17.45
CA ASP D 436 3.36 -2.26 -16.57
C ASP D 436 3.04 -1.29 -15.49
N PHE D 437 4.08 -0.56 -14.98
CA PHE D 437 3.84 0.38 -13.91
C PHE D 437 4.81 1.55 -14.11
N MET D 438 4.61 2.62 -13.39
CA MET D 438 5.60 3.70 -13.46
C MET D 438 6.04 4.05 -12.06
N ILE D 439 7.32 4.39 -11.86
CA ILE D 439 7.74 4.71 -10.46
C ILE D 439 8.03 6.20 -10.44
N GLY D 440 7.49 6.97 -9.55
CA GLY D 440 7.77 8.43 -9.71
C GLY D 440 7.17 9.08 -8.44
N ASN D 441 6.98 10.38 -8.54
CA ASN D 441 6.50 11.17 -7.40
C ASN D 441 5.03 11.48 -7.64
N SER D 442 4.44 12.32 -6.80
CA SER D 442 3.01 12.55 -6.91
C SER D 442 2.57 13.21 -8.21
N TYR D 443 3.43 13.92 -8.94
CA TYR D 443 3.02 14.47 -10.23
C TYR D 443 2.66 13.38 -11.24
N GLY D 444 3.16 12.17 -10.98
CA GLY D 444 2.86 11.00 -11.82
C GLY D 444 1.40 10.63 -11.73
N LYS D 445 0.64 11.11 -10.71
CA LYS D 445 -0.77 10.67 -10.62
C LYS D 445 -1.56 11.14 -11.84
N PHE D 446 -1.19 12.30 -12.41
CA PHE D 446 -1.87 12.86 -13.59
C PHE D 446 -1.66 12.07 -14.85
N ILE D 447 -0.49 11.45 -14.99
CA ILE D 447 -0.26 10.48 -16.04
C ILE D 447 -1.02 9.20 -15.87
N GLN D 448 -1.12 8.67 -14.65
CA GLN D 448 -1.93 7.49 -14.41
C GLN D 448 -3.37 7.83 -14.78
N ARG D 449 -3.86 8.99 -14.36
CA ARG D 449 -5.22 9.39 -14.74
C ARG D 449 -5.40 9.44 -16.25
N ASP D 450 -4.53 10.03 -17.04
CA ASP D 450 -4.58 10.14 -18.49
C ASP D 450 -4.61 8.81 -19.22
N THR D 451 -3.78 7.84 -18.70
CA THR D 451 -3.66 6.53 -19.29
C THR D 451 -4.98 5.75 -19.03
N LEU D 452 -5.53 5.93 -17.84
CA LEU D 452 -6.80 5.27 -17.54
C LEU D 452 -7.93 5.75 -18.44
N ALA D 453 -7.90 7.02 -18.81
CA ALA D 453 -8.95 7.62 -19.66
C ALA D 453 -8.92 7.09 -21.07
N LYS D 454 -7.84 6.52 -21.55
CA LYS D 454 -7.79 5.85 -22.85
C LYS D 454 -8.53 4.52 -22.71
N GLY D 455 -8.42 3.92 -21.54
CA GLY D 455 -9.08 2.64 -21.25
C GLY D 455 -8.46 1.93 -20.04
N LYS D 456 -9.23 1.07 -19.39
CA LYS D 456 -8.74 0.18 -18.34
C LYS D 456 -7.58 -0.71 -18.75
N ALA D 457 -7.53 -1.15 -20.01
CA ALA D 457 -6.40 -1.90 -20.48
C ALA D 457 -5.13 -1.04 -20.66
N PHE D 458 -5.23 0.25 -20.73
CA PHE D 458 -4.06 1.11 -20.99
C PHE D 458 -3.52 1.73 -19.70
N GLU D 459 -4.24 1.58 -18.63
CA GLU D 459 -3.77 2.20 -17.37
C GLU D 459 -2.38 1.74 -16.95
N VAL D 460 -1.50 2.74 -16.66
CA VAL D 460 -0.21 2.49 -16.06
C VAL D 460 -0.22 3.01 -14.61
N PRO D 461 -0.29 2.15 -13.60
CA PRO D 461 -0.38 2.58 -12.22
C PRO D 461 0.90 3.24 -11.73
N LEU D 462 0.76 4.20 -10.87
CA LEU D 462 1.98 4.82 -10.28
C LEU D 462 2.41 4.06 -9.04
N ILE D 463 3.69 3.90 -8.80
CA ILE D 463 4.24 3.46 -7.52
C ILE D 463 5.05 4.68 -7.02
N ARG D 464 4.75 5.17 -5.82
CA ARG D 464 5.32 6.38 -5.31
C ARG D 464 6.66 6.13 -4.64
N LEU D 465 7.69 6.61 -5.28
CA LEU D 465 9.06 6.46 -4.74
C LEU D 465 9.82 7.71 -5.20
N GLY D 466 10.15 8.61 -4.31
CA GLY D 466 10.85 9.83 -4.77
C GLY D 466 10.44 11.09 -4.02
N PHE D 467 10.54 12.25 -4.71
CA PHE D 467 10.17 13.51 -4.07
C PHE D 467 9.60 14.39 -5.16
N PRO D 468 8.55 15.15 -4.81
CA PRO D 468 7.86 15.10 -3.56
C PRO D 468 6.67 14.14 -3.51
N LEU D 469 6.29 13.72 -2.32
CA LEU D 469 5.13 12.82 -2.17
C LEU D 469 4.08 13.59 -1.38
N PHE D 470 3.17 14.21 -2.12
CA PHE D 470 2.20 15.10 -1.49
C PHE D 470 0.81 14.52 -1.25
N ASP D 471 0.45 13.43 -1.93
CA ASP D 471 -0.90 12.90 -1.82
C ASP D 471 -1.00 11.60 -1.07
N ARG D 472 0.05 11.23 -0.32
CA ARG D 472 -0.06 10.09 0.59
C ARG D 472 0.58 10.60 1.89
N HIS D 473 0.30 10.07 3.04
CA HIS D 473 0.92 10.59 4.26
C HIS D 473 2.05 9.72 4.76
N HIS D 474 3.06 10.39 5.35
CA HIS D 474 4.07 9.65 6.07
C HIS D 474 4.87 8.68 5.22
N LEU D 475 4.95 8.86 3.90
CA LEU D 475 5.88 8.04 3.14
C LEU D 475 7.32 8.62 3.30
N HIS D 476 7.45 9.89 3.71
CA HIS D 476 8.78 10.42 3.98
C HIS D 476 9.50 9.69 5.12
N ARG D 477 8.84 8.92 5.95
CA ARG D 477 9.41 8.21 7.08
C ARG D 477 10.03 6.87 6.64
N GLN D 478 9.88 6.51 5.35
CA GLN D 478 10.35 5.22 4.90
C GLN D 478 11.88 5.26 4.65
N THR D 479 12.36 4.06 4.47
CA THR D 479 13.78 3.86 4.07
C THR D 479 13.76 3.25 2.67
N THR D 480 14.69 3.65 1.85
CA THR D 480 14.92 3.08 0.52
C THR D 480 16.36 2.65 0.35
N TRP D 481 17.27 3.04 1.27
CA TRP D 481 18.69 2.63 1.14
C TRP D 481 19.02 1.46 2.03
N GLY D 482 20.18 0.82 1.83
CA GLY D 482 20.61 -0.36 2.57
C GLY D 482 19.66 -1.55 2.36
N TYR D 483 19.92 -2.61 3.17
CA TYR D 483 19.10 -3.84 2.96
C TYR D 483 17.71 -3.58 3.49
N GLU D 484 17.59 -2.70 4.53
CA GLU D 484 16.25 -2.41 5.07
C GLU D 484 15.37 -1.77 4.02
N GLY D 485 15.97 -0.78 3.36
CA GLY D 485 15.40 -0.08 2.23
C GLY D 485 15.08 -0.93 1.02
N ALA D 486 15.97 -1.86 0.72
CA ALA D 486 15.73 -2.78 -0.41
C ALA D 486 14.52 -3.68 -0.08
N MET D 487 14.43 -4.14 1.19
CA MET D 487 13.19 -4.84 1.56
C MET D 487 11.90 -4.03 1.35
N ASN D 488 11.89 -2.78 1.80
CA ASN D 488 10.77 -1.87 1.49
C ASN D 488 10.50 -1.82 -0.01
N ILE D 489 11.56 -1.58 -0.81
CA ILE D 489 11.34 -1.51 -2.26
C ILE D 489 10.72 -2.83 -2.81
N VAL D 490 11.35 -3.96 -2.44
CA VAL D 490 10.84 -5.23 -3.00
C VAL D 490 9.36 -5.39 -2.62
N THR D 491 9.09 -5.26 -1.36
CA THR D 491 7.72 -5.26 -0.82
C THR D 491 6.76 -4.32 -1.52
N THR D 492 7.11 -3.06 -1.78
CA THR D 492 6.27 -2.16 -2.56
C THR D 492 6.11 -2.65 -4.01
N LEU D 493 7.15 -3.15 -4.61
CA LEU D 493 6.96 -3.56 -6.04
C LEU D 493 6.06 -4.78 -6.12
N VAL D 494 6.35 -5.81 -5.29
CA VAL D 494 5.51 -7.03 -5.52
C VAL D 494 4.07 -6.83 -5.06
N ASN D 495 3.86 -5.99 -4.03
CA ASN D 495 2.44 -5.78 -3.66
C ASN D 495 1.71 -4.85 -4.59
N ALA D 496 2.46 -4.01 -5.32
CA ALA D 496 1.85 -3.26 -6.42
C ALA D 496 1.36 -4.19 -7.55
N VAL D 497 2.17 -5.17 -7.87
CA VAL D 497 1.82 -6.15 -8.87
C VAL D 497 0.55 -6.90 -8.41
N LEU D 498 0.56 -7.36 -7.18
CA LEU D 498 -0.58 -8.15 -6.68
C LEU D 498 -1.84 -7.34 -6.53
N GLU D 499 -1.72 -6.06 -6.14
CA GLU D 499 -2.95 -5.26 -5.99
C GLU D 499 -3.56 -5.06 -7.40
N LYS D 500 -2.66 -4.82 -8.32
CA LYS D 500 -3.21 -4.61 -9.71
C LYS D 500 -3.81 -5.91 -10.24
N LEU D 501 -3.16 -7.03 -10.04
CA LEU D 501 -3.77 -8.30 -10.46
C LEU D 501 -5.08 -8.60 -9.76
N ASP D 502 -5.18 -8.39 -8.44
CA ASP D 502 -6.50 -8.57 -7.79
C ASP D 502 -7.58 -7.67 -8.33
N SER D 503 -7.22 -6.40 -8.60
CA SER D 503 -8.22 -5.51 -9.22
C SER D 503 -8.66 -6.06 -10.55
N ASP D 504 -7.69 -6.35 -11.46
CA ASP D 504 -8.02 -6.90 -12.75
C ASP D 504 -8.91 -8.18 -12.63
N THR D 505 -8.76 -9.07 -11.67
CA THR D 505 -9.50 -10.33 -11.57
C THR D 505 -10.68 -10.24 -10.62
N SER D 506 -11.08 -9.04 -10.19
CA SER D 506 -12.15 -9.01 -9.19
C SER D 506 -13.55 -8.76 -9.77
N GLN D 507 -13.77 -9.06 -11.02
CA GLN D 507 -15.13 -8.83 -11.61
C GLN D 507 -15.91 -10.14 -11.50
N LEU D 508 -16.86 -10.13 -10.55
CA LEU D 508 -17.68 -11.30 -10.20
C LEU D 508 -18.32 -11.95 -11.42
N GLY D 509 -17.99 -13.21 -11.68
CA GLY D 509 -18.53 -13.91 -12.84
C GLY D 509 -17.81 -13.73 -14.13
N LYS D 510 -16.81 -12.86 -14.19
CA LYS D 510 -16.13 -12.54 -15.44
C LYS D 510 -14.62 -12.83 -15.38
N THR D 511 -13.86 -12.07 -14.57
CA THR D 511 -12.41 -12.37 -14.50
C THR D 511 -12.05 -13.00 -13.16
N ASP D 512 -12.97 -13.32 -12.24
CA ASP D 512 -12.64 -13.87 -10.94
C ASP D 512 -12.39 -15.38 -10.95
N TYR D 513 -12.22 -16.00 -12.16
CA TYR D 513 -11.69 -17.35 -12.13
C TYR D 513 -10.22 -17.31 -11.64
N SER D 514 -9.57 -16.14 -11.81
CA SER D 514 -8.19 -16.03 -11.37
C SER D 514 -7.99 -15.08 -10.20
N PHE D 515 -9.06 -14.89 -9.40
CA PHE D 515 -9.05 -14.11 -8.17
C PHE D 515 -8.52 -14.98 -7.01
N ASP D 516 -7.28 -15.50 -7.08
CA ASP D 516 -6.88 -16.55 -6.19
C ASP D 516 -6.73 -16.05 -4.73
N LEU D 517 -6.88 -17.01 -3.84
CA LEU D 517 -6.74 -16.63 -2.41
C LEU D 517 -5.23 -16.58 -2.10
N VAL D 518 -4.48 -17.45 -2.66
CA VAL D 518 -3.06 -17.57 -2.37
C VAL D 518 -2.27 -16.98 -3.53
N ARG D 519 -1.33 -16.07 -3.22
CA ARG D 519 -0.40 -15.58 -4.26
C ARG D 519 1.06 -15.67 -3.73
C1 CIT E . -3.17 -31.93 -1.50
O1 CIT E . -3.77 -31.97 -0.41
O2 CIT E . -2.57 -32.91 -2.01
C2 CIT E . -3.21 -30.65 -2.29
C3 CIT E . -1.87 -30.18 -2.85
O7 CIT E . -1.23 -31.39 -3.36
C4 CIT E . -0.90 -29.61 -1.80
C5 CIT E . 0.51 -29.47 -2.23
O3 CIT E . 1.49 -30.06 -1.79
O4 CIT E . 0.78 -28.67 -3.16
C6 CIT E . -2.10 -29.23 -3.98
O5 CIT E . -1.72 -29.62 -5.13
O6 CIT E . -2.68 -28.15 -3.74
FE1 CFM F . -3.86 -36.64 -9.90
FE2 CFM F . -3.65 -35.84 -7.36
FE3 CFM F . -3.83 -34.03 -9.28
FE4 CFM F . -1.63 -35.47 -9.03
FE5 CFM F . -0.63 -33.72 -7.39
FE6 CFM F . -2.67 -34.11 -5.82
FE7 CFM F . -2.84 -32.30 -7.61
MO1 CFM F . -1.23 -31.84 -5.57
S1A CFM F . -2.42 -37.52 -8.36
S4A CFM F . -2.74 -34.98 -10.94
S3A CFM F . 0.50 -35.10 -8.69
S2A CFM F . -5.42 -35.56 -8.69
S1B CFM F . -0.57 -34.07 -5.19
S2B CFM F . -3.93 -35.86 -5.20
S3B CFM F . -3.57 -32.12 -5.55
S4B CFM F . -0.75 -31.51 -7.81
S5 CFM F . -4.20 -31.81 -9.33
MG MG G . -21.58 -20.20 -15.51
MG MG H . -15.86 21.54 -19.72
FE1 CLF I . -8.69 -35.75 9.84
FE2 CLF I . -6.80 -34.00 9.76
FE3 CLF I . -7.72 -35.07 7.32
FE4 CLF I . -9.15 -33.36 8.85
S1 CLF I . -8.78 -33.77 11.26
S2A CLF I . -6.57 -36.22 9.00
S4A CLF I . -7.22 -32.86 7.83
S3A CLF I . -9.97 -35.35 7.93
FE5 CLF I . -9.18 -31.36 10.88
FE6 CLF I . -9.21 -32.36 13.26
FE7 CLF I . -8.03 -29.77 12.94
FE8 CLF I . -7.04 -32.21 11.98
S2B CLF I . -10.27 -30.36 12.70
S3B CLF I . -7.24 -31.60 14.28
S4B CLF I . -7.12 -30.23 10.85
CL CL J . -12.68 -14.52 24.17
MG MG K . 4.37 16.19 11.16
MG MG L . 10.75 -16.68 2.90
C1 CIT M . -0.34 31.99 -1.89
O1 CIT M . 0.57 32.06 -2.76
O2 CIT M . -0.74 32.90 -1.16
C2 CIT M . -1.00 30.66 -1.77
C3 CIT M . -1.79 30.36 -0.49
O7 CIT M . -2.25 31.54 0.16
C4 CIT M . -0.93 29.47 0.38
C5 CIT M . -1.23 29.13 1.77
O3 CIT M . -0.82 29.87 2.68
O4 CIT M . -1.85 28.10 2.09
C6 CIT M . -2.98 29.49 -0.80
O5 CIT M . -4.07 29.89 -0.34
O6 CIT M . -2.80 28.46 -1.47
FE1 CFM N . -8.78 37.10 -1.95
FE2 CFM N . -6.28 36.18 -1.89
FE3 CFM N . -8.24 34.47 -2.04
FE4 CFM N . -7.81 35.84 0.23
FE5 CFM N . -6.14 33.98 0.97
FE6 CFM N . -4.67 34.38 -1.09
FE7 CFM N . -6.60 32.60 -1.23
MO1 CFM N . -4.44 32.06 0.23
S1A CFM N . -7.12 37.89 -0.61
S4A CFM N . -9.79 35.43 -0.80
S3A CFM N . -7.43 35.28 2.27
S2A CFM N . -7.74 36.01 -3.59
S1B CFM N . -3.90 34.25 0.99
S2B CFM N . -4.14 36.14 -2.35
S3B CFM N . -4.55 32.39 -2.14
S4B CFM N . -6.65 31.77 0.82
S5 CFM N . -8.39 32.24 -2.45
CL CL O . 23.81 14.18 -13.68
FE1 CLF P . 10.59 35.73 -8.03
FE2 CLF P . 10.58 33.90 -6.23
FE3 CLF P . 8.12 35.03 -6.96
FE4 CLF P . 9.49 33.34 -8.52
S1 CLF P . 11.91 33.66 -8.31
S2A CLF P . 9.92 36.09 -5.83
S4A CLF P . 8.62 32.80 -6.56
S3A CLF P . 8.61 35.40 -9.16
FE5 CLF P . 11.44 31.31 -8.81
FE6 CLF P . 13.86 32.21 -8.93
FE7 CLF P . 13.51 29.63 -7.79
FE8 CLF P . 12.74 32.04 -6.71
S2B CLF P . 13.09 30.25 -10.04
S3B CLF P . 14.96 31.37 -7.03
S4B CLF P . 11.45 30.11 -6.79
#